data_2MCM
# 
_entry.id   2MCM 
# 
_audit_conform.dict_name       mmcif_pdbx.dic 
_audit_conform.dict_version    5.397 
_audit_conform.dict_location   http://mmcif.pdb.org/dictionaries/ascii/mmcif_pdbx.dic 
# 
loop_
_database_2.database_id 
_database_2.database_code 
_database_2.pdbx_database_accession 
_database_2.pdbx_DOI 
PDB   2MCM         pdb_00002mcm 10.2210/pdb2mcm/pdb 
WWPDB D_1000178338 ?            ?                   
# 
loop_
_pdbx_audit_revision_history.ordinal 
_pdbx_audit_revision_history.data_content_type 
_pdbx_audit_revision_history.major_revision 
_pdbx_audit_revision_history.minor_revision 
_pdbx_audit_revision_history.revision_date 
1 'Structure model' 1 0 1993-01-15 
2 'Structure model' 1 1 2008-03-03 
3 'Structure model' 1 2 2011-07-13 
4 'Structure model' 1 3 2017-11-29 
5 'Structure model' 1 4 2024-10-30 
# 
_pdbx_audit_revision_details.ordinal             1 
_pdbx_audit_revision_details.revision_ordinal    1 
_pdbx_audit_revision_details.data_content_type   'Structure model' 
_pdbx_audit_revision_details.provider            repository 
_pdbx_audit_revision_details.type                'Initial release' 
_pdbx_audit_revision_details.description         ? 
_pdbx_audit_revision_details.details             ? 
# 
loop_
_pdbx_audit_revision_group.ordinal 
_pdbx_audit_revision_group.revision_ordinal 
_pdbx_audit_revision_group.data_content_type 
_pdbx_audit_revision_group.group 
1 2 'Structure model' 'Version format compliance' 
2 3 'Structure model' 'Version format compliance' 
3 4 'Structure model' 'Derived calculations'      
4 4 'Structure model' Other                       
5 5 'Structure model' 'Data collection'           
6 5 'Structure model' 'Database references'       
7 5 'Structure model' 'Derived calculations'      
8 5 'Structure model' 'Structure summary'         
# 
loop_
_pdbx_audit_revision_category.ordinal 
_pdbx_audit_revision_category.revision_ordinal 
_pdbx_audit_revision_category.data_content_type 
_pdbx_audit_revision_category.category 
1  4 'Structure model' pdbx_database_status      
2  4 'Structure model' struct_conf               
3  5 'Structure model' chem_comp_atom            
4  5 'Structure model' chem_comp_bond            
5  5 'Structure model' database_2                
6  5 'Structure model' pdbx_entry_details        
7  5 'Structure model' pdbx_modification_feature 
8  5 'Structure model' pdbx_struct_conn_angle    
9  5 'Structure model' struct_conn               
10 5 'Structure model' struct_ref_seq_dif        
11 5 'Structure model' struct_site               
# 
loop_
_pdbx_audit_revision_item.ordinal 
_pdbx_audit_revision_item.revision_ordinal 
_pdbx_audit_revision_item.data_content_type 
_pdbx_audit_revision_item.item 
1  4 'Structure model' '_pdbx_database_status.process_site'           
2  5 'Structure model' '_database_2.pdbx_DOI'                         
3  5 'Structure model' '_database_2.pdbx_database_accession'          
4  5 'Structure model' '_pdbx_entry_details.has_protein_modification' 
5  5 'Structure model' '_pdbx_struct_conn_angle.ptnr1_auth_comp_id'   
6  5 'Structure model' '_pdbx_struct_conn_angle.ptnr1_auth_seq_id'    
7  5 'Structure model' '_pdbx_struct_conn_angle.ptnr1_label_alt_id'   
8  5 'Structure model' '_pdbx_struct_conn_angle.ptnr1_label_asym_id'  
9  5 'Structure model' '_pdbx_struct_conn_angle.ptnr1_label_atom_id'  
10 5 'Structure model' '_pdbx_struct_conn_angle.ptnr1_label_comp_id'  
11 5 'Structure model' '_pdbx_struct_conn_angle.ptnr1_label_seq_id'   
12 5 'Structure model' '_pdbx_struct_conn_angle.ptnr3_auth_comp_id'   
13 5 'Structure model' '_pdbx_struct_conn_angle.ptnr3_auth_seq_id'    
14 5 'Structure model' '_pdbx_struct_conn_angle.ptnr3_label_alt_id'   
15 5 'Structure model' '_pdbx_struct_conn_angle.ptnr3_label_asym_id'  
16 5 'Structure model' '_pdbx_struct_conn_angle.ptnr3_label_atom_id'  
17 5 'Structure model' '_pdbx_struct_conn_angle.ptnr3_label_comp_id'  
18 5 'Structure model' '_pdbx_struct_conn_angle.ptnr3_label_seq_id'   
19 5 'Structure model' '_pdbx_struct_conn_angle.value'                
20 5 'Structure model' '_struct_conn.pdbx_dist_value'                 
21 5 'Structure model' '_struct_conn.pdbx_ptnr2_label_alt_id'         
22 5 'Structure model' '_struct_conn.ptnr1_auth_comp_id'              
23 5 'Structure model' '_struct_conn.ptnr1_auth_seq_id'               
24 5 'Structure model' '_struct_conn.ptnr1_label_asym_id'             
25 5 'Structure model' '_struct_conn.ptnr1_label_atom_id'             
26 5 'Structure model' '_struct_conn.ptnr1_label_comp_id'             
27 5 'Structure model' '_struct_conn.ptnr1_label_seq_id'              
28 5 'Structure model' '_struct_conn.ptnr2_auth_comp_id'              
29 5 'Structure model' '_struct_conn.ptnr2_auth_seq_id'               
30 5 'Structure model' '_struct_conn.ptnr2_label_asym_id'             
31 5 'Structure model' '_struct_conn.ptnr2_label_atom_id'             
32 5 'Structure model' '_struct_conn.ptnr2_label_comp_id'             
33 5 'Structure model' '_struct_conn.ptnr2_label_seq_id'              
34 5 'Structure model' '_struct_ref_seq_dif.details'                  
35 5 'Structure model' '_struct_site.pdbx_auth_asym_id'               
36 5 'Structure model' '_struct_site.pdbx_auth_comp_id'               
37 5 'Structure model' '_struct_site.pdbx_auth_seq_id'                
# 
_pdbx_database_status.status_code                     REL 
_pdbx_database_status.entry_id                        2MCM 
_pdbx_database_status.recvd_initial_deposition_date   1991-05-08 
_pdbx_database_status.deposit_site                    ? 
_pdbx_database_status.process_site                    BNL 
_pdbx_database_status.status_code_sf                  REL 
_pdbx_database_status.status_code_mr                  ? 
_pdbx_database_status.SG_entry                        ? 
_pdbx_database_status.status_code_cs                  ? 
_pdbx_database_status.pdb_format_compatible           Y 
_pdbx_database_status.methods_development_category    ? 
_pdbx_database_status.status_code_nmr_data            ? 
# 
_audit_author.name           'Van Roey, P.' 
_audit_author.pdbx_ordinal   1 
# 
_citation.id                        primary 
_citation.title                     
;Crystal structure analysis of auromomycin apoprotein (macromomycin) shows importance of protein side chains to chromophore binding selectivity.
;
_citation.journal_abbrev            Proc.Natl.Acad.Sci.Usa 
_citation.journal_volume            86 
_citation.page_first                6587 
_citation.page_last                 6591 
_citation.year                      1989 
_citation.journal_id_ASTM           PNASA6 
_citation.country                   US 
_citation.journal_id_ISSN           0027-8424 
_citation.journal_id_CSD            0040 
_citation.book_publisher            ? 
_citation.pdbx_database_id_PubMed   2771945 
_citation.pdbx_database_id_DOI      10.1073/pnas.86.17.6587 
# 
loop_
_citation_author.citation_id 
_citation_author.name 
_citation_author.ordinal 
_citation_author.identifier_ORCID 
primary 'Van Roey, P.'  1 ? 
primary 'Beerman, T.A.' 2 ? 
# 
loop_
_entity.id 
_entity.type 
_entity.src_method 
_entity.pdbx_description 
_entity.formula_weight 
_entity.pdbx_number_of_molecules 
_entity.pdbx_ec 
_entity.pdbx_mutation 
_entity.pdbx_fragment 
_entity.details 
1 polymer     man MACROMOMYCIN                    10755.872 1   ? ? ? ? 
2 non-polymer syn 'CALCIUM ION'                   40.078    1   ? ? ? ? 
3 non-polymer syn '(4R)-2-METHYLPENTANE-2,4-DIOL' 118.174   2   ? ? ? ? 
4 non-polymer syn '(4S)-2-METHYL-2,4-PENTANEDIOL' 118.174   1   ? ? ? ? 
5 water       nat water                           18.015    109 ? ? ? ? 
# 
_entity_poly.entity_id                      1 
_entity_poly.type                           'polypeptide(L)' 
_entity_poly.nstd_linkage                   no 
_entity_poly.nstd_monomer                   no 
_entity_poly.pdbx_seq_one_letter_code       
;APGVTVTPATGLSNGQTVTVSATGLTPGTVYHVGQCAVVEPGVIGCDATTSTDVTADAAGKITAQLKVHSSFQAVVGADG
TPWGTVNCKVVSCSAGLGSDSGEGAAQAITFA
;
_entity_poly.pdbx_seq_one_letter_code_can   
;APGVTVTPATGLSNGQTVTVSATGLTPGTVYHVGQCAVVEPGVIGCDATTSTDVTADAAGKITAQLKVHSSFQAVVGADG
TPWGTVNCKVVSCSAGLGSDSGEGAAQAITFA
;
_entity_poly.pdbx_strand_id                 A 
_entity_poly.pdbx_target_identifier         ? 
# 
loop_
_pdbx_entity_nonpoly.entity_id 
_pdbx_entity_nonpoly.name 
_pdbx_entity_nonpoly.comp_id 
2 'CALCIUM ION'                   CA  
3 '(4R)-2-METHYLPENTANE-2,4-DIOL' MRD 
4 '(4S)-2-METHYL-2,4-PENTANEDIOL' MPD 
5 water                           HOH 
# 
loop_
_entity_poly_seq.entity_id 
_entity_poly_seq.num 
_entity_poly_seq.mon_id 
_entity_poly_seq.hetero 
1 1   ALA n 
1 2   PRO n 
1 3   GLY n 
1 4   VAL n 
1 5   THR n 
1 6   VAL n 
1 7   THR n 
1 8   PRO n 
1 9   ALA n 
1 10  THR n 
1 11  GLY n 
1 12  LEU n 
1 13  SER n 
1 14  ASN n 
1 15  GLY n 
1 16  GLN n 
1 17  THR n 
1 18  VAL n 
1 19  THR n 
1 20  VAL n 
1 21  SER n 
1 22  ALA n 
1 23  THR n 
1 24  GLY n 
1 25  LEU n 
1 26  THR n 
1 27  PRO n 
1 28  GLY n 
1 29  THR n 
1 30  VAL n 
1 31  TYR n 
1 32  HIS n 
1 33  VAL n 
1 34  GLY n 
1 35  GLN n 
1 36  CYS n 
1 37  ALA n 
1 38  VAL n 
1 39  VAL n 
1 40  GLU n 
1 41  PRO n 
1 42  GLY n 
1 43  VAL n 
1 44  ILE n 
1 45  GLY n 
1 46  CYS n 
1 47  ASP n 
1 48  ALA n 
1 49  THR n 
1 50  THR n 
1 51  SER n 
1 52  THR n 
1 53  ASP n 
1 54  VAL n 
1 55  THR n 
1 56  ALA n 
1 57  ASP n 
1 58  ALA n 
1 59  ALA n 
1 60  GLY n 
1 61  LYS n 
1 62  ILE n 
1 63  THR n 
1 64  ALA n 
1 65  GLN n 
1 66  LEU n 
1 67  LYS n 
1 68  VAL n 
1 69  HIS n 
1 70  SER n 
1 71  SER n 
1 72  PHE n 
1 73  GLN n 
1 74  ALA n 
1 75  VAL n 
1 76  VAL n 
1 77  GLY n 
1 78  ALA n 
1 79  ASP n 
1 80  GLY n 
1 81  THR n 
1 82  PRO n 
1 83  TRP n 
1 84  GLY n 
1 85  THR n 
1 86  VAL n 
1 87  ASN n 
1 88  CYS n 
1 89  LYS n 
1 90  VAL n 
1 91  VAL n 
1 92  SER n 
1 93  CYS n 
1 94  SER n 
1 95  ALA n 
1 96  GLY n 
1 97  LEU n 
1 98  GLY n 
1 99  SER n 
1 100 ASP n 
1 101 SER n 
1 102 GLY n 
1 103 GLU n 
1 104 GLY n 
1 105 ALA n 
1 106 ALA n 
1 107 GLN n 
1 108 ALA n 
1 109 ILE n 
1 110 THR n 
1 111 PHE n 
1 112 ALA n 
# 
_entity_src_gen.entity_id                          1 
_entity_src_gen.pdbx_src_id                        1 
_entity_src_gen.pdbx_alt_source_flag               sample 
_entity_src_gen.pdbx_seq_type                      ? 
_entity_src_gen.pdbx_beg_seq_num                   ? 
_entity_src_gen.pdbx_end_seq_num                   ? 
_entity_src_gen.gene_src_common_name               ? 
_entity_src_gen.gene_src_genus                     Streptomyces 
_entity_src_gen.pdbx_gene_src_gene                 ? 
_entity_src_gen.gene_src_species                   ? 
_entity_src_gen.gene_src_strain                    ? 
_entity_src_gen.gene_src_tissue                    ? 
_entity_src_gen.gene_src_tissue_fraction           ? 
_entity_src_gen.gene_src_details                   ? 
_entity_src_gen.pdbx_gene_src_fragment             ? 
_entity_src_gen.pdbx_gene_src_scientific_name      'Streptomyces macromomyceticus' 
_entity_src_gen.pdbx_gene_src_ncbi_taxonomy_id     1917 
_entity_src_gen.pdbx_gene_src_variant              ? 
_entity_src_gen.pdbx_gene_src_cell_line            ? 
_entity_src_gen.pdbx_gene_src_atcc                 ? 
_entity_src_gen.pdbx_gene_src_organ                ? 
_entity_src_gen.pdbx_gene_src_organelle            ? 
_entity_src_gen.pdbx_gene_src_cell                 ? 
_entity_src_gen.pdbx_gene_src_cellular_location    ? 
_entity_src_gen.host_org_common_name               ? 
_entity_src_gen.pdbx_host_org_scientific_name      ? 
_entity_src_gen.pdbx_host_org_ncbi_taxonomy_id     ? 
_entity_src_gen.host_org_genus                     ? 
_entity_src_gen.pdbx_host_org_gene                 ? 
_entity_src_gen.pdbx_host_org_organ                ? 
_entity_src_gen.host_org_species                   ? 
_entity_src_gen.pdbx_host_org_tissue               ? 
_entity_src_gen.pdbx_host_org_tissue_fraction      ? 
_entity_src_gen.pdbx_host_org_strain               ? 
_entity_src_gen.pdbx_host_org_variant              ? 
_entity_src_gen.pdbx_host_org_cell_line            ? 
_entity_src_gen.pdbx_host_org_atcc                 ? 
_entity_src_gen.pdbx_host_org_culture_collection   ? 
_entity_src_gen.pdbx_host_org_cell                 ? 
_entity_src_gen.pdbx_host_org_organelle            ? 
_entity_src_gen.pdbx_host_org_cellular_location    ? 
_entity_src_gen.pdbx_host_org_vector_type          ? 
_entity_src_gen.pdbx_host_org_vector               ? 
_entity_src_gen.host_org_details                   ? 
_entity_src_gen.expression_system_id               ? 
_entity_src_gen.plasmid_name                       ? 
_entity_src_gen.plasmid_details                    ? 
_entity_src_gen.pdbx_description                   ? 
# 
loop_
_chem_comp.id 
_chem_comp.type 
_chem_comp.mon_nstd_flag 
_chem_comp.name 
_chem_comp.pdbx_synonyms 
_chem_comp.formula 
_chem_comp.formula_weight 
ALA 'L-peptide linking' y ALANINE                         ? 'C3 H7 N O2'     89.093  
ASN 'L-peptide linking' y ASPARAGINE                      ? 'C4 H8 N2 O3'    132.118 
ASP 'L-peptide linking' y 'ASPARTIC ACID'                 ? 'C4 H7 N O4'     133.103 
CA  non-polymer         . 'CALCIUM ION'                   ? 'Ca 2'           40.078  
CYS 'L-peptide linking' y CYSTEINE                        ? 'C3 H7 N O2 S'   121.158 
GLN 'L-peptide linking' y GLUTAMINE                       ? 'C5 H10 N2 O3'   146.144 
GLU 'L-peptide linking' y 'GLUTAMIC ACID'                 ? 'C5 H9 N O4'     147.129 
GLY 'peptide linking'   y GLYCINE                         ? 'C2 H5 N O2'     75.067  
HIS 'L-peptide linking' y HISTIDINE                       ? 'C6 H10 N3 O2 1' 156.162 
HOH non-polymer         . WATER                           ? 'H2 O'           18.015  
ILE 'L-peptide linking' y ISOLEUCINE                      ? 'C6 H13 N O2'    131.173 
LEU 'L-peptide linking' y LEUCINE                         ? 'C6 H13 N O2'    131.173 
LYS 'L-peptide linking' y LYSINE                          ? 'C6 H15 N2 O2 1' 147.195 
MPD non-polymer         . '(4S)-2-METHYL-2,4-PENTANEDIOL' ? 'C6 H14 O2'      118.174 
MRD non-polymer         . '(4R)-2-METHYLPENTANE-2,4-DIOL' ? 'C6 H14 O2'      118.174 
PHE 'L-peptide linking' y PHENYLALANINE                   ? 'C9 H11 N O2'    165.189 
PRO 'L-peptide linking' y PROLINE                         ? 'C5 H9 N O2'     115.130 
SER 'L-peptide linking' y SERINE                          ? 'C3 H7 N O3'     105.093 
THR 'L-peptide linking' y THREONINE                       ? 'C4 H9 N O3'     119.119 
TRP 'L-peptide linking' y TRYPTOPHAN                      ? 'C11 H12 N2 O2'  204.225 
TYR 'L-peptide linking' y TYROSINE                        ? 'C9 H11 N O3'    181.189 
VAL 'L-peptide linking' y VALINE                          ? 'C5 H11 N O2'    117.146 
# 
loop_
_pdbx_poly_seq_scheme.asym_id 
_pdbx_poly_seq_scheme.entity_id 
_pdbx_poly_seq_scheme.seq_id 
_pdbx_poly_seq_scheme.mon_id 
_pdbx_poly_seq_scheme.ndb_seq_num 
_pdbx_poly_seq_scheme.pdb_seq_num 
_pdbx_poly_seq_scheme.auth_seq_num 
_pdbx_poly_seq_scheme.pdb_mon_id 
_pdbx_poly_seq_scheme.auth_mon_id 
_pdbx_poly_seq_scheme.pdb_strand_id 
_pdbx_poly_seq_scheme.pdb_ins_code 
_pdbx_poly_seq_scheme.hetero 
A 1 1   ALA 1   1   1   ALA ALA A . n 
A 1 2   PRO 2   2   2   PRO PRO A . n 
A 1 3   GLY 3   3   3   GLY GLY A . n 
A 1 4   VAL 4   4   4   VAL VAL A . n 
A 1 5   THR 5   5   5   THR THR A . n 
A 1 6   VAL 6   6   6   VAL VAL A . n 
A 1 7   THR 7   7   7   THR THR A . n 
A 1 8   PRO 8   8   8   PRO PRO A . n 
A 1 9   ALA 9   9   9   ALA ALA A . n 
A 1 10  THR 10  10  10  THR THR A . n 
A 1 11  GLY 11  11  11  GLY GLY A . n 
A 1 12  LEU 12  12  12  LEU LEU A . n 
A 1 13  SER 13  13  13  SER SER A . n 
A 1 14  ASN 14  14  14  ASN ASN A . n 
A 1 15  GLY 15  15  15  GLY GLY A . n 
A 1 16  GLN 16  16  16  GLN GLN A . n 
A 1 17  THR 17  17  17  THR THR A . n 
A 1 18  VAL 18  18  18  VAL VAL A . n 
A 1 19  THR 19  19  19  THR THR A . n 
A 1 20  VAL 20  20  20  VAL VAL A . n 
A 1 21  SER 21  21  21  SER SER A . n 
A 1 22  ALA 22  22  22  ALA ALA A . n 
A 1 23  THR 23  23  23  THR THR A . n 
A 1 24  GLY 24  24  24  GLY GLY A . n 
A 1 25  LEU 25  25  25  LEU LEU A . n 
A 1 26  THR 26  26  26  THR THR A . n 
A 1 27  PRO 27  27  27  PRO PRO A . n 
A 1 28  GLY 28  28  28  GLY GLY A . n 
A 1 29  THR 29  29  29  THR THR A . n 
A 1 30  VAL 30  30  30  VAL VAL A . n 
A 1 31  TYR 31  31  31  TYR TYR A . n 
A 1 32  HIS 32  32  32  HIS HIS A . n 
A 1 33  VAL 33  33  33  VAL VAL A . n 
A 1 34  GLY 34  34  34  GLY GLY A . n 
A 1 35  GLN 35  35  35  GLN GLN A . n 
A 1 36  CYS 36  36  36  CYS CYS A . n 
A 1 37  ALA 37  37  37  ALA ALA A . n 
A 1 38  VAL 38  38  38  VAL VAL A . n 
A 1 39  VAL 39  39  39  VAL VAL A . n 
A 1 40  GLU 40  40  40  GLU GLU A . n 
A 1 41  PRO 41  41  41  PRO PRO A . n 
A 1 42  GLY 42  42  42  GLY GLY A . n 
A 1 43  VAL 43  43  43  VAL VAL A . n 
A 1 44  ILE 44  44  44  ILE ILE A . n 
A 1 45  GLY 45  45  45  GLY GLY A . n 
A 1 46  CYS 46  46  46  CYS CYS A . n 
A 1 47  ASP 47  47  47  ASP ASP A . n 
A 1 48  ALA 48  48  48  ALA ALA A . n 
A 1 49  THR 49  49  49  THR THR A . n 
A 1 50  THR 50  50  50  THR THR A . n 
A 1 51  SER 51  51  51  SER SER A . n 
A 1 52  THR 52  52  52  THR THR A . n 
A 1 53  ASP 53  53  53  ASP ASP A . n 
A 1 54  VAL 54  54  54  VAL VAL A . n 
A 1 55  THR 55  55  55  THR THR A . n 
A 1 56  ALA 56  56  56  ALA ALA A . n 
A 1 57  ASP 57  57  57  ASP ASP A . n 
A 1 58  ALA 58  58  58  ALA ALA A . n 
A 1 59  ALA 59  59  59  ALA ALA A . n 
A 1 60  GLY 60  60  60  GLY GLY A . n 
A 1 61  LYS 61  61  61  LYS LYS A . n 
A 1 62  ILE 62  62  62  ILE ILE A . n 
A 1 63  THR 63  63  63  THR THR A . n 
A 1 64  ALA 64  64  64  ALA ALA A . n 
A 1 65  GLN 65  65  65  GLN GLN A . n 
A 1 66  LEU 66  66  66  LEU LEU A . n 
A 1 67  LYS 67  67  67  LYS LYS A . n 
A 1 68  VAL 68  68  68  VAL VAL A . n 
A 1 69  HIS 69  69  69  HIS HIS A . n 
A 1 70  SER 70  70  70  SER SER A . n 
A 1 71  SER 71  71  71  SER SER A . n 
A 1 72  PHE 72  72  72  PHE PHE A . n 
A 1 73  GLN 73  73  73  GLN GLN A . n 
A 1 74  ALA 74  74  74  ALA ALA A . n 
A 1 75  VAL 75  75  75  VAL VAL A . n 
A 1 76  VAL 76  76  76  VAL VAL A . n 
A 1 77  GLY 77  77  77  GLY GLY A . n 
A 1 78  ALA 78  78  78  ALA ALA A . n 
A 1 79  ASP 79  79  79  ASP ASP A . n 
A 1 80  GLY 80  80  80  GLY GLY A . n 
A 1 81  THR 81  81  81  THR THR A . n 
A 1 82  PRO 82  82  82  PRO PRO A . n 
A 1 83  TRP 83  83  83  TRP TRP A . n 
A 1 84  GLY 84  84  84  GLY GLY A . n 
A 1 85  THR 85  85  85  THR THR A . n 
A 1 86  VAL 86  86  86  VAL VAL A . n 
A 1 87  ASN 87  87  87  ASN ASN A . n 
A 1 88  CYS 88  88  88  CYS CYS A . n 
A 1 89  LYS 89  89  89  LYS LYS A . n 
A 1 90  VAL 90  90  90  VAL VAL A . n 
A 1 91  VAL 91  91  91  VAL VAL A . n 
A 1 92  SER 92  92  92  SER SER A . n 
A 1 93  CYS 93  93  93  CYS CYS A . n 
A 1 94  SER 94  94  94  SER SER A . n 
A 1 95  ALA 95  95  95  ALA ALA A . n 
A 1 96  GLY 96  96  96  GLY GLY A . n 
A 1 97  LEU 97  97  97  LEU LEU A . n 
A 1 98  GLY 98  98  98  GLY GLY A . n 
A 1 99  SER 99  99  99  SER SER A . n 
A 1 100 ASP 100 100 100 ASP ASP A . n 
A 1 101 SER 101 101 101 SER SER A . n 
A 1 102 GLY 102 102 102 GLY GLY A . n 
A 1 103 GLU 103 103 103 GLU GLU A . n 
A 1 104 GLY 104 104 104 GLY GLY A . n 
A 1 105 ALA 105 105 105 ALA ALA A . n 
A 1 106 ALA 106 106 106 ALA ALA A . n 
A 1 107 GLN 107 107 107 GLN GLN A . n 
A 1 108 ALA 108 108 108 ALA ALA A . n 
A 1 109 ILE 109 109 109 ILE ILE A . n 
A 1 110 THR 110 110 110 THR THR A . n 
A 1 111 PHE 111 111 111 PHE PHE A . n 
A 1 112 ALA 112 112 112 ALA ALA A . n 
# 
loop_
_pdbx_nonpoly_scheme.asym_id 
_pdbx_nonpoly_scheme.entity_id 
_pdbx_nonpoly_scheme.mon_id 
_pdbx_nonpoly_scheme.ndb_seq_num 
_pdbx_nonpoly_scheme.pdb_seq_num 
_pdbx_nonpoly_scheme.auth_seq_num 
_pdbx_nonpoly_scheme.pdb_mon_id 
_pdbx_nonpoly_scheme.auth_mon_id 
_pdbx_nonpoly_scheme.pdb_strand_id 
_pdbx_nonpoly_scheme.pdb_ins_code 
B 2 CA  1   163 163 CA  CA  A . 
C 3 MRD 1   113 113 MRD MPD A . 
D 3 MRD 1   115 115 MRD MPD A . 
E 4 MPD 1   114 114 MPD MPD A . 
F 5 HOH 1   116 116 HOH HOH A . 
F 5 HOH 2   117 117 HOH HOH A . 
F 5 HOH 3   118 118 HOH HOH A . 
F 5 HOH 4   119 119 HOH HOH A . 
F 5 HOH 5   120 120 HOH HOH A . 
F 5 HOH 6   121 121 HOH HOH A . 
F 5 HOH 7   122 122 HOH HOH A . 
F 5 HOH 8   123 123 HOH HOH A . 
F 5 HOH 9   124 124 HOH HOH A . 
F 5 HOH 10  125 125 HOH HOH A . 
F 5 HOH 11  126 126 HOH HOH A . 
F 5 HOH 12  127 127 HOH HOH A . 
F 5 HOH 13  128 128 HOH HOH A . 
F 5 HOH 14  129 129 HOH HOH A . 
F 5 HOH 15  130 130 HOH HOH A . 
F 5 HOH 16  131 131 HOH HOH A . 
F 5 HOH 17  132 132 HOH HOH A . 
F 5 HOH 18  133 133 HOH HOH A . 
F 5 HOH 19  134 134 HOH HOH A . 
F 5 HOH 20  135 135 HOH HOH A . 
F 5 HOH 21  136 136 HOH HOH A . 
F 5 HOH 22  137 137 HOH HOH A . 
F 5 HOH 23  138 138 HOH HOH A . 
F 5 HOH 24  139 139 HOH HOH A . 
F 5 HOH 25  140 140 HOH HOH A . 
F 5 HOH 26  141 141 HOH HOH A . 
F 5 HOH 27  142 142 HOH HOH A . 
F 5 HOH 28  143 143 HOH HOH A . 
F 5 HOH 29  144 144 HOH HOH A . 
F 5 HOH 30  145 145 HOH HOH A . 
F 5 HOH 31  146 146 HOH HOH A . 
F 5 HOH 32  147 147 HOH HOH A . 
F 5 HOH 33  148 148 HOH HOH A . 
F 5 HOH 34  149 149 HOH HOH A . 
F 5 HOH 35  150 150 HOH HOH A . 
F 5 HOH 36  151 151 HOH HOH A . 
F 5 HOH 37  152 152 HOH HOH A . 
F 5 HOH 38  153 153 HOH HOH A . 
F 5 HOH 39  154 154 HOH HOH A . 
F 5 HOH 40  155 155 HOH HOH A . 
F 5 HOH 41  156 156 HOH HOH A . 
F 5 HOH 42  157 157 HOH HOH A . 
F 5 HOH 43  158 158 HOH HOH A . 
F 5 HOH 44  159 159 HOH HOH A . 
F 5 HOH 45  160 160 HOH HOH A . 
F 5 HOH 46  161 161 HOH HOH A . 
F 5 HOH 47  162 162 HOH HOH A . 
F 5 HOH 48  164 164 HOH HOH A . 
F 5 HOH 49  165 165 HOH HOH A . 
F 5 HOH 50  166 166 HOH HOH A . 
F 5 HOH 51  167 167 HOH HOH A . 
F 5 HOH 52  168 168 HOH HOH A . 
F 5 HOH 53  169 169 HOH HOH A . 
F 5 HOH 54  170 170 HOH HOH A . 
F 5 HOH 55  171 171 HOH HOH A . 
F 5 HOH 56  172 172 HOH HOH A . 
F 5 HOH 57  173 173 HOH HOH A . 
F 5 HOH 58  174 174 HOH HOH A . 
F 5 HOH 59  175 175 HOH HOH A . 
F 5 HOH 60  176 176 HOH HOH A . 
F 5 HOH 61  177 177 HOH HOH A . 
F 5 HOH 62  178 178 HOH HOH A . 
F 5 HOH 63  179 179 HOH HOH A . 
F 5 HOH 64  180 180 HOH HOH A . 
F 5 HOH 65  181 181 HOH HOH A . 
F 5 HOH 66  182 182 HOH HOH A . 
F 5 HOH 67  183 183 HOH HOH A . 
F 5 HOH 68  184 184 HOH HOH A . 
F 5 HOH 69  185 185 HOH HOH A . 
F 5 HOH 70  186 186 HOH HOH A . 
F 5 HOH 71  187 187 HOH HOH A . 
F 5 HOH 72  188 188 HOH HOH A . 
F 5 HOH 73  189 189 HOH HOH A . 
F 5 HOH 74  190 190 HOH HOH A . 
F 5 HOH 75  191 191 HOH HOH A . 
F 5 HOH 76  192 192 HOH HOH A . 
F 5 HOH 77  193 193 HOH HOH A . 
F 5 HOH 78  194 194 HOH HOH A . 
F 5 HOH 79  195 195 HOH HOH A . 
F 5 HOH 80  196 196 HOH HOH A . 
F 5 HOH 81  197 197 HOH HOH A . 
F 5 HOH 82  198 198 HOH HOH A . 
F 5 HOH 83  199 199 HOH HOH A . 
F 5 HOH 84  200 200 HOH HOH A . 
F 5 HOH 85  201 201 HOH HOH A . 
F 5 HOH 86  202 202 HOH HOH A . 
F 5 HOH 87  203 203 HOH HOH A . 
F 5 HOH 88  204 204 HOH HOH A . 
F 5 HOH 89  205 205 HOH HOH A . 
F 5 HOH 90  206 206 HOH HOH A . 
F 5 HOH 91  207 207 HOH HOH A . 
F 5 HOH 92  208 208 HOH HOH A . 
F 5 HOH 93  209 209 HOH HOH A . 
F 5 HOH 94  210 210 HOH HOH A . 
F 5 HOH 95  211 211 HOH HOH A . 
F 5 HOH 96  212 212 HOH HOH A . 
F 5 HOH 97  213 213 HOH HOH A . 
F 5 HOH 98  214 214 HOH HOH A . 
F 5 HOH 99  215 215 HOH HOH A . 
F 5 HOH 100 216 216 HOH HOH A . 
F 5 HOH 101 217 217 HOH HOH A . 
F 5 HOH 102 218 218 HOH HOH A . 
F 5 HOH 103 219 219 HOH HOH A . 
F 5 HOH 104 220 220 HOH HOH A . 
F 5 HOH 105 221 221 HOH HOH A . 
F 5 HOH 106 222 222 HOH HOH A . 
F 5 HOH 107 223 223 HOH HOH A . 
F 5 HOH 108 224 224 HOH HOH A . 
F 5 HOH 109 225 225 HOH HOH A . 
# 
_software.name             PROFFT 
_software.classification   refinement 
_software.version          . 
_software.citation_id      ? 
_software.pdbx_ordinal     1 
# 
_cell.entry_id           2MCM 
_cell.length_a           36.290 
_cell.length_b           35.580 
_cell.length_c           38.040 
_cell.angle_alpha        90.00 
_cell.angle_beta         99.59 
_cell.angle_gamma        90.00 
_cell.Z_PDB              2 
_cell.pdbx_unique_axis   ? 
_cell.length_a_esd       ? 
_cell.length_b_esd       ? 
_cell.length_c_esd       ? 
_cell.angle_alpha_esd    ? 
_cell.angle_beta_esd     ? 
_cell.angle_gamma_esd    ? 
# 
_symmetry.entry_id                         2MCM 
_symmetry.space_group_name_H-M             'P 1 21 1' 
_symmetry.pdbx_full_space_group_name_H-M   ? 
_symmetry.cell_setting                     ? 
_symmetry.Int_Tables_number                4 
_symmetry.space_group_name_Hall            ? 
# 
_exptl.entry_id          2MCM 
_exptl.method            'X-RAY DIFFRACTION' 
_exptl.crystals_number   ? 
# 
_exptl_crystal.id                    1 
_exptl_crystal.density_meas          ? 
_exptl_crystal.density_Matthews      2.25 
_exptl_crystal.density_percent_sol   45.34 
_exptl_crystal.description           ? 
_exptl_crystal.F_000                 ? 
_exptl_crystal.preparation           ? 
# 
_diffrn.id                     1 
_diffrn.ambient_temp           ? 
_diffrn.ambient_temp_details   ? 
_diffrn.crystal_id             1 
# 
_diffrn_radiation.diffrn_id                        1 
_diffrn_radiation.wavelength_id                    1 
_diffrn_radiation.monochromator                    ? 
_diffrn_radiation.pdbx_monochromatic_or_laue_m_l   ? 
_diffrn_radiation.pdbx_diffrn_protocol             ? 
_diffrn_radiation.pdbx_scattering_type             x-ray 
# 
_diffrn_radiation_wavelength.id           1 
_diffrn_radiation_wavelength.wavelength   . 
_diffrn_radiation_wavelength.wt           1.0 
# 
_refine.entry_id                                 2MCM 
_refine.ls_number_reflns_obs                     13119 
_refine.ls_number_reflns_all                     ? 
_refine.pdbx_ls_sigma_I                          ? 
_refine.pdbx_ls_sigma_F                          2.0 
_refine.pdbx_data_cutoff_high_absF               ? 
_refine.pdbx_data_cutoff_low_absF                ? 
_refine.pdbx_data_cutoff_high_rms_absF           ? 
_refine.ls_d_res_low                             10.0 
_refine.ls_d_res_high                            1.5 
_refine.ls_percent_reflns_obs                    ? 
_refine.ls_R_factor_obs                          0.153 
_refine.ls_R_factor_all                          ? 
_refine.ls_R_factor_R_work                       ? 
_refine.ls_R_factor_R_free                       ? 
_refine.ls_R_factor_R_free_error                 ? 
_refine.ls_R_factor_R_free_error_details         ? 
_refine.ls_percent_reflns_R_free                 ? 
_refine.ls_number_reflns_R_free                  ? 
_refine.ls_number_parameters                     ? 
_refine.ls_number_restraints                     ? 
_refine.occupancy_min                            ? 
_refine.occupancy_max                            ? 
_refine.B_iso_mean                               ? 
_refine.aniso_B[1][1]                            ? 
_refine.aniso_B[2][2]                            ? 
_refine.aniso_B[3][3]                            ? 
_refine.aniso_B[1][2]                            ? 
_refine.aniso_B[1][3]                            ? 
_refine.aniso_B[2][3]                            ? 
_refine.solvent_model_details                    ? 
_refine.solvent_model_param_ksol                 ? 
_refine.solvent_model_param_bsol                 ? 
_refine.pdbx_ls_cross_valid_method               ? 
_refine.details                                  
;A NUMBER OF WATERS ARE DISORDERED AND ARE PRESENTED IN TWO
OR MORE ALTERNATE CONFORMATIONS.  BECAUSE OF THE REFINEMENT
PROCEDURE USED, THE OCCUPANCIES DO NOT ADD UP TO 1.0 FOR
WATERS IN ALTERNATE CONFORMATIONS.
;
_refine.pdbx_starting_model                      ? 
_refine.pdbx_method_to_determine_struct          ? 
_refine.pdbx_isotropic_thermal_model             ? 
_refine.pdbx_stereochemistry_target_values       ? 
_refine.pdbx_stereochem_target_val_spec_case     ? 
_refine.pdbx_R_Free_selection_details            ? 
_refine.pdbx_overall_ESU_R_Free                  ? 
_refine.overall_SU_ML                            ? 
_refine.overall_SU_B                             ? 
_refine.pdbx_refine_id                           'X-RAY DIFFRACTION' 
_refine.ls_redundancy_reflns_obs                 ? 
_refine.pdbx_overall_ESU_R                       ? 
_refine.pdbx_overall_phase_error                 ? 
_refine.B_iso_min                                ? 
_refine.B_iso_max                                ? 
_refine.correlation_coeff_Fo_to_Fc               ? 
_refine.correlation_coeff_Fo_to_Fc_free          ? 
_refine.pdbx_solvent_vdw_probe_radii             ? 
_refine.pdbx_solvent_ion_probe_radii             ? 
_refine.pdbx_solvent_shrinkage_radii             ? 
_refine.overall_SU_R_Cruickshank_DPI             ? 
_refine.overall_SU_R_free                        ? 
_refine.ls_wR_factor_R_free                      ? 
_refine.ls_wR_factor_R_work                      ? 
_refine.overall_FOM_free_R_set                   ? 
_refine.overall_FOM_work_R_set                   ? 
_refine.pdbx_diffrn_id                           1 
_refine.pdbx_TLS_residual_ADP_flag               ? 
_refine.pdbx_overall_SU_R_free_Cruickshank_DPI   ? 
_refine.pdbx_overall_SU_R_Blow_DPI               ? 
_refine.pdbx_overall_SU_R_free_Blow_DPI          ? 
# 
_refine_hist.pdbx_refine_id                   'X-RAY DIFFRACTION' 
_refine_hist.cycle_id                         LAST 
_refine_hist.pdbx_number_atoms_protein        752 
_refine_hist.pdbx_number_atoms_nucleic_acid   0 
_refine_hist.pdbx_number_atoms_ligand         25 
_refine_hist.number_atoms_solvent             109 
_refine_hist.number_atoms_total               886 
_refine_hist.d_res_high                       1.5 
_refine_hist.d_res_low                        10.0 
# 
loop_
_refine_ls_restr.type 
_refine_ls_restr.dev_ideal 
_refine_ls_restr.dev_ideal_target 
_refine_ls_restr.weight 
_refine_ls_restr.number 
_refine_ls_restr.pdbx_refine_id 
_refine_ls_restr.pdbx_restraint_function 
p_bond_d            0.022 0.020 ? ? 'X-RAY DIFFRACTION' ? 
p_angle_d           0.036 0.030 ? ? 'X-RAY DIFFRACTION' ? 
p_angle_deg         ?     ?     ? ? 'X-RAY DIFFRACTION' ? 
p_planar_d          0.058 0.050 ? ? 'X-RAY DIFFRACTION' ? 
p_hb_or_metal_coord ?     ?     ? ? 'X-RAY DIFFRACTION' ? 
p_mcbond_it         1.46  1.500 ? ? 'X-RAY DIFFRACTION' ? 
p_mcangle_it        2.19  1.500 ? ? 'X-RAY DIFFRACTION' ? 
p_scbond_it         1.76  1.500 ? ? 'X-RAY DIFFRACTION' ? 
p_scangle_it        2.76  2.000 ? ? 'X-RAY DIFFRACTION' ? 
p_plane_restr       0.017 0.020 ? ? 'X-RAY DIFFRACTION' ? 
p_chiral_restr      0.220 0.150 ? ? 'X-RAY DIFFRACTION' ? 
p_singtor_nbd       0.177 0.500 ? ? 'X-RAY DIFFRACTION' ? 
p_multtor_nbd       0.214 0.500 ? ? 'X-RAY DIFFRACTION' ? 
p_xhyhbond_nbd      0.221 0.500 ? ? 'X-RAY DIFFRACTION' ? 
p_xyhbond_nbd       ?     ?     ? ? 'X-RAY DIFFRACTION' ? 
p_planar_tor        3.0   2.5   ? ? 'X-RAY DIFFRACTION' ? 
p_staggered_tor     11.6  15.0  ? ? 'X-RAY DIFFRACTION' ? 
p_orthonormal_tor   12.2  15.0  ? ? 'X-RAY DIFFRACTION' ? 
p_transverse_tor    ?     ?     ? ? 'X-RAY DIFFRACTION' ? 
p_special_tor       ?     ?     ? ? 'X-RAY DIFFRACTION' ? 
# 
_struct.entry_id                  2MCM 
_struct.title                     MACROMOMYCIN 
_struct.pdbx_model_details        ? 
_struct.pdbx_CASP_flag            ? 
_struct.pdbx_model_type_details   ? 
# 
_struct_keywords.entry_id        2MCM 
_struct_keywords.pdbx_keywords   APOPROTEIN 
_struct_keywords.text            APOPROTEIN 
# 
loop_
_struct_asym.id 
_struct_asym.pdbx_blank_PDB_chainid_flag 
_struct_asym.pdbx_modified 
_struct_asym.entity_id 
_struct_asym.details 
A N N 1 ? 
B N N 2 ? 
C N N 3 ? 
D N N 3 ? 
E N N 4 ? 
F N N 5 ? 
# 
_struct_ref.id                         1 
_struct_ref.db_name                    UNP 
_struct_ref.db_code                    MACM_STRMA 
_struct_ref.entity_id                  1 
_struct_ref.pdbx_db_accession          P01549 
_struct_ref.pdbx_align_begin           1 
_struct_ref.pdbx_seq_one_letter_code   
;MLQNTSRFLARAGATVGVAAGLAFSLPADRDGAPGVTVTPATGLSNGQTVTVSATGLTPGTVYHVGQCAVVEPGVIGCDA
TTSTDVTADAAGKITAQLKVHSSFQAVVGANGTPWGTVNCKVVSCSAGLGSDSGEGAAQAITFA
;
_struct_ref.pdbx_db_isoform            ? 
# 
_struct_ref_seq.align_id                      1 
_struct_ref_seq.ref_id                        1 
_struct_ref_seq.pdbx_PDB_id_code              2MCM 
_struct_ref_seq.pdbx_strand_id                A 
_struct_ref_seq.seq_align_beg                 1 
_struct_ref_seq.pdbx_seq_align_beg_ins_code   ? 
_struct_ref_seq.seq_align_end                 112 
_struct_ref_seq.pdbx_seq_align_end_ins_code   ? 
_struct_ref_seq.pdbx_db_accession             P01549 
_struct_ref_seq.db_align_beg                  33 
_struct_ref_seq.pdbx_db_align_beg_ins_code    ? 
_struct_ref_seq.db_align_end                  144 
_struct_ref_seq.pdbx_db_align_end_ins_code    ? 
_struct_ref_seq.pdbx_auth_seq_align_beg       1 
_struct_ref_seq.pdbx_auth_seq_align_end       112 
# 
_struct_ref_seq_dif.align_id                     1 
_struct_ref_seq_dif.pdbx_pdb_id_code             2MCM 
_struct_ref_seq_dif.mon_id                       ASP 
_struct_ref_seq_dif.pdbx_pdb_strand_id           A 
_struct_ref_seq_dif.seq_num                      79 
_struct_ref_seq_dif.pdbx_pdb_ins_code            ? 
_struct_ref_seq_dif.pdbx_seq_db_name             UNP 
_struct_ref_seq_dif.pdbx_seq_db_accession_code   P01549 
_struct_ref_seq_dif.db_mon_id                    ASN 
_struct_ref_seq_dif.pdbx_seq_db_seq_num          111 
_struct_ref_seq_dif.details                      conflict 
_struct_ref_seq_dif.pdbx_auth_seq_num            79 
_struct_ref_seq_dif.pdbx_ordinal                 1 
# 
_pdbx_struct_assembly.id                   1 
_pdbx_struct_assembly.details              author_defined_assembly 
_pdbx_struct_assembly.method_details       ? 
_pdbx_struct_assembly.oligomeric_details   monomeric 
_pdbx_struct_assembly.oligomeric_count     1 
# 
_pdbx_struct_assembly_gen.assembly_id       1 
_pdbx_struct_assembly_gen.oper_expression   1 
_pdbx_struct_assembly_gen.asym_id_list      A,B,C,D,E,F 
# 
_pdbx_struct_oper_list.id                   1 
_pdbx_struct_oper_list.type                 'identity operation' 
_pdbx_struct_oper_list.name                 1_555 
_pdbx_struct_oper_list.symmetry_operation   x,y,z 
_pdbx_struct_oper_list.matrix[1][1]         1.0000000000 
_pdbx_struct_oper_list.matrix[1][2]         0.0000000000 
_pdbx_struct_oper_list.matrix[1][3]         0.0000000000 
_pdbx_struct_oper_list.vector[1]            0.0000000000 
_pdbx_struct_oper_list.matrix[2][1]         0.0000000000 
_pdbx_struct_oper_list.matrix[2][2]         1.0000000000 
_pdbx_struct_oper_list.matrix[2][3]         0.0000000000 
_pdbx_struct_oper_list.vector[2]            0.0000000000 
_pdbx_struct_oper_list.matrix[3][1]         0.0000000000 
_pdbx_struct_oper_list.matrix[3][2]         0.0000000000 
_pdbx_struct_oper_list.matrix[3][3]         1.0000000000 
_pdbx_struct_oper_list.vector[3]            0.0000000000 
# 
_struct_biol.id        1 
_struct_biol.details   ? 
# 
loop_
_struct_conn.id 
_struct_conn.conn_type_id 
_struct_conn.pdbx_leaving_atom_flag 
_struct_conn.pdbx_PDB_id 
_struct_conn.ptnr1_label_asym_id 
_struct_conn.ptnr1_label_comp_id 
_struct_conn.ptnr1_label_seq_id 
_struct_conn.ptnr1_label_atom_id 
_struct_conn.pdbx_ptnr1_label_alt_id 
_struct_conn.pdbx_ptnr1_PDB_ins_code 
_struct_conn.pdbx_ptnr1_standard_comp_id 
_struct_conn.ptnr1_symmetry 
_struct_conn.ptnr2_label_asym_id 
_struct_conn.ptnr2_label_comp_id 
_struct_conn.ptnr2_label_seq_id 
_struct_conn.ptnr2_label_atom_id 
_struct_conn.pdbx_ptnr2_label_alt_id 
_struct_conn.pdbx_ptnr2_PDB_ins_code 
_struct_conn.ptnr1_auth_asym_id 
_struct_conn.ptnr1_auth_comp_id 
_struct_conn.ptnr1_auth_seq_id 
_struct_conn.ptnr2_auth_asym_id 
_struct_conn.ptnr2_auth_comp_id 
_struct_conn.ptnr2_auth_seq_id 
_struct_conn.ptnr2_symmetry 
_struct_conn.pdbx_ptnr3_label_atom_id 
_struct_conn.pdbx_ptnr3_label_seq_id 
_struct_conn.pdbx_ptnr3_label_comp_id 
_struct_conn.pdbx_ptnr3_label_asym_id 
_struct_conn.pdbx_ptnr3_label_alt_id 
_struct_conn.pdbx_ptnr3_PDB_ins_code 
_struct_conn.details 
_struct_conn.pdbx_dist_value 
_struct_conn.pdbx_value_order 
_struct_conn.pdbx_role 
disulf1 disulf ? ? A CYS 36 SG  ? ? ? 1_555 A CYS 46 SG ? ? A CYS 36  A CYS 46  1_555 ? ? ? ? ? ? ? 2.047 ? ? 
disulf2 disulf ? ? A CYS 88 SG  ? ? ? 1_555 A CYS 93 SG ? ? A CYS 88  A CYS 93  1_555 ? ? ? ? ? ? ? 2.043 ? ? 
metalc1 metalc ? ? A GLU 40 OE1 ? ? ? 1_555 B CA  .  CA ? ? A GLU 40  A CA  163 1_555 ? ? ? ? ? ? ? 2.530 ? ? 
metalc2 metalc ? ? A GLU 40 OE2 ? ? ? 1_555 B CA  .  CA ? ? A GLU 40  A CA  163 1_555 ? ? ? ? ? ? ? 2.360 ? ? 
metalc3 metalc ? ? B CA  .  CA  ? ? ? 1_555 F HOH .  O  B ? A CA  163 A HOH 197 1_555 ? ? ? ? ? ? ? 2.274 ? ? 
metalc4 metalc ? ? B CA  .  CA  ? ? ? 1_555 F HOH .  O  ? ? A CA  163 A HOH 198 1_555 ? ? ? ? ? ? ? 2.510 ? ? 
metalc5 metalc ? ? B CA  .  CA  ? ? ? 1_555 F HOH .  O  ? ? A CA  163 A HOH 209 1_555 ? ? ? ? ? ? ? 3.322 ? ? 
# 
loop_
_struct_conn_type.id 
_struct_conn_type.criteria 
_struct_conn_type.reference 
disulf ? ? 
metalc ? ? 
# 
loop_
_pdbx_struct_conn_angle.id 
_pdbx_struct_conn_angle.ptnr1_label_atom_id 
_pdbx_struct_conn_angle.ptnr1_label_alt_id 
_pdbx_struct_conn_angle.ptnr1_label_asym_id 
_pdbx_struct_conn_angle.ptnr1_label_comp_id 
_pdbx_struct_conn_angle.ptnr1_label_seq_id 
_pdbx_struct_conn_angle.ptnr1_auth_atom_id 
_pdbx_struct_conn_angle.ptnr1_auth_asym_id 
_pdbx_struct_conn_angle.ptnr1_auth_comp_id 
_pdbx_struct_conn_angle.ptnr1_auth_seq_id 
_pdbx_struct_conn_angle.ptnr1_PDB_ins_code 
_pdbx_struct_conn_angle.ptnr1_symmetry 
_pdbx_struct_conn_angle.ptnr2_label_atom_id 
_pdbx_struct_conn_angle.ptnr2_label_alt_id 
_pdbx_struct_conn_angle.ptnr2_label_asym_id 
_pdbx_struct_conn_angle.ptnr2_label_comp_id 
_pdbx_struct_conn_angle.ptnr2_label_seq_id 
_pdbx_struct_conn_angle.ptnr2_auth_atom_id 
_pdbx_struct_conn_angle.ptnr2_auth_asym_id 
_pdbx_struct_conn_angle.ptnr2_auth_comp_id 
_pdbx_struct_conn_angle.ptnr2_auth_seq_id 
_pdbx_struct_conn_angle.ptnr2_PDB_ins_code 
_pdbx_struct_conn_angle.ptnr2_symmetry 
_pdbx_struct_conn_angle.ptnr3_label_atom_id 
_pdbx_struct_conn_angle.ptnr3_label_alt_id 
_pdbx_struct_conn_angle.ptnr3_label_asym_id 
_pdbx_struct_conn_angle.ptnr3_label_comp_id 
_pdbx_struct_conn_angle.ptnr3_label_seq_id 
_pdbx_struct_conn_angle.ptnr3_auth_atom_id 
_pdbx_struct_conn_angle.ptnr3_auth_asym_id 
_pdbx_struct_conn_angle.ptnr3_auth_comp_id 
_pdbx_struct_conn_angle.ptnr3_auth_seq_id 
_pdbx_struct_conn_angle.ptnr3_PDB_ins_code 
_pdbx_struct_conn_angle.ptnr3_symmetry 
_pdbx_struct_conn_angle.value 
_pdbx_struct_conn_angle.value_esd 
1  OE1 ? A GLU 40 ? A GLU 40  ? 1_555 CA ? B CA . ? A CA 163 ? 1_555 OE2 ? A GLU 40 ? A GLU 40  ? 1_555 53.6  ? 
2  OE1 ? A GLU 40 ? A GLU 40  ? 1_555 CA ? B CA . ? A CA 163 ? 1_555 O   B F HOH .  ? A HOH 197 ? 1_555 136.4 ? 
3  OE2 ? A GLU 40 ? A GLU 40  ? 1_555 CA ? B CA . ? A CA 163 ? 1_555 O   B F HOH .  ? A HOH 197 ? 1_555 151.8 ? 
4  OE1 ? A GLU 40 ? A GLU 40  ? 1_555 CA ? B CA . ? A CA 163 ? 1_555 O   ? F HOH .  ? A HOH 198 ? 1_555 58.3  ? 
5  OE2 ? A GLU 40 ? A GLU 40  ? 1_555 CA ? B CA . ? A CA 163 ? 1_555 O   ? F HOH .  ? A HOH 198 ? 1_555 111.9 ? 
6  O   B F HOH .  ? A HOH 197 ? 1_555 CA ? B CA . ? A CA 163 ? 1_555 O   ? F HOH .  ? A HOH 198 ? 1_555 83.4  ? 
7  OE1 ? A GLU 40 ? A GLU 40  ? 1_555 CA ? B CA . ? A CA 163 ? 1_555 O   ? F HOH .  ? A HOH 209 ? 1_555 122.4 ? 
8  OE2 ? A GLU 40 ? A GLU 40  ? 1_555 CA ? B CA . ? A CA 163 ? 1_555 O   ? F HOH .  ? A HOH 209 ? 1_555 68.9  ? 
9  O   B F HOH .  ? A HOH 197 ? 1_555 CA ? B CA . ? A CA 163 ? 1_555 O   ? F HOH .  ? A HOH 209 ? 1_555 95.1  ? 
10 O   ? F HOH .  ? A HOH 198 ? 1_555 CA ? B CA . ? A CA 163 ? 1_555 O   ? F HOH .  ? A HOH 209 ? 1_555 178.0 ? 
# 
loop_
_pdbx_modification_feature.ordinal 
_pdbx_modification_feature.label_comp_id 
_pdbx_modification_feature.label_asym_id 
_pdbx_modification_feature.label_seq_id 
_pdbx_modification_feature.label_alt_id 
_pdbx_modification_feature.modified_residue_label_comp_id 
_pdbx_modification_feature.modified_residue_label_asym_id 
_pdbx_modification_feature.modified_residue_label_seq_id 
_pdbx_modification_feature.modified_residue_label_alt_id 
_pdbx_modification_feature.auth_comp_id 
_pdbx_modification_feature.auth_asym_id 
_pdbx_modification_feature.auth_seq_id 
_pdbx_modification_feature.PDB_ins_code 
_pdbx_modification_feature.symmetry 
_pdbx_modification_feature.modified_residue_auth_comp_id 
_pdbx_modification_feature.modified_residue_auth_asym_id 
_pdbx_modification_feature.modified_residue_auth_seq_id 
_pdbx_modification_feature.modified_residue_PDB_ins_code 
_pdbx_modification_feature.modified_residue_symmetry 
_pdbx_modification_feature.comp_id_linking_atom 
_pdbx_modification_feature.modified_residue_id_linking_atom 
_pdbx_modification_feature.modified_residue_id 
_pdbx_modification_feature.ref_pcm_id 
_pdbx_modification_feature.ref_comp_id 
_pdbx_modification_feature.type 
_pdbx_modification_feature.category 
1 CYS A 36 ? CYS A 46 ? CYS A 36 ? 1_555 CYS A 46 ? 1_555 SG SG . . . None 'Disulfide bridge' 
2 CYS A 88 ? CYS A 93 ? CYS A 88 ? 1_555 CYS A 93 ? 1_555 SG SG . . . None 'Disulfide bridge' 
# 
_struct_mon_prot_cis.pdbx_id                1 
_struct_mon_prot_cis.label_comp_id          THR 
_struct_mon_prot_cis.label_seq_id           7 
_struct_mon_prot_cis.label_asym_id          A 
_struct_mon_prot_cis.label_alt_id           . 
_struct_mon_prot_cis.pdbx_PDB_ins_code      ? 
_struct_mon_prot_cis.auth_comp_id           THR 
_struct_mon_prot_cis.auth_seq_id            7 
_struct_mon_prot_cis.auth_asym_id           A 
_struct_mon_prot_cis.pdbx_label_comp_id_2   PRO 
_struct_mon_prot_cis.pdbx_label_seq_id_2    8 
_struct_mon_prot_cis.pdbx_label_asym_id_2   A 
_struct_mon_prot_cis.pdbx_PDB_ins_code_2    ? 
_struct_mon_prot_cis.pdbx_auth_comp_id_2    PRO 
_struct_mon_prot_cis.pdbx_auth_seq_id_2     8 
_struct_mon_prot_cis.pdbx_auth_asym_id_2    A 
_struct_mon_prot_cis.pdbx_PDB_model_num     1 
_struct_mon_prot_cis.pdbx_omega_angle       -3.46 
# 
loop_
_struct_sheet.id 
_struct_sheet.type 
_struct_sheet.number_strands 
_struct_sheet.details 
BRL ? 8 ? 
RB1 ? 2 ? 
RB2 ? 2 ? 
# 
loop_
_struct_sheet_order.sheet_id 
_struct_sheet_order.range_id_1 
_struct_sheet_order.range_id_2 
_struct_sheet_order.offset 
_struct_sheet_order.sense 
BRL 1 2 ? anti-parallel 
BRL 2 3 ? anti-parallel 
BRL 3 4 ? anti-parallel 
BRL 4 5 ? parallel      
BRL 5 6 ? anti-parallel 
BRL 6 7 ? anti-parallel 
BRL 7 8 ? anti-parallel 
RB1 1 2 ? anti-parallel 
RB2 1 2 ? anti-parallel 
# 
loop_
_struct_sheet_range.sheet_id 
_struct_sheet_range.id 
_struct_sheet_range.beg_label_comp_id 
_struct_sheet_range.beg_label_asym_id 
_struct_sheet_range.beg_label_seq_id 
_struct_sheet_range.pdbx_beg_PDB_ins_code 
_struct_sheet_range.end_label_comp_id 
_struct_sheet_range.end_label_asym_id 
_struct_sheet_range.end_label_seq_id 
_struct_sheet_range.pdbx_end_PDB_ins_code 
_struct_sheet_range.beg_auth_comp_id 
_struct_sheet_range.beg_auth_asym_id 
_struct_sheet_range.beg_auth_seq_id 
_struct_sheet_range.end_auth_comp_id 
_struct_sheet_range.end_auth_asym_id 
_struct_sheet_range.end_auth_seq_id 
BRL 1 SER A 51  ? ALA A 56  ? SER A 51  ALA A 56  
BRL 2 THR A 29  ? CYS A 36  ? THR A 29  CYS A 36  
BRL 3 LYS A 89  ? SER A 99  ? LYS A 89  SER A 99  
BRL 4 GLY A 102 ? ALA A 112 ? GLY A 102 ALA A 112 
BRL 5 ALA A 1   ? LEU A 12  ? ALA A 1   LEU A 12  
BRL 6 GLN A 16  ? GLY A 24  ? GLN A 16  GLY A 24  
BRL 7 GLY A 60  ? VAL A 68  ? GLY A 60  VAL A 68  
BRL 8 SER A 51  ? ALA A 56  ? SER A 51  ALA A 56  
RB1 1 CYS A 36  ? GLU A 40  ? CYS A 36  GLU A 40  
RB1 2 GLY A 42  ? CYS A 46  ? GLY A 42  CYS A 46  
RB2 1 SER A 70  ? ALA A 78  ? SER A 70  ALA A 78  
RB2 2 GLY A 80  ? CYS A 88  ? GLY A 80  CYS A 88  
# 
loop_
_pdbx_struct_sheet_hbond.sheet_id 
_pdbx_struct_sheet_hbond.range_id_1 
_pdbx_struct_sheet_hbond.range_id_2 
_pdbx_struct_sheet_hbond.range_1_label_atom_id 
_pdbx_struct_sheet_hbond.range_1_label_comp_id 
_pdbx_struct_sheet_hbond.range_1_label_asym_id 
_pdbx_struct_sheet_hbond.range_1_label_seq_id 
_pdbx_struct_sheet_hbond.range_1_PDB_ins_code 
_pdbx_struct_sheet_hbond.range_1_auth_atom_id 
_pdbx_struct_sheet_hbond.range_1_auth_comp_id 
_pdbx_struct_sheet_hbond.range_1_auth_asym_id 
_pdbx_struct_sheet_hbond.range_1_auth_seq_id 
_pdbx_struct_sheet_hbond.range_2_label_atom_id 
_pdbx_struct_sheet_hbond.range_2_label_comp_id 
_pdbx_struct_sheet_hbond.range_2_label_asym_id 
_pdbx_struct_sheet_hbond.range_2_label_seq_id 
_pdbx_struct_sheet_hbond.range_2_PDB_ins_code 
_pdbx_struct_sheet_hbond.range_2_auth_atom_id 
_pdbx_struct_sheet_hbond.range_2_auth_comp_id 
_pdbx_struct_sheet_hbond.range_2_auth_asym_id 
_pdbx_struct_sheet_hbond.range_2_auth_seq_id 
BRL 1 2 O THR A 52  ? O THR A 52  N VAL A 33  ? N VAL A 33  
BRL 2 3 O GLY A 34  ? O GLY A 34  N GLY A 96  ? N GLY A 96  
BRL 3 4 O ALA A 95  ? O ALA A 95  N GLN A 107 ? N GLN A 107 
BRL 4 5 O THR A 110 ? O THR A 110 N GLY A 11  ? N GLY A 11  
BRL 5 6 O THR A 5   ? O THR A 5   N SER A 21  ? N SER A 21  
BRL 6 7 O VAL A 20  ? O VAL A 20  N ALA A 64  ? N ALA A 64  
RB1 1 2 N ALA A 37  ? N ALA A 37  O GLY A 45  ? O GLY A 45  
RB2 1 2 O PHE A 72  ? O PHE A 72  N VAL A 86  ? N VAL A 86  
# 
loop_
_struct_site.id 
_struct_site.pdbx_evidence_code 
_struct_site.pdbx_auth_asym_id 
_struct_site.pdbx_auth_comp_id 
_struct_site.pdbx_auth_seq_id 
_struct_site.pdbx_auth_ins_code 
_struct_site.pdbx_num_residues 
_struct_site.details 
CHR Unknown  ? ?   ?   ? 8 ?                                    
AC1 Software A CA  163 ? 3 'BINDING SITE FOR RESIDUE CA A 163'  
AC2 Software A MRD 113 ? 6 'BINDING SITE FOR RESIDUE MRD A 113' 
AC3 Software A MRD 115 ? 4 'BINDING SITE FOR RESIDUE MRD A 115' 
AC4 Software A MPD 114 ? 3 'BINDING SITE FOR RESIDUE MPD A 114' 
# 
loop_
_struct_site_gen.id 
_struct_site_gen.site_id 
_struct_site_gen.pdbx_num_res 
_struct_site_gen.label_comp_id 
_struct_site_gen.label_asym_id 
_struct_site_gen.label_seq_id 
_struct_site_gen.pdbx_auth_ins_code 
_struct_site_gen.auth_comp_id 
_struct_site_gen.auth_asym_id 
_struct_site_gen.auth_seq_id 
_struct_site_gen.label_atom_id 
_struct_site_gen.label_alt_id 
_struct_site_gen.symmetry 
_struct_site_gen.details 
1  CHR 8 HIS A 32  ? HIS A 32  . ? 1_555 ? 
2  CHR 8 CYS A 36  ? CYS A 36  . ? 1_555 ? 
3  CHR 8 ILE A 44  ? ILE A 44  . ? 1_555 ? 
4  CHR 8 CYS A 46  ? CYS A 46  . ? 1_555 ? 
5  CHR 8 SER A 51  ? SER A 51  . ? 1_555 ? 
6  CHR 8 ASP A 53  ? ASP A 53  . ? 1_555 ? 
7  CHR 8 SER A 94  ? SER A 94  . ? 1_555 ? 
8  CHR 8 ASP A 100 ? ASP A 100 . ? 1_555 ? 
9  AC1 3 GLU A 40  ? GLU A 40  . ? 1_555 ? 
10 AC1 3 HOH F .   ? HOH A 197 . ? 1_555 ? 
11 AC1 3 HOH F .   ? HOH A 198 . ? 1_555 ? 
12 AC2 6 HIS A 32  ? HIS A 32  . ? 1_555 ? 
13 AC2 6 CYS A 36  ? CYS A 36  . ? 1_555 ? 
14 AC2 6 GLY A 96  ? GLY A 96  . ? 1_555 ? 
15 AC2 6 LEU A 97  ? LEU A 97  . ? 1_555 ? 
16 AC2 6 HOH F .   ? HOH A 116 . ? 1_555 ? 
17 AC2 6 HOH F .   ? HOH A 186 . ? 1_555 ? 
18 AC3 4 THR A 50  ? THR A 50  . ? 1_555 ? 
19 AC3 4 THR A 52  ? THR A 52  . ? 1_555 ? 
20 AC3 4 GLN A 65  ? GLN A 65  . ? 1_555 ? 
21 AC3 4 LYS A 67  ? LYS A 67  . ? 1_555 ? 
22 AC4 3 ILE A 44  ? ILE A 44  . ? 1_555 ? 
23 AC4 3 SER A 92  ? SER A 92  . ? 1_555 ? 
24 AC4 3 SER A 94  ? SER A 94  . ? 1_555 ? 
# 
_pdbx_entry_details.entry_id                   2MCM 
_pdbx_entry_details.compound_details           
;THE CHROMOPHORE BINDING SITE IS LOCATED BETWEEN THE BARREL
AND THE RIBBONS.  RESIDUES LISTED ON SITE CHR RECORDS ARE
THOSE THAT HAVE SIDE CHAINS EXTENDING INTO THIS AREA.
;
_pdbx_entry_details.source_details             ? 
_pdbx_entry_details.nonpolymer_details         
;THE CALCIUM COORDINATION IS A DISTORTED PENTAGONAL
BIPYRAMID.  LIGANDS COME FROM THREE DIFFERENT PROTEIN
MOLECULES AN TWO WATER MOLECULES.  O LEU 89 AND OD1 ASP 79
ARE THE TOP AND BOTTOM OF THE BIPYRAMID.  ONE LIGAND IN THE
PENTAGON IS MISSING.  THIS AREA IS EXPOSED TO THE LESS
ORDERED SOLVENT.  A WATER MOLECULE (HOH 209) IS PRESENT IN
APPROXIMATELY THE RIGHT ORIENTATION BUT 3.23 ANGSTROMS FROM
THE CALCIUM.  BECAUSE OF PDB FORMAT DEFINITIONS THE LIGANDS
THE CALCIUM THAT ARE IN DIFFERENT PROTEIN MOLECULES CANNOT
BE PRESENTED ON CONECT RECORDS BELOW.  THEY ARE:
           O   LEU  89 (-X, Y + 1/2, -Z)
           OD1 ASP  79 (-X, Y - 1/2, -Z)
;
_pdbx_entry_details.sequence_details           ? 
_pdbx_entry_details.has_ligand_of_interest     ? 
_pdbx_entry_details.has_protein_modification   Y 
# 
_pdbx_validate_close_contact.id               1 
_pdbx_validate_close_contact.PDB_model_num    1 
_pdbx_validate_close_contact.auth_atom_id_1   O 
_pdbx_validate_close_contact.auth_asym_id_1   A 
_pdbx_validate_close_contact.auth_comp_id_1   HOH 
_pdbx_validate_close_contact.auth_seq_id_1    143 
_pdbx_validate_close_contact.PDB_ins_code_1   ? 
_pdbx_validate_close_contact.label_alt_id_1   ? 
_pdbx_validate_close_contact.auth_atom_id_2   O 
_pdbx_validate_close_contact.auth_asym_id_2   A 
_pdbx_validate_close_contact.auth_comp_id_2   HOH 
_pdbx_validate_close_contact.auth_seq_id_2    156 
_pdbx_validate_close_contact.PDB_ins_code_2   ? 
_pdbx_validate_close_contact.label_alt_id_2   ? 
_pdbx_validate_close_contact.dist             2.19 
# 
loop_
_pdbx_validate_rmsd_angle.id 
_pdbx_validate_rmsd_angle.PDB_model_num 
_pdbx_validate_rmsd_angle.auth_atom_id_1 
_pdbx_validate_rmsd_angle.auth_asym_id_1 
_pdbx_validate_rmsd_angle.auth_comp_id_1 
_pdbx_validate_rmsd_angle.auth_seq_id_1 
_pdbx_validate_rmsd_angle.PDB_ins_code_1 
_pdbx_validate_rmsd_angle.label_alt_id_1 
_pdbx_validate_rmsd_angle.auth_atom_id_2 
_pdbx_validate_rmsd_angle.auth_asym_id_2 
_pdbx_validate_rmsd_angle.auth_comp_id_2 
_pdbx_validate_rmsd_angle.auth_seq_id_2 
_pdbx_validate_rmsd_angle.PDB_ins_code_2 
_pdbx_validate_rmsd_angle.label_alt_id_2 
_pdbx_validate_rmsd_angle.auth_atom_id_3 
_pdbx_validate_rmsd_angle.auth_asym_id_3 
_pdbx_validate_rmsd_angle.auth_comp_id_3 
_pdbx_validate_rmsd_angle.auth_seq_id_3 
_pdbx_validate_rmsd_angle.PDB_ins_code_3 
_pdbx_validate_rmsd_angle.label_alt_id_3 
_pdbx_validate_rmsd_angle.angle_value 
_pdbx_validate_rmsd_angle.angle_target_value 
_pdbx_validate_rmsd_angle.angle_deviation 
_pdbx_validate_rmsd_angle.angle_standard_deviation 
_pdbx_validate_rmsd_angle.linker_flag 
1 1 CD1 A TYR 31 ? ? CE1 A TYR 31 ? ? CZ  A TYR 31 ? ? 113.01 119.80 -6.79 0.90 N 
2 1 CB  A ASP 57 ? ? CG  A ASP 57 ? ? OD1 A ASP 57 ? ? 126.89 118.30 8.59  0.90 N 
3 1 CB  A ASP 79 ? A CG  A ASP 79 ? A OD1 A ASP 79 ? A 124.16 118.30 5.86  0.90 N 
# 
_pdbx_database_remark.id     700 
_pdbx_database_remark.text   
;SHEET
THE STRUCTURE CONSISTS OF A SEVEN-STRANDED ANTIPARALLEL
BETA-BARREL (FLATTENED) AND TWO ANTIPARALLEL BETA-RIBBONS.
THE FOLDING OF THE BETA-BARREL HAS SIMILAR GREEK KEY MOTIF
AS THE C DOMAIN OF IMMUNOGLOBULIN.
THE STRUCTURE IS COMPOSED OF A FLATTENED SEVEN-STRANDED
ANTIPARALLEL BETA-BARREL AND TWO ANTIPARALLEL BETA-SHEET
RIBBONS.  THE BARREL AND RIBBONS DEFINE A DEEP CLEFT THAT
IS THE CHROMOPHORE BINDING SITE.  RESIDUES LISTED UNDER
SITE REFER TO RESIDUES THAT HAVE SIDE CHAINS EXTENDING INTO
THIS AREA.  THE SHEET PRESENTED AS *BRL* ON SHEET RECORDS
BELOW IS ACTUALLY A SEVEN-STRANDED BETA-BARREL.  THIS IS
REPRESENTED BY A EIGHT-STRANDED SHEET IN WHICH THE FIRST
AND LAST STRANDS ARE IDENTICAL.
;
# 
loop_
_chem_comp_atom.comp_id 
_chem_comp_atom.atom_id 
_chem_comp_atom.type_symbol 
_chem_comp_atom.pdbx_aromatic_flag 
_chem_comp_atom.pdbx_stereo_config 
_chem_comp_atom.pdbx_ordinal 
ALA N    N  N N 1   
ALA CA   C  N S 2   
ALA C    C  N N 3   
ALA O    O  N N 4   
ALA CB   C  N N 5   
ALA OXT  O  N N 6   
ALA H    H  N N 7   
ALA H2   H  N N 8   
ALA HA   H  N N 9   
ALA HB1  H  N N 10  
ALA HB2  H  N N 11  
ALA HB3  H  N N 12  
ALA HXT  H  N N 13  
ASN N    N  N N 14  
ASN CA   C  N S 15  
ASN C    C  N N 16  
ASN O    O  N N 17  
ASN CB   C  N N 18  
ASN CG   C  N N 19  
ASN OD1  O  N N 20  
ASN ND2  N  N N 21  
ASN OXT  O  N N 22  
ASN H    H  N N 23  
ASN H2   H  N N 24  
ASN HA   H  N N 25  
ASN HB2  H  N N 26  
ASN HB3  H  N N 27  
ASN HD21 H  N N 28  
ASN HD22 H  N N 29  
ASN HXT  H  N N 30  
ASP N    N  N N 31  
ASP CA   C  N S 32  
ASP C    C  N N 33  
ASP O    O  N N 34  
ASP CB   C  N N 35  
ASP CG   C  N N 36  
ASP OD1  O  N N 37  
ASP OD2  O  N N 38  
ASP OXT  O  N N 39  
ASP H    H  N N 40  
ASP H2   H  N N 41  
ASP HA   H  N N 42  
ASP HB2  H  N N 43  
ASP HB3  H  N N 44  
ASP HD2  H  N N 45  
ASP HXT  H  N N 46  
CA  CA   CA N N 47  
CYS N    N  N N 48  
CYS CA   C  N R 49  
CYS C    C  N N 50  
CYS O    O  N N 51  
CYS CB   C  N N 52  
CYS SG   S  N N 53  
CYS OXT  O  N N 54  
CYS H    H  N N 55  
CYS H2   H  N N 56  
CYS HA   H  N N 57  
CYS HB2  H  N N 58  
CYS HB3  H  N N 59  
CYS HG   H  N N 60  
CYS HXT  H  N N 61  
GLN N    N  N N 62  
GLN CA   C  N S 63  
GLN C    C  N N 64  
GLN O    O  N N 65  
GLN CB   C  N N 66  
GLN CG   C  N N 67  
GLN CD   C  N N 68  
GLN OE1  O  N N 69  
GLN NE2  N  N N 70  
GLN OXT  O  N N 71  
GLN H    H  N N 72  
GLN H2   H  N N 73  
GLN HA   H  N N 74  
GLN HB2  H  N N 75  
GLN HB3  H  N N 76  
GLN HG2  H  N N 77  
GLN HG3  H  N N 78  
GLN HE21 H  N N 79  
GLN HE22 H  N N 80  
GLN HXT  H  N N 81  
GLU N    N  N N 82  
GLU CA   C  N S 83  
GLU C    C  N N 84  
GLU O    O  N N 85  
GLU CB   C  N N 86  
GLU CG   C  N N 87  
GLU CD   C  N N 88  
GLU OE1  O  N N 89  
GLU OE2  O  N N 90  
GLU OXT  O  N N 91  
GLU H    H  N N 92  
GLU H2   H  N N 93  
GLU HA   H  N N 94  
GLU HB2  H  N N 95  
GLU HB3  H  N N 96  
GLU HG2  H  N N 97  
GLU HG3  H  N N 98  
GLU HE2  H  N N 99  
GLU HXT  H  N N 100 
GLY N    N  N N 101 
GLY CA   C  N N 102 
GLY C    C  N N 103 
GLY O    O  N N 104 
GLY OXT  O  N N 105 
GLY H    H  N N 106 
GLY H2   H  N N 107 
GLY HA2  H  N N 108 
GLY HA3  H  N N 109 
GLY HXT  H  N N 110 
HIS N    N  N N 111 
HIS CA   C  N S 112 
HIS C    C  N N 113 
HIS O    O  N N 114 
HIS CB   C  N N 115 
HIS CG   C  Y N 116 
HIS ND1  N  Y N 117 
HIS CD2  C  Y N 118 
HIS CE1  C  Y N 119 
HIS NE2  N  Y N 120 
HIS OXT  O  N N 121 
HIS H    H  N N 122 
HIS H2   H  N N 123 
HIS HA   H  N N 124 
HIS HB2  H  N N 125 
HIS HB3  H  N N 126 
HIS HD1  H  N N 127 
HIS HD2  H  N N 128 
HIS HE1  H  N N 129 
HIS HE2  H  N N 130 
HIS HXT  H  N N 131 
HOH O    O  N N 132 
HOH H1   H  N N 133 
HOH H2   H  N N 134 
ILE N    N  N N 135 
ILE CA   C  N S 136 
ILE C    C  N N 137 
ILE O    O  N N 138 
ILE CB   C  N S 139 
ILE CG1  C  N N 140 
ILE CG2  C  N N 141 
ILE CD1  C  N N 142 
ILE OXT  O  N N 143 
ILE H    H  N N 144 
ILE H2   H  N N 145 
ILE HA   H  N N 146 
ILE HB   H  N N 147 
ILE HG12 H  N N 148 
ILE HG13 H  N N 149 
ILE HG21 H  N N 150 
ILE HG22 H  N N 151 
ILE HG23 H  N N 152 
ILE HD11 H  N N 153 
ILE HD12 H  N N 154 
ILE HD13 H  N N 155 
ILE HXT  H  N N 156 
LEU N    N  N N 157 
LEU CA   C  N S 158 
LEU C    C  N N 159 
LEU O    O  N N 160 
LEU CB   C  N N 161 
LEU CG   C  N N 162 
LEU CD1  C  N N 163 
LEU CD2  C  N N 164 
LEU OXT  O  N N 165 
LEU H    H  N N 166 
LEU H2   H  N N 167 
LEU HA   H  N N 168 
LEU HB2  H  N N 169 
LEU HB3  H  N N 170 
LEU HG   H  N N 171 
LEU HD11 H  N N 172 
LEU HD12 H  N N 173 
LEU HD13 H  N N 174 
LEU HD21 H  N N 175 
LEU HD22 H  N N 176 
LEU HD23 H  N N 177 
LEU HXT  H  N N 178 
LYS N    N  N N 179 
LYS CA   C  N S 180 
LYS C    C  N N 181 
LYS O    O  N N 182 
LYS CB   C  N N 183 
LYS CG   C  N N 184 
LYS CD   C  N N 185 
LYS CE   C  N N 186 
LYS NZ   N  N N 187 
LYS OXT  O  N N 188 
LYS H    H  N N 189 
LYS H2   H  N N 190 
LYS HA   H  N N 191 
LYS HB2  H  N N 192 
LYS HB3  H  N N 193 
LYS HG2  H  N N 194 
LYS HG3  H  N N 195 
LYS HD2  H  N N 196 
LYS HD3  H  N N 197 
LYS HE2  H  N N 198 
LYS HE3  H  N N 199 
LYS HZ1  H  N N 200 
LYS HZ2  H  N N 201 
LYS HZ3  H  N N 202 
LYS HXT  H  N N 203 
MPD C1   C  N N 204 
MPD C2   C  N N 205 
MPD O2   O  N N 206 
MPD CM   C  N N 207 
MPD C3   C  N N 208 
MPD C4   C  N S 209 
MPD O4   O  N N 210 
MPD C5   C  N N 211 
MPD H11  H  N N 212 
MPD H12  H  N N 213 
MPD H13  H  N N 214 
MPD HO2  H  N N 215 
MPD HM1  H  N N 216 
MPD HM2  H  N N 217 
MPD HM3  H  N N 218 
MPD H31  H  N N 219 
MPD H32  H  N N 220 
MPD H4   H  N N 221 
MPD HO4  H  N N 222 
MPD H51  H  N N 223 
MPD H52  H  N N 224 
MPD H53  H  N N 225 
MRD C1   C  N N 226 
MRD C2   C  N N 227 
MRD O2   O  N N 228 
MRD CM   C  N N 229 
MRD C3   C  N N 230 
MRD C4   C  N R 231 
MRD O4   O  N N 232 
MRD C5   C  N N 233 
MRD H1C1 H  N N 234 
MRD H1C2 H  N N 235 
MRD H1C3 H  N N 236 
MRD H2   H  N N 237 
MRD HMC1 H  N N 238 
MRD HMC2 H  N N 239 
MRD HMC3 H  N N 240 
MRD H3C1 H  N N 241 
MRD H3C2 H  N N 242 
MRD H4   H  N N 243 
MRD HA   H  N N 244 
MRD H5C1 H  N N 245 
MRD H5C2 H  N N 246 
MRD H5C3 H  N N 247 
PHE N    N  N N 248 
PHE CA   C  N S 249 
PHE C    C  N N 250 
PHE O    O  N N 251 
PHE CB   C  N N 252 
PHE CG   C  Y N 253 
PHE CD1  C  Y N 254 
PHE CD2  C  Y N 255 
PHE CE1  C  Y N 256 
PHE CE2  C  Y N 257 
PHE CZ   C  Y N 258 
PHE OXT  O  N N 259 
PHE H    H  N N 260 
PHE H2   H  N N 261 
PHE HA   H  N N 262 
PHE HB2  H  N N 263 
PHE HB3  H  N N 264 
PHE HD1  H  N N 265 
PHE HD2  H  N N 266 
PHE HE1  H  N N 267 
PHE HE2  H  N N 268 
PHE HZ   H  N N 269 
PHE HXT  H  N N 270 
PRO N    N  N N 271 
PRO CA   C  N S 272 
PRO C    C  N N 273 
PRO O    O  N N 274 
PRO CB   C  N N 275 
PRO CG   C  N N 276 
PRO CD   C  N N 277 
PRO OXT  O  N N 278 
PRO H    H  N N 279 
PRO HA   H  N N 280 
PRO HB2  H  N N 281 
PRO HB3  H  N N 282 
PRO HG2  H  N N 283 
PRO HG3  H  N N 284 
PRO HD2  H  N N 285 
PRO HD3  H  N N 286 
PRO HXT  H  N N 287 
SER N    N  N N 288 
SER CA   C  N S 289 
SER C    C  N N 290 
SER O    O  N N 291 
SER CB   C  N N 292 
SER OG   O  N N 293 
SER OXT  O  N N 294 
SER H    H  N N 295 
SER H2   H  N N 296 
SER HA   H  N N 297 
SER HB2  H  N N 298 
SER HB3  H  N N 299 
SER HG   H  N N 300 
SER HXT  H  N N 301 
THR N    N  N N 302 
THR CA   C  N S 303 
THR C    C  N N 304 
THR O    O  N N 305 
THR CB   C  N R 306 
THR OG1  O  N N 307 
THR CG2  C  N N 308 
THR OXT  O  N N 309 
THR H    H  N N 310 
THR H2   H  N N 311 
THR HA   H  N N 312 
THR HB   H  N N 313 
THR HG1  H  N N 314 
THR HG21 H  N N 315 
THR HG22 H  N N 316 
THR HG23 H  N N 317 
THR HXT  H  N N 318 
TRP N    N  N N 319 
TRP CA   C  N S 320 
TRP C    C  N N 321 
TRP O    O  N N 322 
TRP CB   C  N N 323 
TRP CG   C  Y N 324 
TRP CD1  C  Y N 325 
TRP CD2  C  Y N 326 
TRP NE1  N  Y N 327 
TRP CE2  C  Y N 328 
TRP CE3  C  Y N 329 
TRP CZ2  C  Y N 330 
TRP CZ3  C  Y N 331 
TRP CH2  C  Y N 332 
TRP OXT  O  N N 333 
TRP H    H  N N 334 
TRP H2   H  N N 335 
TRP HA   H  N N 336 
TRP HB2  H  N N 337 
TRP HB3  H  N N 338 
TRP HD1  H  N N 339 
TRP HE1  H  N N 340 
TRP HE3  H  N N 341 
TRP HZ2  H  N N 342 
TRP HZ3  H  N N 343 
TRP HH2  H  N N 344 
TRP HXT  H  N N 345 
TYR N    N  N N 346 
TYR CA   C  N S 347 
TYR C    C  N N 348 
TYR O    O  N N 349 
TYR CB   C  N N 350 
TYR CG   C  Y N 351 
TYR CD1  C  Y N 352 
TYR CD2  C  Y N 353 
TYR CE1  C  Y N 354 
TYR CE2  C  Y N 355 
TYR CZ   C  Y N 356 
TYR OH   O  N N 357 
TYR OXT  O  N N 358 
TYR H    H  N N 359 
TYR H2   H  N N 360 
TYR HA   H  N N 361 
TYR HB2  H  N N 362 
TYR HB3  H  N N 363 
TYR HD1  H  N N 364 
TYR HD2  H  N N 365 
TYR HE1  H  N N 366 
TYR HE2  H  N N 367 
TYR HH   H  N N 368 
TYR HXT  H  N N 369 
VAL N    N  N N 370 
VAL CA   C  N S 371 
VAL C    C  N N 372 
VAL O    O  N N 373 
VAL CB   C  N N 374 
VAL CG1  C  N N 375 
VAL CG2  C  N N 376 
VAL OXT  O  N N 377 
VAL H    H  N N 378 
VAL H2   H  N N 379 
VAL HA   H  N N 380 
VAL HB   H  N N 381 
VAL HG11 H  N N 382 
VAL HG12 H  N N 383 
VAL HG13 H  N N 384 
VAL HG21 H  N N 385 
VAL HG22 H  N N 386 
VAL HG23 H  N N 387 
VAL HXT  H  N N 388 
# 
loop_
_chem_comp_bond.comp_id 
_chem_comp_bond.atom_id_1 
_chem_comp_bond.atom_id_2 
_chem_comp_bond.value_order 
_chem_comp_bond.pdbx_aromatic_flag 
_chem_comp_bond.pdbx_stereo_config 
_chem_comp_bond.pdbx_ordinal 
ALA N   CA   sing N N 1   
ALA N   H    sing N N 2   
ALA N   H2   sing N N 3   
ALA CA  C    sing N N 4   
ALA CA  CB   sing N N 5   
ALA CA  HA   sing N N 6   
ALA C   O    doub N N 7   
ALA C   OXT  sing N N 8   
ALA CB  HB1  sing N N 9   
ALA CB  HB2  sing N N 10  
ALA CB  HB3  sing N N 11  
ALA OXT HXT  sing N N 12  
ASN N   CA   sing N N 13  
ASN N   H    sing N N 14  
ASN N   H2   sing N N 15  
ASN CA  C    sing N N 16  
ASN CA  CB   sing N N 17  
ASN CA  HA   sing N N 18  
ASN C   O    doub N N 19  
ASN C   OXT  sing N N 20  
ASN CB  CG   sing N N 21  
ASN CB  HB2  sing N N 22  
ASN CB  HB3  sing N N 23  
ASN CG  OD1  doub N N 24  
ASN CG  ND2  sing N N 25  
ASN ND2 HD21 sing N N 26  
ASN ND2 HD22 sing N N 27  
ASN OXT HXT  sing N N 28  
ASP N   CA   sing N N 29  
ASP N   H    sing N N 30  
ASP N   H2   sing N N 31  
ASP CA  C    sing N N 32  
ASP CA  CB   sing N N 33  
ASP CA  HA   sing N N 34  
ASP C   O    doub N N 35  
ASP C   OXT  sing N N 36  
ASP CB  CG   sing N N 37  
ASP CB  HB2  sing N N 38  
ASP CB  HB3  sing N N 39  
ASP CG  OD1  doub N N 40  
ASP CG  OD2  sing N N 41  
ASP OD2 HD2  sing N N 42  
ASP OXT HXT  sing N N 43  
CYS N   CA   sing N N 44  
CYS N   H    sing N N 45  
CYS N   H2   sing N N 46  
CYS CA  C    sing N N 47  
CYS CA  CB   sing N N 48  
CYS CA  HA   sing N N 49  
CYS C   O    doub N N 50  
CYS C   OXT  sing N N 51  
CYS CB  SG   sing N N 52  
CYS CB  HB2  sing N N 53  
CYS CB  HB3  sing N N 54  
CYS SG  HG   sing N N 55  
CYS OXT HXT  sing N N 56  
GLN N   CA   sing N N 57  
GLN N   H    sing N N 58  
GLN N   H2   sing N N 59  
GLN CA  C    sing N N 60  
GLN CA  CB   sing N N 61  
GLN CA  HA   sing N N 62  
GLN C   O    doub N N 63  
GLN C   OXT  sing N N 64  
GLN CB  CG   sing N N 65  
GLN CB  HB2  sing N N 66  
GLN CB  HB3  sing N N 67  
GLN CG  CD   sing N N 68  
GLN CG  HG2  sing N N 69  
GLN CG  HG3  sing N N 70  
GLN CD  OE1  doub N N 71  
GLN CD  NE2  sing N N 72  
GLN NE2 HE21 sing N N 73  
GLN NE2 HE22 sing N N 74  
GLN OXT HXT  sing N N 75  
GLU N   CA   sing N N 76  
GLU N   H    sing N N 77  
GLU N   H2   sing N N 78  
GLU CA  C    sing N N 79  
GLU CA  CB   sing N N 80  
GLU CA  HA   sing N N 81  
GLU C   O    doub N N 82  
GLU C   OXT  sing N N 83  
GLU CB  CG   sing N N 84  
GLU CB  HB2  sing N N 85  
GLU CB  HB3  sing N N 86  
GLU CG  CD   sing N N 87  
GLU CG  HG2  sing N N 88  
GLU CG  HG3  sing N N 89  
GLU CD  OE1  doub N N 90  
GLU CD  OE2  sing N N 91  
GLU OE2 HE2  sing N N 92  
GLU OXT HXT  sing N N 93  
GLY N   CA   sing N N 94  
GLY N   H    sing N N 95  
GLY N   H2   sing N N 96  
GLY CA  C    sing N N 97  
GLY CA  HA2  sing N N 98  
GLY CA  HA3  sing N N 99  
GLY C   O    doub N N 100 
GLY C   OXT  sing N N 101 
GLY OXT HXT  sing N N 102 
HIS N   CA   sing N N 103 
HIS N   H    sing N N 104 
HIS N   H2   sing N N 105 
HIS CA  C    sing N N 106 
HIS CA  CB   sing N N 107 
HIS CA  HA   sing N N 108 
HIS C   O    doub N N 109 
HIS C   OXT  sing N N 110 
HIS CB  CG   sing N N 111 
HIS CB  HB2  sing N N 112 
HIS CB  HB3  sing N N 113 
HIS CG  ND1  sing Y N 114 
HIS CG  CD2  doub Y N 115 
HIS ND1 CE1  doub Y N 116 
HIS ND1 HD1  sing N N 117 
HIS CD2 NE2  sing Y N 118 
HIS CD2 HD2  sing N N 119 
HIS CE1 NE2  sing Y N 120 
HIS CE1 HE1  sing N N 121 
HIS NE2 HE2  sing N N 122 
HIS OXT HXT  sing N N 123 
HOH O   H1   sing N N 124 
HOH O   H2   sing N N 125 
ILE N   CA   sing N N 126 
ILE N   H    sing N N 127 
ILE N   H2   sing N N 128 
ILE CA  C    sing N N 129 
ILE CA  CB   sing N N 130 
ILE CA  HA   sing N N 131 
ILE C   O    doub N N 132 
ILE C   OXT  sing N N 133 
ILE CB  CG1  sing N N 134 
ILE CB  CG2  sing N N 135 
ILE CB  HB   sing N N 136 
ILE CG1 CD1  sing N N 137 
ILE CG1 HG12 sing N N 138 
ILE CG1 HG13 sing N N 139 
ILE CG2 HG21 sing N N 140 
ILE CG2 HG22 sing N N 141 
ILE CG2 HG23 sing N N 142 
ILE CD1 HD11 sing N N 143 
ILE CD1 HD12 sing N N 144 
ILE CD1 HD13 sing N N 145 
ILE OXT HXT  sing N N 146 
LEU N   CA   sing N N 147 
LEU N   H    sing N N 148 
LEU N   H2   sing N N 149 
LEU CA  C    sing N N 150 
LEU CA  CB   sing N N 151 
LEU CA  HA   sing N N 152 
LEU C   O    doub N N 153 
LEU C   OXT  sing N N 154 
LEU CB  CG   sing N N 155 
LEU CB  HB2  sing N N 156 
LEU CB  HB3  sing N N 157 
LEU CG  CD1  sing N N 158 
LEU CG  CD2  sing N N 159 
LEU CG  HG   sing N N 160 
LEU CD1 HD11 sing N N 161 
LEU CD1 HD12 sing N N 162 
LEU CD1 HD13 sing N N 163 
LEU CD2 HD21 sing N N 164 
LEU CD2 HD22 sing N N 165 
LEU CD2 HD23 sing N N 166 
LEU OXT HXT  sing N N 167 
LYS N   CA   sing N N 168 
LYS N   H    sing N N 169 
LYS N   H2   sing N N 170 
LYS CA  C    sing N N 171 
LYS CA  CB   sing N N 172 
LYS CA  HA   sing N N 173 
LYS C   O    doub N N 174 
LYS C   OXT  sing N N 175 
LYS CB  CG   sing N N 176 
LYS CB  HB2  sing N N 177 
LYS CB  HB3  sing N N 178 
LYS CG  CD   sing N N 179 
LYS CG  HG2  sing N N 180 
LYS CG  HG3  sing N N 181 
LYS CD  CE   sing N N 182 
LYS CD  HD2  sing N N 183 
LYS CD  HD3  sing N N 184 
LYS CE  NZ   sing N N 185 
LYS CE  HE2  sing N N 186 
LYS CE  HE3  sing N N 187 
LYS NZ  HZ1  sing N N 188 
LYS NZ  HZ2  sing N N 189 
LYS NZ  HZ3  sing N N 190 
LYS OXT HXT  sing N N 191 
MPD C1  C2   sing N N 192 
MPD C1  H11  sing N N 193 
MPD C1  H12  sing N N 194 
MPD C1  H13  sing N N 195 
MPD C2  O2   sing N N 196 
MPD C2  CM   sing N N 197 
MPD C2  C3   sing N N 198 
MPD O2  HO2  sing N N 199 
MPD CM  HM1  sing N N 200 
MPD CM  HM2  sing N N 201 
MPD CM  HM3  sing N N 202 
MPD C3  C4   sing N N 203 
MPD C3  H31  sing N N 204 
MPD C3  H32  sing N N 205 
MPD C4  O4   sing N N 206 
MPD C4  C5   sing N N 207 
MPD C4  H4   sing N N 208 
MPD O4  HO4  sing N N 209 
MPD C5  H51  sing N N 210 
MPD C5  H52  sing N N 211 
MPD C5  H53  sing N N 212 
MRD C1  C2   sing N N 213 
MRD C1  H1C1 sing N N 214 
MRD C1  H1C2 sing N N 215 
MRD C1  H1C3 sing N N 216 
MRD C2  O2   sing N N 217 
MRD C2  CM   sing N N 218 
MRD C2  C3   sing N N 219 
MRD O2  H2   sing N N 220 
MRD CM  HMC1 sing N N 221 
MRD CM  HMC2 sing N N 222 
MRD CM  HMC3 sing N N 223 
MRD C3  C4   sing N N 224 
MRD C3  H3C1 sing N N 225 
MRD C3  H3C2 sing N N 226 
MRD C4  O4   sing N N 227 
MRD C4  C5   sing N N 228 
MRD C4  H4   sing N N 229 
MRD O4  HA   sing N N 230 
MRD C5  H5C1 sing N N 231 
MRD C5  H5C2 sing N N 232 
MRD C5  H5C3 sing N N 233 
PHE N   CA   sing N N 234 
PHE N   H    sing N N 235 
PHE N   H2   sing N N 236 
PHE CA  C    sing N N 237 
PHE CA  CB   sing N N 238 
PHE CA  HA   sing N N 239 
PHE C   O    doub N N 240 
PHE C   OXT  sing N N 241 
PHE CB  CG   sing N N 242 
PHE CB  HB2  sing N N 243 
PHE CB  HB3  sing N N 244 
PHE CG  CD1  doub Y N 245 
PHE CG  CD2  sing Y N 246 
PHE CD1 CE1  sing Y N 247 
PHE CD1 HD1  sing N N 248 
PHE CD2 CE2  doub Y N 249 
PHE CD2 HD2  sing N N 250 
PHE CE1 CZ   doub Y N 251 
PHE CE1 HE1  sing N N 252 
PHE CE2 CZ   sing Y N 253 
PHE CE2 HE2  sing N N 254 
PHE CZ  HZ   sing N N 255 
PHE OXT HXT  sing N N 256 
PRO N   CA   sing N N 257 
PRO N   CD   sing N N 258 
PRO N   H    sing N N 259 
PRO CA  C    sing N N 260 
PRO CA  CB   sing N N 261 
PRO CA  HA   sing N N 262 
PRO C   O    doub N N 263 
PRO C   OXT  sing N N 264 
PRO CB  CG   sing N N 265 
PRO CB  HB2  sing N N 266 
PRO CB  HB3  sing N N 267 
PRO CG  CD   sing N N 268 
PRO CG  HG2  sing N N 269 
PRO CG  HG3  sing N N 270 
PRO CD  HD2  sing N N 271 
PRO CD  HD3  sing N N 272 
PRO OXT HXT  sing N N 273 
SER N   CA   sing N N 274 
SER N   H    sing N N 275 
SER N   H2   sing N N 276 
SER CA  C    sing N N 277 
SER CA  CB   sing N N 278 
SER CA  HA   sing N N 279 
SER C   O    doub N N 280 
SER C   OXT  sing N N 281 
SER CB  OG   sing N N 282 
SER CB  HB2  sing N N 283 
SER CB  HB3  sing N N 284 
SER OG  HG   sing N N 285 
SER OXT HXT  sing N N 286 
THR N   CA   sing N N 287 
THR N   H    sing N N 288 
THR N   H2   sing N N 289 
THR CA  C    sing N N 290 
THR CA  CB   sing N N 291 
THR CA  HA   sing N N 292 
THR C   O    doub N N 293 
THR C   OXT  sing N N 294 
THR CB  OG1  sing N N 295 
THR CB  CG2  sing N N 296 
THR CB  HB   sing N N 297 
THR OG1 HG1  sing N N 298 
THR CG2 HG21 sing N N 299 
THR CG2 HG22 sing N N 300 
THR CG2 HG23 sing N N 301 
THR OXT HXT  sing N N 302 
TRP N   CA   sing N N 303 
TRP N   H    sing N N 304 
TRP N   H2   sing N N 305 
TRP CA  C    sing N N 306 
TRP CA  CB   sing N N 307 
TRP CA  HA   sing N N 308 
TRP C   O    doub N N 309 
TRP C   OXT  sing N N 310 
TRP CB  CG   sing N N 311 
TRP CB  HB2  sing N N 312 
TRP CB  HB3  sing N N 313 
TRP CG  CD1  doub Y N 314 
TRP CG  CD2  sing Y N 315 
TRP CD1 NE1  sing Y N 316 
TRP CD1 HD1  sing N N 317 
TRP CD2 CE2  doub Y N 318 
TRP CD2 CE3  sing Y N 319 
TRP NE1 CE2  sing Y N 320 
TRP NE1 HE1  sing N N 321 
TRP CE2 CZ2  sing Y N 322 
TRP CE3 CZ3  doub Y N 323 
TRP CE3 HE3  sing N N 324 
TRP CZ2 CH2  doub Y N 325 
TRP CZ2 HZ2  sing N N 326 
TRP CZ3 CH2  sing Y N 327 
TRP CZ3 HZ3  sing N N 328 
TRP CH2 HH2  sing N N 329 
TRP OXT HXT  sing N N 330 
TYR N   CA   sing N N 331 
TYR N   H    sing N N 332 
TYR N   H2   sing N N 333 
TYR CA  C    sing N N 334 
TYR CA  CB   sing N N 335 
TYR CA  HA   sing N N 336 
TYR C   O    doub N N 337 
TYR C   OXT  sing N N 338 
TYR CB  CG   sing N N 339 
TYR CB  HB2  sing N N 340 
TYR CB  HB3  sing N N 341 
TYR CG  CD1  doub Y N 342 
TYR CG  CD2  sing Y N 343 
TYR CD1 CE1  sing Y N 344 
TYR CD1 HD1  sing N N 345 
TYR CD2 CE2  doub Y N 346 
TYR CD2 HD2  sing N N 347 
TYR CE1 CZ   doub Y N 348 
TYR CE1 HE1  sing N N 349 
TYR CE2 CZ   sing Y N 350 
TYR CE2 HE2  sing N N 351 
TYR CZ  OH   sing N N 352 
TYR OH  HH   sing N N 353 
TYR OXT HXT  sing N N 354 
VAL N   CA   sing N N 355 
VAL N   H    sing N N 356 
VAL N   H2   sing N N 357 
VAL CA  C    sing N N 358 
VAL CA  CB   sing N N 359 
VAL CA  HA   sing N N 360 
VAL C   O    doub N N 361 
VAL C   OXT  sing N N 362 
VAL CB  CG1  sing N N 363 
VAL CB  CG2  sing N N 364 
VAL CB  HB   sing N N 365 
VAL CG1 HG11 sing N N 366 
VAL CG1 HG12 sing N N 367 
VAL CG1 HG13 sing N N 368 
VAL CG2 HG21 sing N N 369 
VAL CG2 HG22 sing N N 370 
VAL CG2 HG23 sing N N 371 
VAL OXT HXT  sing N N 372 
# 
_atom_sites.entry_id                    2MCM 
_atom_sites.fract_transf_matrix[1][1]   -0.00462774 
_atom_sites.fract_transf_matrix[1][2]   -0.02734800 
_atom_sites.fract_transf_matrix[1][3]   0.00341797 
_atom_sites.fract_transf_matrix[2][1]   0.02739826 
_atom_sites.fract_transf_matrix[2][2]   -0.00509283 
_atom_sites.fract_transf_matrix[2][3]   -0.00365320 
_atom_sites.fract_transf_matrix[3][1]   0.00319082 
_atom_sites.fract_transf_matrix[3][2]   -0.00177829 
_atom_sites.fract_transf_matrix[3][3]   0.02640957 
_atom_sites.fract_transf_vector[1]      0.412701 
_atom_sites.fract_transf_vector[2]      0.325497 
_atom_sites.fract_transf_vector[3]      0.223936 
# 
_atom_sites_footnote.id     1 
_atom_sites_footnote.text   'RESIDUE PRO 8 IS A CIS PROLINE.' 
# 
loop_
_atom_type.symbol 
C  
CA 
N  
O  
S  
# 
loop_
_atom_site.group_PDB 
_atom_site.id 
_atom_site.type_symbol 
_atom_site.label_atom_id 
_atom_site.label_alt_id 
_atom_site.label_comp_id 
_atom_site.label_asym_id 
_atom_site.label_entity_id 
_atom_site.label_seq_id 
_atom_site.pdbx_PDB_ins_code 
_atom_site.Cartn_x 
_atom_site.Cartn_y 
_atom_site.Cartn_z 
_atom_site.occupancy 
_atom_site.B_iso_or_equiv 
_atom_site.pdbx_formal_charge 
_atom_site.auth_seq_id 
_atom_site.auth_comp_id 
_atom_site.auth_asym_id 
_atom_site.auth_atom_id 
_atom_site.pdbx_PDB_model_num 
ATOM   1   N  N   . ALA A 1 1   ? -0.012  -16.513 -7.761  1.00 27.79 ? 1   ALA A N   1 
ATOM   2   C  CA  . ALA A 1 1   ? -1.055  -15.546 -8.255  1.00 28.40 ? 1   ALA A CA  1 
ATOM   3   C  C   . ALA A 1 1   ? -1.438  -14.554 -7.162  1.00 26.68 ? 1   ALA A C   1 
ATOM   4   O  O   . ALA A 1 1   ? -2.339  -14.930 -6.362  1.00 27.64 ? 1   ALA A O   1 
ATOM   5   C  CB  . ALA A 1 1   ? -2.307  -16.442 -8.555  1.00 28.21 ? 1   ALA A CB  1 
ATOM   6   N  N   . PRO A 1 2   ? -0.889  -13.355 -7.147  1.00 24.92 ? 2   PRO A N   1 
ATOM   7   C  CA  . PRO A 1 2   ? -1.179  -12.426 -6.050  1.00 22.99 ? 2   PRO A CA  1 
ATOM   8   C  C   . PRO A 1 2   ? -2.600  -12.008 -5.857  1.00 21.52 ? 2   PRO A C   1 
ATOM   9   O  O   . PRO A 1 2   ? -3.314  -11.612 -6.789  1.00 22.82 ? 2   PRO A O   1 
ATOM   10  C  CB  . PRO A 1 2   ? -0.252  -11.219 -6.220  1.00 23.06 ? 2   PRO A CB  1 
ATOM   11  C  CG  . PRO A 1 2   ? 0.740   -11.635 -7.250  1.00 24.81 ? 2   PRO A CG  1 
ATOM   12  C  CD  . PRO A 1 2   ? 0.171   -12.828 -7.997  1.00 25.35 ? 2   PRO A CD  1 
ATOM   13  N  N   . GLY A 1 3   ? -3.002  -12.014 -4.572  1.00 17.62 ? 3   GLY A N   1 
ATOM   14  C  CA  . GLY A 1 3   ? -4.354  -11.543 -4.217  1.00 17.11 ? 3   GLY A CA  1 
ATOM   15  C  C   . GLY A 1 3   ? -4.141  -10.827 -2.824  1.00 15.23 ? 3   GLY A C   1 
ATOM   16  O  O   . GLY A 1 3   ? -3.261  -11.298 -2.098  1.00 14.95 ? 3   GLY A O   1 
ATOM   17  N  N   . VAL A 1 4   ? -4.947  -9.822  -2.632  1.00 14.36 ? 4   VAL A N   1 
ATOM   18  C  CA  . VAL A 1 4   ? -4.770  -9.113  -1.319  1.00 14.64 ? 4   VAL A CA  1 
ATOM   19  C  C   . VAL A 1 4   ? -6.176  -8.777  -0.793  1.00 15.63 ? 4   VAL A C   1 
ATOM   20  O  O   . VAL A 1 4   ? -7.113  -8.527  -1.579  1.00 14.57 ? 4   VAL A O   1 
ATOM   21  C  CB  . VAL A 1 4   ? -3.977  -7.806  -1.542  1.00 15.61 ? 4   VAL A CB  1 
ATOM   22  C  CG1 A VAL A 1 4   ? -4.857  -6.728  -2.154  0.75 15.94 ? 4   VAL A CG1 1 
ATOM   23  C  CG1 B VAL A 1 4   ? -4.104  -6.862  -0.335  0.25 15.23 ? 4   VAL A CG1 1 
ATOM   24  C  CG2 A VAL A 1 4   ? -3.368  -7.320  -0.220  0.75 15.94 ? 4   VAL A CG2 1 
ATOM   25  C  CG2 B VAL A 1 4   ? -2.523  -7.980  -1.904  0.25 15.22 ? 4   VAL A CG2 1 
ATOM   26  N  N   . THR A 1 5   ? -6.278  -8.726  0.499   1.00 13.34 ? 5   THR A N   1 
ATOM   27  C  CA  . THR A 1 5   ? -7.494  -8.303  1.190   1.00 14.01 ? 5   THR A CA  1 
ATOM   28  C  C   . THR A 1 5   ? -7.004  -7.279  2.256   1.00 12.96 ? 5   THR A C   1 
ATOM   29  O  O   . THR A 1 5   ? -5.940  -7.528  2.822   1.00 13.83 ? 5   THR A O   1 
ATOM   30  C  CB  . THR A 1 5   ? -8.120  -9.571  1.899   1.00 15.85 ? 5   THR A CB  1 
ATOM   31  O  OG1 A THR A 1 5   ? -9.480  -9.035  2.213   0.50 17.12 ? 5   THR A OG1 1 
ATOM   32  O  OG1 B THR A 1 5   ? -8.924  -10.253 0.886   0.50 16.21 ? 5   THR A OG1 1 
ATOM   33  C  CG2 A THR A 1 5   ? -7.422  -10.063 3.115   0.50 14.97 ? 5   THR A CG2 1 
ATOM   34  C  CG2 B THR A 1 5   ? -8.756  -9.405  3.237   0.50 15.98 ? 5   THR A CG2 1 
ATOM   35  N  N   . VAL A 1 6   ? -7.681  -6.190  2.365   1.00 11.00 ? 6   VAL A N   1 
ATOM   36  C  CA  . VAL A 1 6   ? -7.351  -5.140  3.396   1.00 11.23 ? 6   VAL A CA  1 
ATOM   37  C  C   . VAL A 1 6   ? -8.560  -5.065  4.323   1.00 14.04 ? 6   VAL A C   1 
ATOM   38  O  O   . VAL A 1 6   ? -9.676  -4.866  3.820   1.00 13.34 ? 6   VAL A O   1 
ATOM   39  C  CB  . VAL A 1 6   ? -7.070  -3.843  2.718   1.00 11.32 ? 6   VAL A CB  1 
ATOM   40  C  CG1 . VAL A 1 6   ? -6.804  -2.693  3.736   1.00 12.37 ? 6   VAL A CG1 1 
ATOM   41  C  CG2 . VAL A 1 6   ? -5.918  -3.874  1.718   1.00 12.09 ? 6   VAL A CG2 1 
ATOM   42  N  N   . THR A 1 7   ? -8.290  -5.243  5.630   1.00 12.87 ? 7   THR A N   1 
ATOM   43  C  CA  . THR A 1 7   ? -9.433  -5.214  6.570   1.00 15.71 ? 7   THR A CA  1 
ATOM   44  C  C   . THR A 1 7   ? -9.172  -4.322  7.771   1.00 14.63 ? 7   THR A C   1 
ATOM   45  O  O   . THR A 1 7   ? -8.125  -4.522  8.381   1.00 15.00 ? 7   THR A O   1 
ATOM   46  C  CB  . THR A 1 7   ? -9.554  -6.694  7.173   1.00 17.79 ? 7   THR A CB  1 
ATOM   47  O  OG1 . THR A 1 7   ? -9.718  -7.603  6.057   1.00 20.73 ? 7   THR A OG1 1 
ATOM   48  C  CG2 . THR A 1 7   ? -10.737 -6.750  8.142   1.00 20.09 ? 7   THR A CG2 1 
ATOM   49  N  N   . PRO A 1 8   ? -10.022 -3.378  8.063   1.00 13.61 ? 8   PRO A N   1 
ATOM   50  C  CA  . PRO A 1 8   ? -11.213 -3.019  7.296   1.00 12.03 ? 8   PRO A CA  1 
ATOM   51  C  C   . PRO A 1 8   ? -10.721 -2.190  6.084   1.00 12.45 ? 8   PRO A C   1 
ATOM   52  O  O   . PRO A 1 8   ? -9.535  -1.781  6.048   1.00 11.24 ? 8   PRO A O   1 
ATOM   53  C  CB  . PRO A 1 8   ? -12.023 -2.088  8.210   1.00 14.85 ? 8   PRO A CB  1 
ATOM   54  C  CG  . PRO A 1 8   ? -11.119 -1.689  9.321   1.00 15.48 ? 8   PRO A CG  1 
ATOM   55  C  CD  . PRO A 1 8   ? -9.824  -2.505  9.257   1.00 14.54 ? 8   PRO A CD  1 
ATOM   56  N  N   . ALA A 1 9   ? -11.603 -1.958  5.112   1.00 12.65 ? 9   ALA A N   1 
ATOM   57  C  CA  . ALA A 1 9   ? -11.155 -1.145  3.942   1.00 12.17 ? 9   ALA A CA  1 
ATOM   58  C  C   . ALA A 1 9   ? -12.026 0.066   3.705   1.00 12.76 ? 9   ALA A C   1 
ATOM   59  O  O   . ALA A 1 9   ? -11.680 0.892   2.830   1.00 14.39 ? 9   ALA A O   1 
ATOM   60  C  CB  . ALA A 1 9   ? -11.223 -2.031  2.672   1.00 14.15 ? 9   ALA A CB  1 
ATOM   61  N  N   . THR A 1 10  ? -13.128 0.314   4.400   1.00 13.34 ? 10  THR A N   1 
ATOM   62  C  CA  . THR A 1 10  ? -14.021 1.466   4.185   1.00 14.22 ? 10  THR A CA  1 
ATOM   63  C  C   . THR A 1 10  ? -14.385 2.152   5.524   1.00 12.53 ? 10  THR A C   1 
ATOM   64  O  O   . THR A 1 10  ? -14.305 1.433   6.527   1.00 14.20 ? 10  THR A O   1 
ATOM   65  C  CB  . THR A 1 10  ? -15.404 0.983   3.539   1.00 16.45 ? 10  THR A CB  1 
ATOM   66  O  OG1 . THR A 1 10  ? -15.923 -0.061  4.433   1.00 19.20 ? 10  THR A OG1 1 
ATOM   67  C  CG2 . THR A 1 10  ? -15.188 0.405   2.133   1.00 18.99 ? 10  THR A CG2 1 
ATOM   68  N  N   . GLY A 1 11  ? -14.763 3.398   5.419   1.00 13.24 ? 11  GLY A N   1 
ATOM   69  C  CA  . GLY A 1 11  ? -15.136 4.212   6.594   1.00 13.76 ? 11  GLY A CA  1 
ATOM   70  C  C   . GLY A 1 11  ? -13.919 4.320   7.530   1.00 14.77 ? 11  GLY A C   1 
ATOM   71  O  O   . GLY A 1 11  ? -14.126 4.336   8.779   1.00 13.95 ? 11  GLY A O   1 
ATOM   72  N  N   . LEU A 1 12  ? -12.717 4.330   6.988   1.00 12.13 ? 12  LEU A N   1 
ATOM   73  C  CA  . LEU A 1 12  ? -11.533 4.361   7.896   1.00 10.47 ? 12  LEU A CA  1 
ATOM   74  C  C   . LEU A 1 12  ? -11.371 5.750   8.462   1.00 10.10 ? 12  LEU A C   1 
ATOM   75  O  O   . LEU A 1 12  ? -11.762 6.792   7.993   1.00 11.80 ? 12  LEU A O   1 
ATOM   76  C  CB  . LEU A 1 12  ? -10.312 4.030   6.935   1.00 11.07 ? 12  LEU A CB  1 
ATOM   77  C  CG  . LEU A 1 12  ? -10.361 2.650   6.329   1.00 10.65 ? 12  LEU A CG  1 
ATOM   78  C  CD1 . LEU A 1 12  ? -9.136  2.435   5.451   1.00 10.34 ? 12  LEU A CD1 1 
ATOM   79  C  CD2 . LEU A 1 12  ? -10.403 1.489   7.368   1.00 12.51 ? 12  LEU A CD2 1 
ATOM   80  N  N   . SER A 1 13  ? -10.606 5.672   9.633   1.00 11.53 ? 13  SER A N   1 
ATOM   81  C  CA  . SER A 1 13  ? -10.246 6.924   10.310  1.00 11.65 ? 13  SER A CA  1 
ATOM   82  C  C   . SER A 1 13  ? -8.793  7.264   9.963   1.00 11.11 ? 13  SER A C   1 
ATOM   83  O  O   . SER A 1 13  ? -8.020  6.333   9.649   1.00 11.64 ? 13  SER A O   1 
ATOM   84  C  CB  . SER A 1 13  ? -10.168 6.634   11.849  1.00 12.10 ? 13  SER A CB  1 
ATOM   85  O  OG  A SER A 1 13  ? -11.439 6.232   12.311  0.80 14.13 ? 13  SER A OG  1 
ATOM   86  O  OG  B SER A 1 13  ? -10.207 7.906   12.488  0.20 12.54 ? 13  SER A OG  1 
ATOM   87  N  N   . ASN A 1 14  ? -8.402  8.483   10.128  1.00 11.63 ? 14  ASN A N   1 
ATOM   88  C  CA  . ASN A 1 14  ? -7.028  8.944   9.970   1.00 11.81 ? 14  ASN A CA  1 
ATOM   89  C  C   . ASN A 1 14  ? -6.214  8.282   11.103  1.00 11.78 ? 14  ASN A C   1 
ATOM   90  O  O   . ASN A 1 14  ? -6.665  8.372   12.292  1.00 12.86 ? 14  ASN A O   1 
ATOM   91  C  CB  . ASN A 1 14  ? -6.989  10.481  10.095  1.00 12.82 ? 14  ASN A CB  1 
ATOM   92  C  CG  . ASN A 1 14  ? -5.579  10.950  9.896   1.00 14.39 ? 14  ASN A CG  1 
ATOM   93  O  OD1 . ASN A 1 14  ? -4.873  10.617  8.928   1.00 14.92 ? 14  ASN A OD1 1 
ATOM   94  N  ND2 . ASN A 1 14  ? -5.097  11.818  10.801  1.00 15.93 ? 14  ASN A ND2 1 
ATOM   95  N  N   . GLY A 1 15  ? -5.146  7.583   10.817  1.00 10.03 ? 15  GLY A N   1 
ATOM   96  C  CA  . GLY A 1 15  ? -4.317  6.980   11.858  1.00 9.46  ? 15  GLY A CA  1 
ATOM   97  C  C   . GLY A 1 15  ? -4.745  5.632   12.281  1.00 9.44  ? 15  GLY A C   1 
ATOM   98  O  O   . GLY A 1 15  ? -4.375  5.024   13.327  1.00 10.38 ? 15  GLY A O   1 
ATOM   99  N  N   . GLN A 1 16  ? -5.662  5.005   11.524  1.00 8.93  ? 16  GLN A N   1 
ATOM   100 C  CA  . GLN A 1 16  ? -6.188  3.681   11.775  1.00 9.18  ? 16  GLN A CA  1 
ATOM   101 C  C   . GLN A 1 16  ? -5.269  2.565   11.312  1.00 8.66  ? 16  GLN A C   1 
ATOM   102 O  O   . GLN A 1 16  ? -4.627  2.725   10.185  1.00 9.73  ? 16  GLN A O   1 
ATOM   103 C  CB  . GLN A 1 16  ? -7.565  3.436   11.057  1.00 8.67  ? 16  GLN A CB  1 
ATOM   104 C  CG  . GLN A 1 16  ? -8.218  2.134   11.503  1.00 9.26  ? 16  GLN A CG  1 
ATOM   105 C  CD  . GLN A 1 16  ? -9.731  2.154   11.199  1.00 8.79  ? 16  GLN A CD  1 
ATOM   106 O  OE1 . GLN A 1 16  ? -10.193 3.147   10.677  1.00 11.89 ? 16  GLN A OE1 1 
ATOM   107 N  NE2 . GLN A 1 16  ? -10.456 1.130   11.592  1.00 12.05 ? 16  GLN A NE2 1 
ATOM   108 N  N   . THR A 1 17  ? -5.124  1.505   12.011  1.00 9.18  ? 17  THR A N   1 
ATOM   109 C  CA  . THR A 1 17  ? -4.279  0.386   11.602  1.00 9.40  ? 17  THR A CA  1 
ATOM   110 C  C   . THR A 1 17  ? -5.150  -0.572  10.803  1.00 11.69 ? 17  THR A C   1 
ATOM   111 O  O   . THR A 1 17  ? -6.205  -0.957  11.331  1.00 12.11 ? 17  THR A O   1 
ATOM   112 C  CB  . THR A 1 17  ? -3.706  -0.438  12.841  1.00 11.73 ? 17  THR A CB  1 
ATOM   113 O  OG1 . THR A 1 17  ? -2.859  0.509   13.514  1.00 12.61 ? 17  THR A OG1 1 
ATOM   114 C  CG2 . THR A 1 17  ? -2.844  -1.632  12.350  1.00 13.03 ? 17  THR A CG2 1 
ATOM   115 N  N   . VAL A 1 18  ? -4.699  -0.971  9.604   1.00 9.94  ? 18  VAL A N   1 
ATOM   116 C  CA  . VAL A 1 18  ? -5.527  -1.994  8.867   1.00 10.80 ? 18  VAL A CA  1 
ATOM   117 C  C   . VAL A 1 18  ? -4.655  -3.236  8.711   1.00 9.15  ? 18  VAL A C   1 
ATOM   118 O  O   . VAL A 1 18  ? -3.406  -3.127  8.935   1.00 10.31 ? 18  VAL A O   1 
ATOM   119 C  CB  . VAL A 1 18  ? -5.968  -1.437  7.515   1.00 10.34 ? 18  VAL A CB  1 
ATOM   120 C  CG1 . VAL A 1 18  ? -6.851  -0.199  7.595   1.00 12.46 ? 18  VAL A CG1 1 
ATOM   121 C  CG2 . VAL A 1 18  ? -4.811  -1.185  6.566   1.00 11.71 ? 18  VAL A CG2 1 
ATOM   122 N  N   . THR A 1 19  ? -5.211  -4.375  8.376   1.00 10.08 ? 19  THR A N   1 
ATOM   123 C  CA  . THR A 1 19  ? -4.388  -5.562  8.189   1.00 10.85 ? 19  THR A CA  1 
ATOM   124 C  C   . THR A 1 19  ? -4.371  -5.874  6.652   1.00 10.44 ? 19  THR A C   1 
ATOM   125 O  O   . THR A 1 19  ? -5.503  -5.909  6.131   1.00 11.05 ? 19  THR A O   1 
ATOM   126 C  CB  . THR A 1 19  ? -4.995  -6.786  8.953   1.00 13.33 ? 19  THR A CB  1 
ATOM   127 O  OG1 . THR A 1 19  ? -4.974  -6.406  10.385  1.00 15.64 ? 19  THR A OG1 1 
ATOM   128 C  CG2 . THR A 1 19  ? -4.255  -8.107  8.665   1.00 13.77 ? 19  THR A CG2 1 
ATOM   129 N  N   . VAL A 1 20  ? -3.215  -6.020  6.143   1.00 10.07 ? 20  VAL A N   1 
ATOM   130 C  CA  . VAL A 1 20  ? -3.095  -6.377  4.677   1.00 10.05 ? 20  VAL A CA  1 
ATOM   131 C  C   . VAL A 1 20  ? -2.784  -7.854  4.634   1.00 10.51 ? 20  VAL A C   1 
ATOM   132 O  O   . VAL A 1 20  ? -1.734  -8.260  5.177   1.00 11.99 ? 20  VAL A O   1 
ATOM   133 C  CB  . VAL A 1 20  ? -1.991  -5.554  4.038   1.00 11.26 ? 20  VAL A CB  1 
ATOM   134 C  CG1 . VAL A 1 20  ? -1.822  -5.939  2.533   1.00 12.27 ? 20  VAL A CG1 1 
ATOM   135 C  CG2 . VAL A 1 20  ? -2.202  -4.067  4.156   1.00 11.76 ? 20  VAL A CG2 1 
ATOM   136 N  N   . SER A 1 21  ? -3.591  -8.694  4.047   1.00 10.78 ? 21  SER A N   1 
ATOM   137 C  CA  . SER A 1 21  ? -3.387  -10.140 3.929   1.00 12.49 ? 21  SER A CA  1 
ATOM   138 C  C   . SER A 1 21  ? -3.254  -10.482 2.420   1.00 12.59 ? 21  SER A C   1 
ATOM   139 O  O   . SER A 1 21  ? -4.185  -10.148 1.669   1.00 13.48 ? 21  SER A O   1 
ATOM   140 C  CB  . SER A 1 21  ? -4.516  -11.030 4.414   1.00 16.17 ? 21  SER A CB  1 
ATOM   141 O  OG  . SER A 1 21  ? -4.807  -10.652 5.751   1.00 22.21 ? 21  SER A OG  1 
ATOM   142 N  N   . ALA A 1 22  ? -2.113  -11.081 2.162   1.00 10.83 ? 22  ALA A N   1 
ATOM   143 C  CA  . ALA A 1 22  ? -1.894  -11.431 0.711   1.00 11.87 ? 22  ALA A CA  1 
ATOM   144 C  C   . ALA A 1 22  ? -1.567  -12.880 0.612   1.00 11.73 ? 22  ALA A C   1 
ATOM   145 O  O   . ALA A 1 22  ? -1.016  -13.539 1.504   1.00 12.68 ? 22  ALA A O   1 
ATOM   146 C  CB  . ALA A 1 22  ? -0.777  -10.535 0.201   1.00 11.64 ? 22  ALA A CB  1 
ATOM   147 N  N   . THR A 1 23  ? -1.942  -13.449 -0.555  1.00 12.39 ? 23  THR A N   1 
ATOM   148 C  CA  . THR A 1 23  ? -1.682  -14.852 -0.836  1.00 13.03 ? 23  THR A CA  1 
ATOM   149 C  C   . THR A 1 23  ? -1.224  -14.994 -2.317  1.00 11.99 ? 23  THR A C   1 
ATOM   150 O  O   . THR A 1 23  ? -1.331  -14.028 -3.041  1.00 11.79 ? 23  THR A O   1 
ATOM   151 C  CB  . THR A 1 23  ? -2.997  -15.746 -0.669  1.00 14.38 ? 23  THR A CB  1 
ATOM   152 O  OG1 . THR A 1 23  ? -3.955  -15.131 -1.550  1.00 16.89 ? 23  THR A OG1 1 
ATOM   153 C  CG2 . THR A 1 23  ? -3.423  -15.770 0.816   1.00 16.59 ? 23  THR A CG2 1 
ATOM   154 N  N   . GLY A 1 24  ? -0.659  -16.167 -2.566  1.00 13.06 ? 24  GLY A N   1 
ATOM   155 C  CA  . GLY A 1 24  ? -0.241  -16.430 -3.994  1.00 13.49 ? 24  GLY A CA  1 
ATOM   156 C  C   . GLY A 1 24  ? 1.034   -15.714 -4.312  1.00 13.28 ? 24  GLY A C   1 
ATOM   157 O  O   . GLY A 1 24  ? 1.294   -15.463 -5.527  1.00 15.55 ? 24  GLY A O   1 
ATOM   158 N  N   . LEU A 1 25  ? 1.866   -15.315 -3.333  1.00 12.84 ? 25  LEU A N   1 
ATOM   159 C  CA  . LEU A 1 25  ? 3.109   -14.624 -3.637  1.00 12.47 ? 25  LEU A CA  1 
ATOM   160 C  C   . LEU A 1 25  ? 4.251   -15.626 -3.790  1.00 12.93 ? 25  LEU A C   1 
ATOM   161 O  O   . LEU A 1 25  ? 4.092   -16.861 -3.589  1.00 14.02 ? 25  LEU A O   1 
ATOM   162 C  CB  . LEU A 1 25  ? 3.441   -13.709 -2.366  1.00 11.80 ? 25  LEU A CB  1 
ATOM   163 C  CG  . LEU A 1 25  ? 2.307   -12.768 -1.988  1.00 11.95 ? 25  LEU A CG  1 
ATOM   164 C  CD1 . LEU A 1 25  ? 2.736   -11.952 -0.724  1.00 13.95 ? 25  LEU A CD1 1 
ATOM   165 C  CD2 . LEU A 1 25  ? 1.935   -11.844 -3.111  1.00 13.67 ? 25  LEU A CD2 1 
ATOM   166 N  N   . THR A 1 26  ? 5.421   -15.082 -4.088  1.00 12.73 ? 26  THR A N   1 
ATOM   167 C  CA  . THR A 1 26  ? 6.601   -15.969 -4.256  1.00 13.81 ? 26  THR A CA  1 
ATOM   168 C  C   . THR A 1 26  ? 7.400   -16.095 -2.987  1.00 13.45 ? 26  THR A C   1 
ATOM   169 O  O   . THR A 1 26  ? 7.833   -14.989 -2.532  1.00 15.00 ? 26  THR A O   1 
ATOM   170 C  CB  . THR A 1 26  ? 7.488   -15.346 -5.389  1.00 15.36 ? 26  THR A CB  1 
ATOM   171 O  OG1 . THR A 1 26  ? 6.624   -15.248 -6.569  1.00 17.17 ? 26  THR A OG1 1 
ATOM   172 C  CG2 . THR A 1 26  ? 8.758   -16.144 -5.633  1.00 16.26 ? 26  THR A CG2 1 
ATOM   173 N  N   . PRO A 1 27  ? 7.526   -17.265 -2.433  1.00 14.17 ? 27  PRO A N   1 
ATOM   174 C  CA  . PRO A 1 27  ? 8.281   -17.406 -1.162  1.00 14.99 ? 27  PRO A CA  1 
ATOM   175 C  C   . PRO A 1 27  ? 9.643   -16.799 -1.286  1.00 15.71 ? 27  PRO A C   1 
ATOM   176 O  O   . PRO A 1 27  ? 10.368  -17.021 -2.316  1.00 15.96 ? 27  PRO A O   1 
ATOM   177 C  CB  . PRO A 1 27  ? 8.352   -18.917 -0.955  1.00 15.43 ? 27  PRO A CB  1 
ATOM   178 C  CG  . PRO A 1 27  ? 7.088   -19.409 -1.635  1.00 16.14 ? 27  PRO A CG  1 
ATOM   179 C  CD  . PRO A 1 27  ? 6.957   -18.557 -2.898  1.00 15.80 ? 27  PRO A CD  1 
ATOM   180 N  N   . GLY A 1 28  ? 10.080  -16.068 -0.253  1.00 15.16 ? 28  GLY A N   1 
ATOM   181 C  CA  . GLY A 1 28  ? 11.386  -15.449 -0.210  1.00 15.09 ? 28  GLY A CA  1 
ATOM   182 C  C   . GLY A 1 28  ? 11.519  -14.137 -0.876  1.00 14.71 ? 28  GLY A C   1 
ATOM   183 O  O   . GLY A 1 28  ? 12.622  -13.522 -0.786  1.00 16.43 ? 28  GLY A O   1 
ATOM   184 N  N   . THR A 1 29  ? 10.533  -13.628 -1.601  1.00 11.87 ? 29  THR A N   1 
ATOM   185 C  CA  . THR A 1 29  ? 10.640  -12.321 -2.234  1.00 11.67 ? 29  THR A CA  1 
ATOM   186 C  C   . THR A 1 29  ? 10.165  -11.243 -1.202  1.00 10.97 ? 29  THR A C   1 
ATOM   187 O  O   . THR A 1 29  ? 9.237   -11.543 -0.478  1.00 11.27 ? 29  THR A O   1 
ATOM   188 C  CB  . THR A 1 29  ? 9.666   -12.288 -3.489  1.00 12.86 ? 29  THR A CB  1 
ATOM   189 O  OG1 . THR A 1 29  ? 10.253  -13.274 -4.383  1.00 14.90 ? 29  THR A OG1 1 
ATOM   190 C  CG2 . THR A 1 29  ? 9.605   -10.903 -4.104  1.00 12.31 ? 29  THR A CG2 1 
ATOM   191 N  N   . VAL A 1 30  ? 10.825  -10.121 -1.286  1.00 10.44 ? 30  VAL A N   1 
ATOM   192 C  CA  . VAL A 1 30  ? 10.486  -8.989  -0.435  1.00 11.21 ? 30  VAL A CA  1 
ATOM   193 C  C   . VAL A 1 30  ? 9.407   -8.176  -1.131  1.00 10.75 ? 30  VAL A C   1 
ATOM   194 O  O   . VAL A 1 30  ? 9.621   -7.792  -2.305  1.00 11.82 ? 30  VAL A O   1 
ATOM   195 C  CB  . VAL A 1 30  ? 11.736  -8.088  -0.191  1.00 12.91 ? 30  VAL A CB  1 
ATOM   196 C  CG1 . VAL A 1 30  ? 11.312  -6.860  0.635   1.00 15.19 ? 30  VAL A CG1 1 
ATOM   197 C  CG2 . VAL A 1 30  ? 12.861  -8.870  0.483   1.00 14.23 ? 30  VAL A CG2 1 
ATOM   198 N  N   . TYR A 1 31  ? 8.297   -7.911  -0.453  1.00 9.17  ? 31  TYR A N   1 
ATOM   199 C  CA  . TYR A 1 31  ? 7.239   -7.054  -0.961  1.00 8.72  ? 31  TYR A CA  1 
ATOM   200 C  C   . TYR A 1 31  ? 7.171   -5.764  -0.158  1.00 8.67  ? 31  TYR A C   1 
ATOM   201 O  O   . TYR A 1 31  ? 7.319   -5.813  1.112   1.00 10.45 ? 31  TYR A O   1 
ATOM   202 C  CB  . TYR A 1 31  ? 5.889   -7.802  -0.882  1.00 8.74  ? 31  TYR A CB  1 
ATOM   203 C  CG  . TYR A 1 31  ? 5.866   -8.989  -1.837  1.00 8.80  ? 31  TYR A CG  1 
ATOM   204 C  CD1 . TYR A 1 31  ? 6.381   -10.210 -1.494  1.00 8.83  ? 31  TYR A CD1 1 
ATOM   205 C  CD2 . TYR A 1 31  ? 5.383   -8.768  -3.147  1.00 10.19 ? 31  TYR A CD2 1 
ATOM   206 C  CE1 . TYR A 1 31  ? 6.417   -11.332 -2.365  1.00 10.69 ? 31  TYR A CE1 1 
ATOM   207 C  CE2 . TYR A 1 31  ? 5.340   -9.867  -4.014  1.00 10.10 ? 31  TYR A CE2 1 
ATOM   208 C  CZ  . TYR A 1 31  ? 5.875   -11.056 -3.644  1.00 10.37 ? 31  TYR A CZ  1 
ATOM   209 O  OH  . TYR A 1 31  ? 5.913   -12.163 -4.496  1.00 12.50 ? 31  TYR A OH  1 
ATOM   210 N  N   . HIS A 1 32  ? 7.024   -4.641  -0.765  1.00 8.44  ? 32  HIS A N   1 
ATOM   211 C  CA  . HIS A 1 32  ? 6.880   -3.324  -0.159  1.00 8.81  ? 32  HIS A CA  1 
ATOM   212 C  C   . HIS A 1 32  ? 5.403   -3.093  0.065   1.00 10.48 ? 32  HIS A C   1 
ATOM   213 O  O   . HIS A 1 32  ? 4.615   -3.061  -0.890  1.00 10.70 ? 32  HIS A O   1 
ATOM   214 C  CB  . HIS A 1 32  ? 7.423   -2.204  -1.092  1.00 10.52 ? 32  HIS A CB  1 
ATOM   215 C  CG  . HIS A 1 32  ? 8.792   -2.566  -1.607  1.00 12.47 ? 32  HIS A CG  1 
ATOM   216 N  ND1 . HIS A 1 32  ? 9.870   -2.746  -0.765  1.00 13.35 ? 32  HIS A ND1 1 
ATOM   217 C  CD2 . HIS A 1 32  ? 9.230   -2.830  -2.856  1.00 14.07 ? 32  HIS A CD2 1 
ATOM   218 C  CE1 . HIS A 1 32  ? 10.943  -3.124  -1.519  1.00 15.18 ? 32  HIS A CE1 1 
ATOM   219 N  NE2 . HIS A 1 32  ? 10.578  -3.125  -2.807  1.00 15.27 ? 32  HIS A NE2 1 
ATOM   220 N  N   . VAL A 1 33  ? 4.971   -2.956  1.305   1.00 7.59  ? 33  VAL A N   1 
ATOM   221 C  CA  . VAL A 1 33  ? 3.564   -2.736  1.720   1.00 8.39  ? 33  VAL A CA  1 
ATOM   222 C  C   . VAL A 1 33  ? 3.310   -1.295  1.901   1.00 8.81  ? 33  VAL A C   1 
ATOM   223 O  O   . VAL A 1 33  ? 4.174   -0.567  2.581   1.00 9.28  ? 33  VAL A O   1 
ATOM   224 C  CB  . VAL A 1 33  ? 3.332   -3.523  3.035   1.00 8.50  ? 33  VAL A CB  1 
ATOM   225 C  CG1 . VAL A 1 33  ? 1.872   -3.312  3.472   1.00 10.82 ? 33  VAL A CG1 1 
ATOM   226 C  CG2 . VAL A 1 33  ? 3.616   -5.006  2.882   1.00 9.95  ? 33  VAL A CG2 1 
ATOM   227 N  N   . GLY A 1 34  ? 2.307   -0.640  1.335   1.00 6.21  ? 34  GLY A N   1 
ATOM   228 C  CA  . GLY A 1 34  ? 2.165   0.812   1.556   1.00 8.82  ? 34  GLY A CA  1 
ATOM   229 C  C   . GLY A 1 34  ? 0.816   1.343   1.115   1.00 8.55  ? 34  GLY A C   1 
ATOM   230 O  O   . GLY A 1 34  ? 0.003   0.614   0.502   1.00 10.67 ? 34  GLY A O   1 
ATOM   231 N  N   . GLN A 1 35  ? 0.580   2.590   1.440   1.00 7.90  ? 35  GLN A N   1 
ATOM   232 C  CA  . GLN A 1 35  ? -0.645  3.322   1.046   1.00 7.87  ? 35  GLN A CA  1 
ATOM   233 C  C   . GLN A 1 35  ? -0.204  4.245   -0.074  1.00 8.46  ? 35  GLN A C   1 
ATOM   234 O  O   . GLN A 1 35  ? 0.774   4.997   -0.020  1.00 7.85  ? 35  GLN A O   1 
ATOM   235 C  CB  . GLN A 1 35  ? -1.164  4.157   2.252   1.00 9.33  ? 35  GLN A CB  1 
ATOM   236 C  CG  . GLN A 1 35  ? -2.356  5.017   1.901   1.00 8.87  ? 35  GLN A CG  1 
ATOM   237 C  CD  . GLN A 1 35  ? -2.877  5.903   3.019   1.00 9.36  ? 35  GLN A CD  1 
ATOM   238 O  OE1 . GLN A 1 35  ? -2.273  5.869   4.126   1.00 9.57  ? 35  GLN A OE1 1 
ATOM   239 N  NE2 . GLN A 1 35  ? -3.922  6.645   2.741   1.00 8.84  ? 35  GLN A NE2 1 
ATOM   240 N  N   . CYS A 1 36  ? -0.924  4.169   -1.218  1.00 7.84  ? 36  CYS A N   1 
ATOM   241 C  CA  . CYS A 1 36  ? -0.540  4.923   -2.421  1.00 6.99  ? 36  CYS A CA  1 
ATOM   242 C  C   . CYS A 1 36  ? -1.740  5.515   -3.168  1.00 8.99  ? 36  CYS A C   1 
ATOM   243 O  O   . CYS A 1 36  ? -2.871  5.174   -2.831  1.00 9.29  ? 36  CYS A O   1 
ATOM   244 C  CB  . CYS A 1 36  ? 0.147   3.924   -3.397  1.00 8.37  ? 36  CYS A CB  1 
ATOM   245 S  SG  . CYS A 1 36  ? 1.553   2.969   -2.730  1.00 9.89  ? 36  CYS A SG  1 
ATOM   246 N  N   . ALA A 1 37  ? -1.445  6.300   -4.181  1.00 9.57  ? 37  ALA A N   1 
ATOM   247 C  CA  . ALA A 1 37  ? -2.500  6.902   -5.009  1.00 9.77  ? 37  ALA A CA  1 
ATOM   248 C  C   . ALA A 1 37  ? -1.801  7.252   -6.320  1.00 11.95 ? 37  ALA A C   1 
ATOM   249 O  O   . ALA A 1 37  ? -0.611  7.312   -6.391  1.00 10.27 ? 37  ALA A O   1 
ATOM   250 C  CB  . ALA A 1 37  ? -3.029  8.205   -4.392  1.00 10.64 ? 37  ALA A CB  1 
ATOM   251 N  N   . VAL A 1 38  ? -2.656  7.482   -7.337  1.00 13.10 ? 38  VAL A N   1 
ATOM   252 C  CA  . VAL A 1 38  ? -2.096  7.926   -8.646  1.00 15.54 ? 38  VAL A CA  1 
ATOM   253 C  C   . VAL A 1 38  ? -2.029  9.453   -8.532  1.00 16.38 ? 38  VAL A C   1 
ATOM   254 O  O   . VAL A 1 38  ? -3.068  10.150  -8.375  1.00 18.21 ? 38  VAL A O   1 
ATOM   255 C  CB  . VAL A 1 38  ? -3.000  7.431   -9.816  1.00 15.18 ? 38  VAL A CB  1 
ATOM   256 C  CG1 . VAL A 1 38  ? -2.490  8.110   -11.101 1.00 16.34 ? 38  VAL A CG1 1 
ATOM   257 C  CG2 . VAL A 1 38  ? -2.969  5.947   -9.978  1.00 15.73 ? 38  VAL A CG2 1 
ATOM   258 N  N   . VAL A 1 39  ? -0.788  9.948   -8.573  1.00 17.86 ? 39  VAL A N   1 
ATOM   259 C  CA  . VAL A 1 39  ? -0.642  11.417  -8.413  1.00 22.23 ? 39  VAL A CA  1 
ATOM   260 C  C   . VAL A 1 39  ? -0.750  12.076  -9.779  1.00 24.57 ? 39  VAL A C   1 
ATOM   261 O  O   . VAL A 1 39  ? -1.288  13.174  -9.909  1.00 26.86 ? 39  VAL A O   1 
ATOM   262 C  CB  . VAL A 1 39  ? 0.558   11.791  -7.537  1.00 21.33 ? 39  VAL A CB  1 
ATOM   263 C  CG1 . VAL A 1 39  ? 0.268   11.247  -6.107  1.00 21.68 ? 39  VAL A CG1 1 
ATOM   264 C  CG2 . VAL A 1 39  ? 1.897   11.371  -8.008  1.00 21.38 ? 39  VAL A CG2 1 
ATOM   265 N  N   . GLU A 1 40  ? -0.228  11.358  -10.750 1.00 26.80 ? 40  GLU A N   1 
ATOM   266 C  CA  . GLU A 1 40  ? -0.254  11.772  -12.146 1.00 29.53 ? 40  GLU A CA  1 
ATOM   267 C  C   . GLU A 1 40  ? -0.293  10.509  -12.981 1.00 30.25 ? 40  GLU A C   1 
ATOM   268 O  O   . GLU A 1 40  ? 0.360   9.475   -12.705 1.00 29.30 ? 40  GLU A O   1 
ATOM   269 C  CB  . GLU A 1 40  ? 0.937   12.668  -12.499 1.00 30.56 ? 40  GLU A CB  1 
ATOM   270 C  CG  . GLU A 1 40  ? 1.195   13.798  -11.508 1.00 31.63 ? 40  GLU A CG  1 
ATOM   271 C  CD  . GLU A 1 40  ? 1.645   15.142  -11.960 1.00 32.31 ? 40  GLU A CD  1 
ATOM   272 O  OE1 . GLU A 1 40  ? 1.231   15.710  -12.955 1.00 31.80 ? 40  GLU A OE1 1 
ATOM   273 O  OE2 . GLU A 1 40  ? 2.484   15.674  -11.136 1.00 32.04 ? 40  GLU A OE2 1 
ATOM   274 N  N   . PRO A 1 41  ? -1.089  10.633  -14.057 1.00 30.58 ? 41  PRO A N   1 
ATOM   275 C  CA  . PRO A 1 41  ? -1.285  9.485   -14.944 1.00 30.51 ? 41  PRO A CA  1 
ATOM   276 C  C   . PRO A 1 41  ? 0.049   8.830   -15.153 1.00 30.02 ? 41  PRO A C   1 
ATOM   277 O  O   . PRO A 1 41  ? 1.036   9.508   -15.499 1.00 31.36 ? 41  PRO A O   1 
ATOM   278 C  CB  . PRO A 1 41  ? -1.986  10.122  -16.138 1.00 31.28 ? 41  PRO A CB  1 
ATOM   279 C  CG  . PRO A 1 41  ? -2.869  11.189  -15.441 1.00 31.53 ? 41  PRO A CG  1 
ATOM   280 C  CD  . PRO A 1 41  ? -1.933  11.784  -14.393 1.00 31.39 ? 41  PRO A CD  1 
ATOM   281 N  N   . GLY A 1 42  ? 0.118   7.545   -14.862 1.00 30.24 ? 42  GLY A N   1 
ATOM   282 C  CA  . GLY A 1 42  ? 1.317   6.718   -14.975 1.00 28.73 ? 42  GLY A CA  1 
ATOM   283 C  C   . GLY A 1 42  ? 2.289   6.853   -13.803 1.00 28.03 ? 42  GLY A C   1 
ATOM   284 O  O   . GLY A 1 42  ? 3.321   6.108   -13.751 1.00 29.41 ? 42  GLY A O   1 
ATOM   285 N  N   . VAL A 1 43  ? 1.980   7.739   -12.871 1.00 25.79 ? 43  VAL A N   1 
ATOM   286 C  CA  . VAL A 1 43  ? 2.869   7.938   -11.707 1.00 21.91 ? 43  VAL A CA  1 
ATOM   287 C  C   . VAL A 1 43  ? 2.096   7.721   -10.371 1.00 17.09 ? 43  VAL A C   1 
ATOM   288 O  O   . VAL A 1 43  ? 1.181   8.447   -10.041 1.00 18.04 ? 43  VAL A O   1 
ATOM   289 C  CB  . VAL A 1 43  ? 3.403   9.402   -11.715 1.00 23.08 ? 43  VAL A CB  1 
ATOM   290 C  CG1 . VAL A 1 43  ? 4.310   9.655   -10.508 1.00 23.06 ? 43  VAL A CG1 1 
ATOM   291 C  CG2 . VAL A 1 43  ? 4.053   9.788   -13.036 1.00 23.55 ? 43  VAL A CG2 1 
ATOM   292 N  N   . ILE A 1 44  ? 2.585   6.719   -9.706  1.00 15.77 ? 44  ILE A N   1 
ATOM   293 C  CA  . ILE A 1 44  ? 2.048   6.326   -8.372  1.00 14.72 ? 44  ILE A CA  1 
ATOM   294 C  C   . ILE A 1 44  ? 2.958   6.954   -7.293  1.00 13.71 ? 44  ILE A C   1 
ATOM   295 O  O   . ILE A 1 44  ? 4.178   6.941   -7.418  1.00 14.36 ? 44  ILE A O   1 
ATOM   296 C  CB  . ILE A 1 44  ? 2.059   4.792   -8.254  1.00 16.14 ? 44  ILE A CB  1 
ATOM   297 C  CG1 . ILE A 1 44  ? 1.068   4.190   -9.326  1.00 16.25 ? 44  ILE A CG1 1 
ATOM   298 C  CG2 . ILE A 1 44  ? 1.708   4.266   -6.850  1.00 17.10 ? 44  ILE A CG2 1 
ATOM   299 C  CD1 A ILE A 1 44  ? 1.186   2.626   -9.302  0.70 17.22 ? 44  ILE A CD1 1 
ATOM   300 C  CD1 B ILE A 1 44  ? -0.320  4.863   -9.246  0.30 15.90 ? 44  ILE A CD1 1 
ATOM   301 N  N   . GLY A 1 45  ? 2.266   7.540   -6.295  1.00 11.32 ? 45  GLY A N   1 
ATOM   302 C  CA  . GLY A 1 45  ? 3.063   8.113   -5.165  1.00 10.32 ? 45  GLY A CA  1 
ATOM   303 C  C   . GLY A 1 45  ? 2.612   7.383   -3.894  1.00 11.30 ? 45  GLY A C   1 
ATOM   304 O  O   . GLY A 1 45  ? 1.403   7.091   -3.775  1.00 11.11 ? 45  GLY A O   1 
ATOM   305 N  N   . CYS A 1 46  ? 3.449   7.104   -2.916  1.00 8.73  ? 46  CYS A N   1 
ATOM   306 C  CA  . CYS A 1 46  ? 3.056   6.374   -1.702  1.00 9.12  ? 46  CYS A CA  1 
ATOM   307 C  C   . CYS A 1 46  ? 3.612   7.111   -0.440  1.00 9.60  ? 46  CYS A C   1 
ATOM   308 O  O   . CYS A 1 46  ? 4.520   7.929   -0.593  1.00 10.15 ? 46  CYS A O   1 
ATOM   309 C  CB  . CYS A 1 46  ? 3.659   4.974   -1.683  1.00 9.18  ? 46  CYS A CB  1 
ATOM   310 S  SG  . CYS A 1 46  ? 3.243   4.025   -3.197  1.00 10.29 ? 46  CYS A SG  1 
ATOM   311 N  N   . ASP A 1 47  ? 3.117   6.733   0.693   1.00 9.00  ? 47  ASP A N   1 
ATOM   312 C  CA  . ASP A 1 47  ? 3.560   7.303   2.015   1.00 9.48  ? 47  ASP A CA  1 
ATOM   313 C  C   . ASP A 1 47  ? 4.783   6.489   2.425   1.00 10.54 ? 47  ASP A C   1 
ATOM   314 O  O   . ASP A 1 47  ? 4.666   5.362   2.848   1.00 10.61 ? 47  ASP A O   1 
ATOM   315 C  CB  . ASP A 1 47  ? 2.411   7.261   2.995   1.00 8.50  ? 47  ASP A CB  1 
ATOM   316 C  CG  . ASP A 1 47  ? 2.732   8.059   4.290   1.00 11.13 ? 47  ASP A CG  1 
ATOM   317 O  OD1 . ASP A 1 47  ? 3.927   8.373   4.401   1.00 14.84 ? 47  ASP A OD1 1 
ATOM   318 O  OD2 . ASP A 1 47  ? 1.807   8.317   5.036   1.00 13.15 ? 47  ASP A OD2 1 
ATOM   319 N  N   . ALA A 1 48  ? 5.940   7.157   2.375   1.00 11.70 ? 48  ALA A N   1 
ATOM   320 C  CA  . ALA A 1 48  ? 7.170   6.466   2.779   1.00 13.77 ? 48  ALA A CA  1 
ATOM   321 C  C   . ALA A 1 48  ? 7.233   6.392   4.304   1.00 14.95 ? 48  ALA A C   1 
ATOM   322 O  O   . ALA A 1 48  ? 7.981   5.501   4.736   1.00 19.29 ? 48  ALA A O   1 
ATOM   323 C  CB  . ALA A 1 48  ? 8.402   7.225   2.215   1.00 13.95 ? 48  ALA A CB  1 
ATOM   324 N  N   . THR A 1 49  ? 6.482   7.177   5.019   1.00 14.76 ? 49  THR A N   1 
ATOM   325 C  CA  . THR A 1 49  ? 6.591   7.101   6.519   1.00 15.24 ? 49  THR A CA  1 
ATOM   326 C  C   . THR A 1 49  ? 5.908   5.904   7.081   1.00 15.32 ? 49  THR A C   1 
ATOM   327 O  O   . THR A 1 49  ? 6.286   5.450   8.202   1.00 16.01 ? 49  THR A O   1 
ATOM   328 C  CB  . THR A 1 49  ? 6.059   8.432   7.181   1.00 17.06 ? 49  THR A CB  1 
ATOM   329 O  OG1 . THR A 1 49  ? 4.606   8.448   7.092   1.00 18.87 ? 49  THR A OG1 1 
ATOM   330 C  CG2 . THR A 1 49  ? 6.673   9.667   6.511   1.00 19.30 ? 49  THR A CG2 1 
ATOM   331 N  N   . THR A 1 50  ? 4.921   5.329   6.413   1.00 12.00 ? 50  THR A N   1 
ATOM   332 C  CA  . THR A 1 50  ? 4.238   4.189   6.959   1.00 9.85  ? 50  THR A CA  1 
ATOM   333 C  C   . THR A 1 50  ? 4.490   2.864   6.211   1.00 9.36  ? 50  THR A C   1 
ATOM   334 O  O   . THR A 1 50  ? 4.000   1.845   6.607   1.00 10.41 ? 50  THR A O   1 
ATOM   335 C  CB  . THR A 1 50  ? 2.678   4.401   7.071   1.00 10.43 ? 50  THR A CB  1 
ATOM   336 O  OG1 . THR A 1 50  ? 2.276   4.773   5.698   1.00 10.42 ? 50  THR A OG1 1 
ATOM   337 C  CG2 . THR A 1 50  ? 2.265   5.565   8.010   1.00 10.54 ? 50  THR A CG2 1 
ATOM   338 N  N   . SER A 1 51  ? 5.274   2.970   5.132   1.00 9.27  ? 51  SER A N   1 
ATOM   339 C  CA  . SER A 1 51  ? 5.506   1.731   4.338   1.00 9.55  ? 51  SER A CA  1 
ATOM   340 C  C   . SER A 1 51  ? 6.433   0.804   5.054   1.00 11.90 ? 51  SER A C   1 
ATOM   341 O  O   . SER A 1 51  ? 7.219   1.224   5.965   1.00 11.99 ? 51  SER A O   1 
ATOM   342 C  CB  . SER A 1 51  ? 6.053   2.236   3.004   1.00 9.77  ? 51  SER A CB  1 
ATOM   343 O  OG  A SER A 1 51  ? 6.284   1.144   2.160   0.50 12.30 ? 51  SER A OG  1 
ATOM   344 O  OG  B SER A 1 51  ? 7.302   2.811   3.179   0.50 9.61  ? 51  SER A OG  1 
ATOM   345 N  N   . THR A 1 52  ? 6.355   -0.474  4.754   1.00 10.10 ? 52  THR A N   1 
ATOM   346 C  CA  . THR A 1 52  ? 7.211   -1.440  5.411   1.00 10.10 ? 52  THR A CA  1 
ATOM   347 C  C   . THR A 1 52  ? 7.572   -2.556  4.455   1.00 10.84 ? 52  THR A C   1 
ATOM   348 O  O   . THR A 1 52  ? 6.783   -2.722  3.468   1.00 11.69 ? 52  THR A O   1 
ATOM   349 C  CB  . THR A 1 52  ? 6.506   -1.976  6.694   1.00 12.76 ? 52  THR A CB  1 
ATOM   350 O  OG1 . THR A 1 52  ? 7.615   -2.706  7.356   1.00 14.86 ? 52  THR A OG1 1 
ATOM   351 C  CG2 . THR A 1 52  ? 5.323   -2.891  6.401   1.00 12.00 ? 52  THR A CG2 1 
ATOM   352 N  N   . ASP A 1 53  ? 8.571   -3.327  4.680   1.00 9.42  ? 53  ASP A N   1 
ATOM   353 C  CA  . ASP A 1 53  ? 8.960   -4.465  3.795   1.00 9.49  ? 53  ASP A CA  1 
ATOM   354 C  C   . ASP A 1 53  ? 8.705   -5.745  4.494   1.00 9.83  ? 53  ASP A C   1 
ATOM   355 O  O   . ASP A 1 53  ? 9.137   -5.895  5.696   1.00 9.15  ? 53  ASP A O   1 
ATOM   356 C  CB  . ASP A 1 53  ? 10.463  -4.414  3.401   1.00 11.91 ? 53  ASP A CB  1 
ATOM   357 C  CG  . ASP A 1 53  ? 10.741  -3.418  2.322   1.00 15.26 ? 53  ASP A CG  1 
ATOM   358 O  OD1 . ASP A 1 53  ? 9.868   -2.785  1.758   1.00 13.99 ? 53  ASP A OD1 1 
ATOM   359 O  OD2 . ASP A 1 53  ? 11.954  -3.241  2.017   1.00 17.61 ? 53  ASP A OD2 1 
ATOM   360 N  N   . VAL A 1 54  ? 8.105   -6.764  3.869   1.00 9.20  ? 54  VAL A N   1 
ATOM   361 C  CA  . VAL A 1 54  ? 7.891   -8.050  4.440   1.00 8.27  ? 54  VAL A CA  1 
ATOM   362 C  C   . VAL A 1 54  ? 8.283   -9.139  3.430   1.00 10.12 ? 54  VAL A C   1 
ATOM   363 O  O   . VAL A 1 54  ? 7.985   -8.868  2.235   1.00 9.03  ? 54  VAL A O   1 
ATOM   364 C  CB  . VAL A 1 54  ? 6.423   -8.259  4.903   1.00 9.80  ? 54  VAL A CB  1 
ATOM   365 C  CG1 . VAL A 1 54  ? 6.221   -9.571  5.631   1.00 10.86 ? 54  VAL A CG1 1 
ATOM   366 C  CG2 . VAL A 1 54  ? 6.014   -7.087  5.804   1.00 9.74  ? 54  VAL A CG2 1 
ATOM   367 N  N   . THR A 1 55  ? 8.948   -10.146 3.812   1.00 9.50  ? 55  THR A N   1 
ATOM   368 C  CA  . THR A 1 55  ? 9.306   -11.276 2.897   1.00 10.86 ? 55  THR A CA  1 
ATOM   369 C  C   . THR A 1 55  ? 8.238   -12.286 2.966   1.00 10.82 ? 55  THR A C   1 
ATOM   370 O  O   . THR A 1 55  ? 7.714   -12.785 3.999   1.00 12.18 ? 55  THR A O   1 
ATOM   371 C  CB  . THR A 1 55  ? 10.682  -11.863 3.426   1.00 11.80 ? 55  THR A CB  1 
ATOM   372 O  OG1 . THR A 1 55  ? 11.619  -10.803 3.400   1.00 12.75 ? 55  THR A OG1 1 
ATOM   373 C  CG2 . THR A 1 55  ? 11.122  -13.035 2.511   1.00 13.58 ? 55  THR A CG2 1 
ATOM   374 N  N   . ALA A 1 56  ? 7.722   -12.747 1.797   1.00 10.19 ? 56  ALA A N   1 
ATOM   375 C  CA  . ALA A 1 56  ? 6.666   -13.758 1.785   1.00 10.49 ? 56  ALA A CA  1 
ATOM   376 C  C   . ALA A 1 56  ? 7.251   -15.083 2.333   1.00 13.27 ? 56  ALA A C   1 
ATOM   377 O  O   . ALA A 1 56  ? 8.421   -15.417 2.059   1.00 12.72 ? 56  ALA A O   1 
ATOM   378 C  CB  . ALA A 1 56  ? 6.199   -13.982 0.353   1.00 12.40 ? 56  ALA A CB  1 
ATOM   379 N  N   . ASP A 1 57  ? 6.397   -15.799 3.001   1.00 15.10 ? 57  ASP A N   1 
ATOM   380 C  CA  . ASP A 1 57  ? 6.815   -17.072 3.645   1.00 17.84 ? 57  ASP A CA  1 
ATOM   381 C  C   . ASP A 1 57  ? 6.713   -18.245 2.689   1.00 19.50 ? 57  ASP A C   1 
ATOM   382 O  O   . ASP A 1 57  ? 6.373   -18.073 1.507   1.00 19.58 ? 57  ASP A O   1 
ATOM   383 C  CB  . ASP A 1 57  ? 5.988   -17.207 4.933   1.00 19.48 ? 57  ASP A CB  1 
ATOM   384 C  CG  . ASP A 1 57  ? 4.561   -17.505 4.710   1.00 21.06 ? 57  ASP A CG  1 
ATOM   385 O  OD1 . ASP A 1 57  ? 4.024   -17.911 3.627   1.00 19.97 ? 57  ASP A OD1 1 
ATOM   386 O  OD2 . ASP A 1 57  ? 3.812   -17.309 5.760   1.00 23.06 ? 57  ASP A OD2 1 
ATOM   387 N  N   . ALA A 1 58  ? 7.024   -19.455 3.175   1.00 19.58 ? 58  ALA A N   1 
ATOM   388 C  CA  . ALA A 1 58  ? 7.009   -20.669 2.342   1.00 21.36 ? 58  ALA A CA  1 
ATOM   389 C  C   . ALA A 1 58  ? 5.663   -20.956 1.758   1.00 19.98 ? 58  ALA A C   1 
ATOM   390 O  O   . ALA A 1 58  ? 5.669   -21.681 0.682   1.00 22.10 ? 58  ALA A O   1 
ATOM   391 C  CB  . ALA A 1 58  ? 7.597   -21.872 3.076   1.00 23.19 ? 58  ALA A CB  1 
ATOM   392 N  N   . ALA A 1 59  ? 4.577   -20.472 2.286   1.00 18.56 ? 59  ALA A N   1 
ATOM   393 C  CA  . ALA A 1 59  ? 3.230   -20.632 1.786   1.00 18.65 ? 59  ALA A CA  1 
ATOM   394 C  C   . ALA A 1 59  ? 2.779   -19.502 0.826   1.00 17.05 ? 59  ALA A C   1 
ATOM   395 O  O   . ALA A 1 59  ? 1.627   -19.519 0.328   1.00 19.06 ? 59  ALA A O   1 
ATOM   396 C  CB  . ALA A 1 59  ? 2.221   -20.724 2.962   1.00 19.84 ? 59  ALA A CB  1 
ATOM   397 N  N   . GLY A 1 60  ? 3.685   -18.605 0.543   1.00 16.90 ? 60  GLY A N   1 
ATOM   398 C  CA  . GLY A 1 60  ? 3.372   -17.508 -0.376  1.00 14.47 ? 60  GLY A CA  1 
ATOM   399 C  C   . GLY A 1 60  ? 2.427   -16.485 0.239   1.00 12.99 ? 60  GLY A C   1 
ATOM   400 O  O   . GLY A 1 60  ? 1.717   -15.783 -0.484  1.00 13.15 ? 60  GLY A O   1 
ATOM   401 N  N   . LYS A 1 61  ? 2.465   -16.328 1.540   1.00 13.23 ? 61  LYS A N   1 
ATOM   402 C  CA  . LYS A 1 61  ? 1.624   -15.357 2.211   1.00 13.61 ? 61  LYS A CA  1 
ATOM   403 C  C   . LYS A 1 61  ? 2.434   -14.284 2.961   1.00 12.43 ? 61  LYS A C   1 
ATOM   404 O  O   . LYS A 1 61  ? 3.584   -14.422 3.358   1.00 12.86 ? 61  LYS A O   1 
ATOM   405 C  CB  . LYS A 1 61  ? 0.868   -16.112 3.368   1.00 17.54 ? 61  LYS A CB  1 
ATOM   406 C  CG  . LYS A 1 61  ? -0.125  -17.079 2.795   1.00 22.04 ? 61  LYS A CG  1 
ATOM   407 C  CD  . LYS A 1 61  ? -1.082  -17.667 3.843   1.00 26.94 ? 61  LYS A CD  1 
ATOM   408 C  CE  . LYS A 1 61  ? -0.407  -18.905 4.421   1.00 30.11 ? 61  LYS A CE  1 
ATOM   409 N  NZ  . LYS A 1 61  ? 0.211   -18.563 5.767   1.00 32.37 ? 61  LYS A NZ  1 
ATOM   410 N  N   . ILE A 1 62  ? 1.711   -13.203 3.148   1.00 12.34 ? 62  ILE A N   1 
ATOM   411 C  CA  . ILE A 1 62  ? 2.155   -12.089 3.968   1.00 12.60 ? 62  ILE A CA  1 
ATOM   412 C  C   . ILE A 1 62  ? 0.903   -11.594 4.717   1.00 13.58 ? 62  ILE A C   1 
ATOM   413 O  O   . ILE A 1 62  ? -0.188  -11.450 4.123   1.00 13.77 ? 62  ILE A O   1 
ATOM   414 C  CB  . ILE A 1 62  ? 2.737   -10.880 3.172   1.00 11.65 ? 62  ILE A CB  1 
ATOM   415 C  CG1 . ILE A 1 62  ? 4.180   -11.236 2.740   1.00 11.03 ? 62  ILE A CG1 1 
ATOM   416 C  CG2 . ILE A 1 62  ? 2.635   -9.586  4.052   1.00 12.99 ? 62  ILE A CG2 1 
ATOM   417 C  CD1 . ILE A 1 62  ? 4.793   -10.118 1.863   1.00 12.33 ? 62  ILE A CD1 1 
ATOM   418 N  N   . THR A 1 63  ? 1.106   -11.322 6.025   1.00 12.95 ? 63  THR A N   1 
ATOM   419 C  CA  . THR A 1 63  ? -0.017  -10.697 6.789   1.00 12.88 ? 63  THR A CA  1 
ATOM   420 C  C   . THR A 1 63  ? 0.704   -9.523  7.497   1.00 13.58 ? 63  THR A C   1 
ATOM   421 O  O   . THR A 1 63  ? 1.650   -9.881  8.252   1.00 15.70 ? 63  THR A O   1 
ATOM   422 C  CB  . THR A 1 63  ? -0.730  -11.582 7.838   1.00 14.56 ? 63  THR A CB  1 
ATOM   423 O  OG1 . THR A 1 63  ? -1.331  -12.671 7.118   1.00 18.16 ? 63  THR A OG1 1 
ATOM   424 C  CG2 . THR A 1 63  ? -1.876  -10.758 8.521   1.00 16.40 ? 63  THR A CG2 1 
ATOM   425 N  N   . ALA A 1 64  ? 0.311   -8.314  7.217   1.00 12.01 ? 64  ALA A N   1 
ATOM   426 C  CA  . ALA A 1 64  ? 0.973   -7.166  7.820   1.00 11.61 ? 64  ALA A CA  1 
ATOM   427 C  C   . ALA A 1 64  ? 0.007   -6.086  8.252   1.00 12.04 ? 64  ALA A C   1 
ATOM   428 O  O   . ALA A 1 64  ? -1.038  -5.852  7.656   1.00 12.01 ? 64  ALA A O   1 
ATOM   429 C  CB  . ALA A 1 64  ? 1.912   -6.530  6.754   1.00 12.60 ? 64  ALA A CB  1 
ATOM   430 N  N   . GLN A 1 65  ? 0.435   -5.371  9.286   1.00 10.29 ? 65  GLN A N   1 
ATOM   431 C  CA  . GLN A 1 65  ? -0.318  -4.212  9.788   1.00 11.13 ? 65  GLN A CA  1 
ATOM   432 C  C   . GLN A 1 65  ? 0.208   -2.991  9.083   1.00 9.39  ? 65  GLN A C   1 
ATOM   433 O  O   . GLN A 1 65  ? 1.465   -2.841  8.979   1.00 11.79 ? 65  GLN A O   1 
ATOM   434 C  CB  . GLN A 1 65  ? -0.172  -4.065  11.336  1.00 12.79 ? 65  GLN A CB  1 
ATOM   435 C  CG  . GLN A 1 65  ? -0.887  -5.213  12.035  1.00 16.35 ? 65  GLN A CG  1 
ATOM   436 C  CD  . GLN A 1 65  ? -1.050  -4.889  13.527  1.00 20.85 ? 65  GLN A CD  1 
ATOM   437 O  OE1 . GLN A 1 65  ? -0.608  -3.880  14.098  1.00 22.06 ? 65  GLN A OE1 1 
ATOM   438 N  NE2 . GLN A 1 65  ? -1.710  -5.848  14.152  1.00 23.48 ? 65  GLN A NE2 1 
ATOM   439 N  N   . LEU A 1 66  ? -0.631  -2.081  8.708   1.00 7.53  ? 66  LEU A N   1 
ATOM   440 C  CA  . LEU A 1 66  ? -0.290  -0.854  8.053   1.00 7.55  ? 66  LEU A CA  1 
ATOM   441 C  C   . LEU A 1 66  ? -1.100  0.302   8.653   1.00 8.77  ? 66  LEU A C   1 
ATOM   442 O  O   . LEU A 1 66  ? -2.321  0.147   8.710   1.00 8.88  ? 66  LEU A O   1 
ATOM   443 C  CB  . LEU A 1 66  ? -0.576  -0.999  6.495   1.00 9.77  ? 66  LEU A CB  1 
ATOM   444 C  CG  . LEU A 1 66  ? -0.346  0.259   5.700   1.00 10.12 ? 66  LEU A CG  1 
ATOM   445 C  CD1 . LEU A 1 66  ? 1.100   0.660   5.598   1.00 11.08 ? 66  LEU A CD1 1 
ATOM   446 C  CD2 . LEU A 1 66  ? -0.927  0.101   4.268   1.00 10.85 ? 66  LEU A CD2 1 
ATOM   447 N  N   . LYS A 1 67  ? -0.417  1.373   9.055   1.00 8.53  ? 67  LYS A N   1 
ATOM   448 C  CA  . LYS A 1 67  ? -1.199  2.522   9.576   1.00 10.42 ? 67  LYS A CA  1 
ATOM   449 C  C   . LYS A 1 67  ? -1.568  3.415   8.407   1.00 10.01 ? 67  LYS A C   1 
ATOM   450 O  O   . LYS A 1 67  ? -0.609  3.847   7.666   1.00 12.67 ? 67  LYS A O   1 
ATOM   451 C  CB  . LYS A 1 67  ? -0.330  3.242   10.632  1.00 12.51 ? 67  LYS A CB  1 
ATOM   452 C  CG  . LYS A 1 67  ? -1.262  4.162   11.461  1.00 17.31 ? 67  LYS A CG  1 
ATOM   453 C  CD  . LYS A 1 67  ? -0.491  4.840   12.614  1.00 20.00 ? 67  LYS A CD  1 
ATOM   454 C  CE  . LYS A 1 67  ? 0.083   3.818   13.582  1.00 22.60 ? 67  LYS A CE  1 
ATOM   455 N  NZ  . LYS A 1 67  ? 0.657   4.520   14.828  1.00 25.24 ? 67  LYS A NZ  1 
ATOM   456 N  N   . VAL A 1 68  ? -2.814  3.761   8.203   1.00 9.06  ? 68  VAL A N   1 
ATOM   457 C  CA  . VAL A 1 68  ? -3.204  4.616   7.062   1.00 9.45  ? 68  VAL A CA  1 
ATOM   458 C  C   . VAL A 1 68  ? -3.636  5.987   7.521   1.00 10.65 ? 68  VAL A C   1 
ATOM   459 O  O   . VAL A 1 68  ? -4.056  6.186   8.687   1.00 10.44 ? 68  VAL A O   1 
ATOM   460 C  CB  . VAL A 1 68  ? -4.343  3.981   6.195   1.00 11.14 ? 68  VAL A CB  1 
ATOM   461 C  CG1 . VAL A 1 68  ? -3.803  2.697   5.551   1.00 12.34 ? 68  VAL A CG1 1 
ATOM   462 C  CG2 . VAL A 1 68  ? -5.606  3.770   7.015   1.00 12.29 ? 68  VAL A CG2 1 
ATOM   463 N  N   . HIS A 1 69  ? -3.533  6.941   6.637   1.00 9.62  ? 69  HIS A N   1 
ATOM   464 C  CA  . HIS A 1 69  ? -3.866  8.340   6.938   1.00 10.92 ? 69  HIS A CA  1 
ATOM   465 C  C   . HIS A 1 69  ? -4.701  8.937   5.807   1.00 10.41 ? 69  HIS A C   1 
ATOM   466 O  O   . HIS A 1 69  ? -4.586  8.574   4.640   1.00 10.62 ? 69  HIS A O   1 
ATOM   467 C  CB  . HIS A 1 69  ? -2.577  9.181   7.127   1.00 12.07 ? 69  HIS A CB  1 
ATOM   468 C  CG  . HIS A 1 69  ? -1.716  8.674   8.277   1.00 13.47 ? 69  HIS A CG  1 
ATOM   469 N  ND1 . HIS A 1 69  ? -0.742  7.772   8.226   1.00 14.89 ? 69  HIS A ND1 1 
ATOM   470 C  CD2 . HIS A 1 69  ? -1.847  9.026   9.595   1.00 14.81 ? 69  HIS A CD2 1 
ATOM   471 C  CE1 . HIS A 1 69  ? -0.242  7.560   9.458   1.00 16.80 ? 69  HIS A CE1 1 
ATOM   472 N  NE2 . HIS A 1 69  ? -0.915  8.334   10.300  1.00 15.36 ? 69  HIS A NE2 1 
ATOM   473 N  N   . SER A 1 70  ? -5.616  9.811   6.238   1.00 10.38 ? 70  SER A N   1 
ATOM   474 C  CA  . SER A 1 70  ? -6.547  10.366  5.206   1.00 11.84 ? 70  SER A CA  1 
ATOM   475 C  C   . SER A 1 70  ? -5.871  11.316  4.276   1.00 12.33 ? 70  SER A C   1 
ATOM   476 O  O   . SER A 1 70  ? -6.430  11.544  3.177   1.00 13.04 ? 70  SER A O   1 
ATOM   477 C  CB  . SER A 1 70  ? -7.830  10.942  5.828   1.00 14.05 ? 70  SER A CB  1 
ATOM   478 O  OG  . SER A 1 70  ? -7.423  11.936  6.755   1.00 14.97 ? 70  SER A OG  1 
ATOM   479 N  N   . SER A 1 71  ? -4.753  11.889  4.664   1.00 11.64 ? 71  SER A N   1 
ATOM   480 C  CA  . SER A 1 71  ? -3.941  12.753  3.784   1.00 13.02 ? 71  SER A CA  1 
ATOM   481 C  C   . SER A 1 71  ? -2.503  12.322  4.069   1.00 13.25 ? 71  SER A C   1 
ATOM   482 O  O   . SER A 1 71  ? -2.186  11.990  5.266   1.00 13.48 ? 71  SER A O   1 
ATOM   483 C  CB  . SER A 1 71  ? -4.097  14.239  3.989   1.00 13.56 ? 71  SER A CB  1 
ATOM   484 O  OG  A SER A 1 71  ? -5.408  14.676  3.636   0.60 16.05 ? 71  SER A OG  1 
ATOM   485 O  OG  B SER A 1 71  ? -3.743  14.635  5.299   0.40 13.99 ? 71  SER A OG  1 
ATOM   486 N  N   . PHE A 1 72  ? -1.646  12.340  3.092   1.00 12.30 ? 72  PHE A N   1 
ATOM   487 C  CA  . PHE A 1 72  ? -0.221  11.959  3.341   1.00 12.11 ? 72  PHE A CA  1 
ATOM   488 C  C   . PHE A 1 72  ? 0.644   12.686  2.343   1.00 13.31 ? 72  PHE A C   1 
ATOM   489 O  O   . PHE A 1 72  ? 0.148   13.219  1.348   1.00 12.23 ? 72  PHE A O   1 
ATOM   490 C  CB  . PHE A 1 72  ? -0.118  10.458  3.204   1.00 12.93 ? 72  PHE A CB  1 
ATOM   491 C  CG  . PHE A 1 72  ? -0.356  9.813   1.876   1.00 13.28 ? 72  PHE A CG  1 
ATOM   492 C  CD1 . PHE A 1 72  ? 0.713   9.708   0.960   1.00 13.41 ? 72  PHE A CD1 1 
ATOM   493 C  CD2 . PHE A 1 72  ? -1.605  9.301   1.508   1.00 14.04 ? 72  PHE A CD2 1 
ATOM   494 C  CE1 . PHE A 1 72  ? 0.545   9.056   -0.264  1.00 14.16 ? 72  PHE A CE1 1 
ATOM   495 C  CE2 . PHE A 1 72  ? -1.782  8.675   0.264   1.00 13.57 ? 72  PHE A CE2 1 
ATOM   496 C  CZ  . PHE A 1 72  ? -0.730  8.606   -0.614  1.00 13.77 ? 72  PHE A CZ  1 
ATOM   497 N  N   . GLN A 1 73  ? 1.950   12.743  2.613   1.00 13.18 ? 73  GLN A N   1 
ATOM   498 C  CA  . GLN A 1 73  ? 2.933   13.327  1.708   1.00 14.15 ? 73  GLN A CA  1 
ATOM   499 C  C   . GLN A 1 73  ? 3.417   12.130  0.865   1.00 13.42 ? 73  GLN A C   1 
ATOM   500 O  O   . GLN A 1 73  ? 3.915   11.123  1.377   1.00 14.70 ? 73  GLN A O   1 
ATOM   501 C  CB  . GLN A 1 73  ? 4.170   13.896  2.433   1.00 15.88 ? 73  GLN A CB  1 
ATOM   502 C  CG  . GLN A 1 73  ? 3.837   15.132  3.268   1.00 18.76 ? 73  GLN A CG  1 
ATOM   503 C  CD  . GLN A 1 73  ? 3.047   16.120  2.450   1.00 19.47 ? 73  GLN A CD  1 
ATOM   504 O  OE1 . GLN A 1 73  ? 3.553   16.487  1.324   1.00 21.97 ? 73  GLN A OE1 1 
ATOM   505 N  NE2 . GLN A 1 73  ? 1.845   16.542  2.851   1.00 20.47 ? 73  GLN A NE2 1 
ATOM   506 N  N   . ALA A 1 74  ? 3.174   12.276  -0.433  1.00 13.32 ? 74  ALA A N   1 
ATOM   507 C  CA  . ALA A 1 74  ? 3.554   11.160  -1.326  1.00 14.27 ? 74  ALA A CA  1 
ATOM   508 C  C   . ALA A 1 74  ? 4.987   11.333  -1.837  1.00 14.04 ? 74  ALA A C   1 
ATOM   509 O  O   . ALA A 1 74  ? 5.392   12.494  -2.038  1.00 14.12 ? 74  ALA A O   1 
ATOM   510 C  CB  . ALA A 1 74  ? 2.581   11.163  -2.503  1.00 12.60 ? 74  ALA A CB  1 
ATOM   511 N  N   . VAL A 1 75  ? 5.664   10.188  -1.976  1.00 11.68 ? 75  VAL A N   1 
ATOM   512 C  CA  . VAL A 1 75  ? 7.011   10.191  -2.593  1.00 13.14 ? 75  VAL A CA  1 
ATOM   513 C  C   . VAL A 1 75  ? 6.848   9.361   -3.921  1.00 13.13 ? 75  VAL A C   1 
ATOM   514 O  O   . VAL A 1 75  ? 5.954   8.477   -3.898  1.00 14.17 ? 75  VAL A O   1 
ATOM   515 C  CB  . VAL A 1 75  ? 8.123   9.696   -1.708  1.00 15.61 ? 75  VAL A CB  1 
ATOM   516 C  CG1 . VAL A 1 75  ? 8.124   10.466  -0.373  1.00 17.09 ? 75  VAL A CG1 1 
ATOM   517 C  CG2 . VAL A 1 75  ? 7.961   8.214   -1.379  1.00 14.77 ? 75  VAL A CG2 1 
ATOM   518 N  N   . VAL A 1 76  ? 7.606   9.766   -4.924  1.00 12.55 ? 76  VAL A N   1 
ATOM   519 C  CA  . VAL A 1 76  ? 7.525   9.034   -6.235  1.00 14.34 ? 76  VAL A CA  1 
ATOM   520 C  C   . VAL A 1 76  ? 8.878   8.528   -6.672  1.00 18.23 ? 76  VAL A C   1 
ATOM   521 O  O   . VAL A 1 76  ? 9.937   9.084   -6.319  1.00 18.70 ? 76  VAL A O   1 
ATOM   522 C  CB  . VAL A 1 76  ? 6.935   10.030  -7.286  1.00 14.51 ? 76  VAL A CB  1 
ATOM   523 C  CG1 . VAL A 1 76  ? 5.479   10.358  -7.016  1.00 13.92 ? 76  VAL A CG1 1 
ATOM   524 C  CG2 . VAL A 1 76  ? 7.768   11.285  -7.443  1.00 14.52 ? 76  VAL A CG2 1 
ATOM   525 N  N   . GLY A 1 77  ? 8.906   7.471   -7.477  1.00 20.90 ? 77  GLY A N   1 
ATOM   526 C  CA  . GLY A 1 77  ? 10.164  6.945   -8.024  1.00 25.17 ? 77  GLY A CA  1 
ATOM   527 C  C   . GLY A 1 77  ? 10.849  6.053   -7.012  1.00 27.96 ? 77  GLY A C   1 
ATOM   528 O  O   . GLY A 1 77  ? 10.358  5.842   -5.910  1.00 29.01 ? 77  GLY A O   1 
ATOM   529 N  N   . ALA A 1 78  ? 12.031  5.571   -7.423  1.00 31.54 ? 78  ALA A N   1 
ATOM   530 C  CA  . ALA A 1 78  ? 12.817  4.659   -6.572  1.00 33.71 ? 78  ALA A CA  1 
ATOM   531 C  C   . ALA A 1 78  ? 13.693  5.350   -5.563  1.00 34.64 ? 78  ALA A C   1 
ATOM   532 O  O   . ALA A 1 78  ? 14.124  4.749   -4.557  1.00 36.25 ? 78  ALA A O   1 
ATOM   533 C  CB  . ALA A 1 78  ? 13.648  3.758   -7.509  1.00 34.69 ? 78  ALA A CB  1 
ATOM   534 N  N   . ASP A 1 79  ? 13.951  6.606   -5.790  1.00 35.26 ? 79  ASP A N   1 
ATOM   535 C  CA  . ASP A 1 79  ? 14.804  7.390   -4.852  1.00 35.51 ? 79  ASP A CA  1 
ATOM   536 C  C   . ASP A 1 79  ? 13.948  8.062   -3.794  1.00 34.82 ? 79  ASP A C   1 
ATOM   537 O  O   . ASP A 1 79  ? 14.466  8.730   -2.865  1.00 35.33 ? 79  ASP A O   1 
ATOM   538 C  CB  A ASP A 1 79  ? 15.850  8.168   -5.638  0.75 36.40 ? 79  ASP A CB  1 
ATOM   539 C  CB  B ASP A 1 79  ? 15.546  8.445   -5.711  0.25 35.06 ? 79  ASP A CB  1 
ATOM   540 C  CG  A ASP A 1 79  ? 16.616  7.230   -6.577  0.75 37.69 ? 79  ASP A CG  1 
ATOM   541 C  CG  B ASP A 1 79  ? 14.639  9.106   -6.735  0.25 35.05 ? 79  ASP A CG  1 
ATOM   542 O  OD1 A ASP A 1 79  ? 17.560  6.504   -6.221  0.75 38.18 ? 79  ASP A OD1 1 
ATOM   543 O  OD1 B ASP A 1 79  ? 13.433  8.821   -6.850  0.25 35.00 ? 79  ASP A OD1 1 
ATOM   544 O  OD2 A ASP A 1 79  ? 16.223  7.181   -7.763  0.75 38.22 ? 79  ASP A OD2 1 
ATOM   545 O  OD2 B ASP A 1 79  ? 15.163  9.970   -7.478  0.25 34.86 ? 79  ASP A OD2 1 
ATOM   546 N  N   . GLY A 1 80  ? 12.624  7.925   -3.905  1.00 33.28 ? 80  GLY A N   1 
ATOM   547 C  CA  . GLY A 1 80  ? 11.722  8.548   -2.925  1.00 29.98 ? 80  GLY A CA  1 
ATOM   548 C  C   . GLY A 1 80  ? 11.777  10.068  -2.939  1.00 27.63 ? 80  GLY A C   1 
ATOM   549 O  O   . GLY A 1 80  ? 12.026  10.747  -1.912  1.00 28.83 ? 80  GLY A O   1 
ATOM   550 N  N   . THR A 1 81  ? 11.496  10.650  -4.081  1.00 24.32 ? 81  THR A N   1 
ATOM   551 C  CA  . THR A 1 81  ? 11.441  12.108  -4.222  1.00 20.70 ? 81  THR A CA  1 
ATOM   552 C  C   . THR A 1 81  ? 10.082  12.585  -3.742  1.00 18.53 ? 81  THR A C   1 
ATOM   553 O  O   . THR A 1 81  ? 9.024   12.114  -4.229  1.00 14.83 ? 81  THR A O   1 
ATOM   554 C  CB  . THR A 1 81  ? 11.564  12.449  -5.797  1.00 21.83 ? 81  THR A CB  1 
ATOM   555 O  OG1 . THR A 1 81  ? 12.902  11.977  -6.131  1.00 22.75 ? 81  THR A OG1 1 
ATOM   556 C  CG2 . THR A 1 81  ? 11.368  13.912  -6.065  1.00 20.79 ? 81  THR A CG2 1 
ATOM   557 N  N   . PRO A 1 82  ? 10.026  13.597  -2.884  1.00 16.24 ? 82  PRO A N   1 
ATOM   558 C  CA  . PRO A 1 82  ? 8.756   14.165  -2.430  1.00 15.78 ? 82  PRO A CA  1 
ATOM   559 C  C   . PRO A 1 82  ? 8.010   14.804  -3.584  1.00 15.70 ? 82  PRO A C   1 
ATOM   560 O  O   . PRO A 1 82  ? 8.525   15.542  -4.449  1.00 18.36 ? 82  PRO A O   1 
ATOM   561 C  CB  . PRO A 1 82  ? 9.142   15.258  -1.411  1.00 17.01 ? 82  PRO A CB  1 
ATOM   562 C  CG  . PRO A 1 82  ? 10.511  14.832  -0.973  1.00 17.86 ? 82  PRO A CG  1 
ATOM   563 C  CD  . PRO A 1 82  ? 11.171  14.289  -2.264  1.00 16.94 ? 82  PRO A CD  1 
ATOM   564 N  N   . TRP A 1 83  ? 6.719   14.496  -3.620  1.00 15.25 ? 83  TRP A N   1 
ATOM   565 C  CA  . TRP A 1 83  ? 5.819   15.056  -4.624  1.00 15.12 ? 83  TRP A CA  1 
ATOM   566 C  C   . TRP A 1 83  ? 4.881   16.079  -4.029  1.00 14.36 ? 83  TRP A C   1 
ATOM   567 O  O   . TRP A 1 83  ? 4.677   17.173  -4.594  1.00 16.81 ? 83  TRP A O   1 
ATOM   568 C  CB  . TRP A 1 83  ? 4.993   13.881  -5.267  1.00 15.52 ? 83  TRP A CB  1 
ATOM   569 C  CG  . TRP A 1 83  ? 4.101   14.383  -6.344  1.00 16.57 ? 83  TRP A CG  1 
ATOM   570 C  CD1 . TRP A 1 83  ? 4.410   14.672  -7.650  1.00 18.14 ? 83  TRP A CD1 1 
ATOM   571 C  CD2 . TRP A 1 83  ? 2.719   14.746  -6.187  1.00 16.35 ? 83  TRP A CD2 1 
ATOM   572 N  NE1 . TRP A 1 83  ? 3.303   15.147  -8.306  1.00 18.16 ? 83  TRP A NE1 1 
ATOM   573 C  CE2 . TRP A 1 83  ? 2.255   15.236  -7.427  1.00 17.90 ? 83  TRP A CE2 1 
ATOM   574 C  CE3 . TRP A 1 83  ? 1.839   14.704  -5.103  1.00 16.52 ? 83  TRP A CE3 1 
ATOM   575 C  CZ2 . TRP A 1 83  ? 0.956   15.667  -7.635  1.00 18.63 ? 83  TRP A CZ2 1 
ATOM   576 C  CZ3 . TRP A 1 83  ? 0.558   15.140  -5.308  1.00 17.32 ? 83  TRP A CZ3 1 
ATOM   577 C  CH2 . TRP A 1 83  ? 0.089   15.630  -6.536  1.00 18.42 ? 83  TRP A CH2 1 
ATOM   578 N  N   . GLY A 1 84  ? 4.295   15.782  -2.899  1.00 14.60 ? 84  GLY A N   1 
ATOM   579 C  CA  . GLY A 1 84  ? 3.308   16.773  -2.362  1.00 13.40 ? 84  GLY A CA  1 
ATOM   580 C  C   . GLY A 1 84  ? 2.206   16.009  -1.655  1.00 13.19 ? 84  GLY A C   1 
ATOM   581 O  O   . GLY A 1 84  ? 2.277   14.782  -1.405  1.00 15.62 ? 84  GLY A O   1 
ATOM   582 N  N   . THR A 1 85  ? 1.188   16.758  -1.224  1.00 13.57 ? 85  THR A N   1 
ATOM   583 C  CA  . THR A 1 85  ? 0.138   16.187  -0.435  1.00 14.30 ? 85  THR A CA  1 
ATOM   584 C  C   . THR A 1 85  ? -0.901  15.463  -1.256  1.00 13.07 ? 85  THR A C   1 
ATOM   585 O  O   . THR A 1 85  ? -1.288  16.025  -2.314  1.00 15.37 ? 85  THR A O   1 
ATOM   586 C  CB  . THR A 1 85  ? -0.633  17.368  0.336   1.00 16.95 ? 85  THR A CB  1 
ATOM   587 O  OG1 . THR A 1 85  ? 0.425   18.067  1.043   1.00 18.34 ? 85  THR A OG1 1 
ATOM   588 C  CG2 . THR A 1 85  ? -1.722  16.819  1.256   1.00 17.11 ? 85  THR A CG2 1 
ATOM   589 N  N   . VAL A 1 86  ? -1.370  14.359  -0.774  1.00 12.29 ? 86  VAL A N   1 
ATOM   590 C  CA  . VAL A 1 86  ? -2.440  13.568  -1.356  1.00 12.11 ? 86  VAL A CA  1 
ATOM   591 C  C   . VAL A 1 86  ? -3.575  13.522  -0.306  1.00 12.68 ? 86  VAL A C   1 
ATOM   592 O  O   . VAL A 1 86  ? -3.339  13.112  0.827   1.00 13.15 ? 86  VAL A O   1 
ATOM   593 C  CB  . VAL A 1 86  ? -1.982  12.130  -1.683  1.00 12.42 ? 86  VAL A CB  1 
ATOM   594 C  CG1 . VAL A 1 86  ? -3.173  11.311  -2.177  1.00 14.05 ? 86  VAL A CG1 1 
ATOM   595 C  CG2 . VAL A 1 86  ? -0.936  12.091  -2.803  1.00 14.63 ? 86  VAL A CG2 1 
ATOM   596 N  N   . ASN A 1 87  ? -4.794  13.870  -0.692  1.00 12.95 ? 87  ASN A N   1 
ATOM   597 C  CA  . ASN A 1 87  ? -5.939  13.829  0.239   1.00 12.90 ? 87  ASN A CA  1 
ATOM   598 C  C   . ASN A 1 87  ? -6.819  12.679  -0.232  1.00 11.33 ? 87  ASN A C   1 
ATOM   599 O  O   . ASN A 1 87  ? -7.373  12.802  -1.380  1.00 12.09 ? 87  ASN A O   1 
ATOM   600 C  CB  . ASN A 1 87  ? -6.631  15.176  0.190   1.00 15.82 ? 87  ASN A CB  1 
ATOM   601 C  CG  . ASN A 1 87  ? -7.861  15.184  1.073   1.00 18.11 ? 87  ASN A CG  1 
ATOM   602 O  OD1 . ASN A 1 87  ? -8.480  14.198  1.472   1.00 18.15 ? 87  ASN A OD1 1 
ATOM   603 N  ND2 . ASN A 1 87  ? -8.198  16.480  1.277   1.00 21.52 ? 87  ASN A ND2 1 
ATOM   604 N  N   . CYS A 1 88  ? -6.939  11.629  0.506   1.00 11.14 ? 88  CYS A N   1 
ATOM   605 C  CA  . CYS A 1 88  ? -7.684  10.427  0.149   1.00 11.59 ? 88  CYS A CA  1 
ATOM   606 C  C   . CYS A 1 88  ? -9.191  10.593  0.282   1.00 12.18 ? 88  CYS A C   1 
ATOM   607 O  O   . CYS A 1 88  ? -9.854  9.575   -0.014  1.00 12.26 ? 88  CYS A O   1 
ATOM   608 C  CB  . CYS A 1 88  ? -7.170  9.193   0.882   1.00 10.98 ? 88  CYS A CB  1 
ATOM   609 S  SG  . CYS A 1 88  ? -5.374  8.854   0.604   1.00 10.56 ? 88  CYS A SG  1 
ATOM   610 N  N   . LYS A 1 89  ? -9.662  11.746  0.646   1.00 13.74 ? 89  LYS A N   1 
ATOM   611 C  CA  . LYS A 1 89  ? -11.100 11.968  0.707   1.00 16.85 ? 89  LYS A CA  1 
ATOM   612 C  C   . LYS A 1 89  ? -11.440 12.642  -0.616  1.00 17.76 ? 89  LYS A C   1 
ATOM   613 O  O   . LYS A 1 89  ? -12.657 12.802  -0.870  1.00 19.15 ? 89  LYS A O   1 
ATOM   614 C  CB  . LYS A 1 89  ? -11.509 12.820  1.919   1.00 18.84 ? 89  LYS A CB  1 
ATOM   615 C  CG  . LYS A 1 89  ? -11.493 11.941  3.184   1.00 22.28 ? 89  LYS A CG  1 
ATOM   616 C  CD  . LYS A 1 89  ? -11.842 12.633  4.469   1.00 25.31 ? 89  LYS A CD  1 
ATOM   617 C  CE  . LYS A 1 89  ? -13.308 12.811  4.764   1.00 27.97 ? 89  LYS A CE  1 
ATOM   618 N  NZ  . LYS A 1 89  ? -14.163 11.724  4.211   1.00 30.23 ? 89  LYS A NZ  1 
ATOM   619 N  N   . VAL A 1 90  ? -10.484 13.026  -1.424  1.00 17.12 ? 90  VAL A N   1 
ATOM   620 C  CA  . VAL A 1 90  ? -10.705 13.695  -2.728  1.00 18.97 ? 90  VAL A CA  1 
ATOM   621 C  C   . VAL A 1 90  ? -10.310 12.775  -3.874  1.00 18.52 ? 90  VAL A C   1 
ATOM   622 O  O   . VAL A 1 90  ? -10.996 12.810  -4.937  1.00 21.04 ? 90  VAL A O   1 
ATOM   623 C  CB  . VAL A 1 90  ? -9.915  15.041  -2.763  1.00 20.11 ? 90  VAL A CB  1 
ATOM   624 C  CG1 . VAL A 1 90  ? -9.889  15.711  -4.125  1.00 21.32 ? 90  VAL A CG1 1 
ATOM   625 C  CG2 . VAL A 1 90  ? -10.409 15.956  -1.668  1.00 21.33 ? 90  VAL A CG2 1 
ATOM   626 N  N   . VAL A 1 91  ? -9.200  12.082  -3.764  1.00 16.71 ? 91  VAL A N   1 
ATOM   627 C  CA  . VAL A 1 91  ? -8.718  11.155  -4.797  1.00 15.45 ? 91  VAL A CA  1 
ATOM   628 C  C   . VAL A 1 91  ? -8.791  9.758   -4.189  1.00 16.07 ? 91  VAL A C   1 
ATOM   629 O  O   . VAL A 1 91  ? -8.863  9.526   -2.984  1.00 16.73 ? 91  VAL A O   1 
ATOM   630 C  CB  . VAL A 1 91  ? -7.327  11.430  -5.328  1.00 15.93 ? 91  VAL A CB  1 
ATOM   631 C  CG1 A VAL A 1 91  ? -7.302  12.809  -5.997  0.60 15.90 ? 91  VAL A CG1 1 
ATOM   632 C  CG1 B VAL A 1 91  ? -6.429  12.084  -4.261  0.40 16.10 ? 91  VAL A CG1 1 
ATOM   633 C  CG2 A VAL A 1 91  ? -6.174  11.106  -4.429  0.60 15.95 ? 91  VAL A CG2 1 
ATOM   634 C  CG2 B VAL A 1 91  ? -6.565  10.219  -5.854  0.40 16.42 ? 91  VAL A CG2 1 
ATOM   635 N  N   . SER A 1 92  ? -8.769  8.763   -5.069  1.00 14.00 ? 92  SER A N   1 
ATOM   636 C  CA  . SER A 1 92  ? -8.810  7.366   -4.631  1.00 14.42 ? 92  SER A CA  1 
ATOM   637 C  C   . SER A 1 92  ? -7.420  6.881   -4.170  1.00 13.40 ? 92  SER A C   1 
ATOM   638 O  O   . SER A 1 92  ? -6.451  7.004   -4.923  1.00 16.28 ? 92  SER A O   1 
ATOM   639 C  CB  . SER A 1 92  ? -9.255  6.358   -5.748  1.00 17.26 ? 92  SER A CB  1 
ATOM   640 O  OG  . SER A 1 92  ? -10.601 6.704   -6.096  1.00 19.02 ? 92  SER A OG  1 
ATOM   641 N  N   . CYS A 1 93  ? -7.353  6.318   -2.970  1.00 11.63 ? 93  CYS A N   1 
ATOM   642 C  CA  . CYS A 1 93  ? -6.072  5.766   -2.485  1.00 10.11 ? 93  CYS A CA  1 
ATOM   643 C  C   . CYS A 1 93  ? -6.198  4.277   -2.285  1.00 9.35  ? 93  CYS A C   1 
ATOM   644 O  O   . CYS A 1 93  ? -7.394  3.773   -2.262  1.00 8.54  ? 93  CYS A O   1 
ATOM   645 C  CB  . CYS A 1 93  ? -5.772  6.389   -1.078  1.00 9.15  ? 93  CYS A CB  1 
ATOM   646 S  SG  . CYS A 1 93  ? -5.407  8.148   -1.313  1.00 10.11 ? 93  CYS A SG  1 
ATOM   647 N  N   . SER A 1 94  ? -5.135  3.544   -2.179  1.00 8.75  ? 94  SER A N   1 
ATOM   648 C  CA  . SER A 1 94  ? -5.193  2.124   -1.946  1.00 8.38  ? 94  SER A CA  1 
ATOM   649 C  C   . SER A 1 94  ? -4.169  1.699   -0.891  1.00 8.73  ? 94  SER A C   1 
ATOM   650 O  O   . SER A 1 94  ? -3.285  2.496   -0.508  1.00 7.80  ? 94  SER A O   1 
ATOM   651 C  CB  . SER A 1 94  ? -4.791  1.347   -3.258  1.00 10.05 ? 94  SER A CB  1 
ATOM   652 O  OG  . SER A 1 94  ? -3.478  1.687   -3.618  1.00 12.26 ? 94  SER A OG  1 
ATOM   653 N  N   . ALA A 1 95  ? -4.291  0.509   -0.414  1.00 7.77  ? 95  ALA A N   1 
ATOM   654 C  CA  . ALA A 1 95  ? -3.313  -0.179  0.440   1.00 8.83  ? 95  ALA A CA  1 
ATOM   655 C  C   . ALA A 1 95  ? -2.992  -1.475  -0.349  1.00 8.02  ? 95  ALA A C   1 
ATOM   656 O  O   . ALA A 1 95  ? -3.892  -2.105  -0.923  1.00 10.12 ? 95  ALA A O   1 
ATOM   657 C  CB  . ALA A 1 95  ? -3.852  -0.502  1.827   1.00 10.66 ? 95  ALA A CB  1 
ATOM   658 N  N   . GLY A 1 96  ? -1.692  -1.836  -0.386  1.00 7.90  ? 96  GLY A N   1 
ATOM   659 C  CA  . GLY A 1 96  ? -1.414  -3.067  -1.147  1.00 8.99  ? 96  GLY A CA  1 
ATOM   660 C  C   . GLY A 1 96  ? 0.060   -3.351  -1.015  1.00 9.76  ? 96  GLY A C   1 
ATOM   661 O  O   . GLY A 1 96  ? 0.716   -2.764  -0.111  1.00 9.88  ? 96  GLY A O   1 
ATOM   662 N  N   . LEU A 1 97  ? 0.599   -4.237  -1.813  1.00 7.95  ? 97  LEU A N   1 
ATOM   663 C  CA  . LEU A 1 97  ? 1.998   -4.615  -1.776  1.00 9.30  ? 97  LEU A CA  1 
ATOM   664 C  C   . LEU A 1 97  ? 2.545   -4.958  -3.156  1.00 9.29  ? 97  LEU A C   1 
ATOM   665 O  O   . LEU A 1 97  ? 1.741   -5.350  -3.998  1.00 10.24 ? 97  LEU A O   1 
ATOM   666 C  CB  . LEU A 1 97  ? 2.121   -5.736  -0.746  1.00 11.90 ? 97  LEU A CB  1 
ATOM   667 C  CG  . LEU A 1 97  ? 1.666   -7.132  -1.088  1.00 14.48 ? 97  LEU A CG  1 
ATOM   668 C  CD1 A LEU A 1 97  ? 2.011   -8.134  -0.005  0.50 15.43 ? 97  LEU A CD1 1 
ATOM   669 C  CD1 B LEU A 1 97  ? 2.251   -7.787  -2.267  0.50 14.71 ? 97  LEU A CD1 1 
ATOM   670 C  CD2 A LEU A 1 97  ? 0.199   -7.213  -1.473  0.50 13.89 ? 97  LEU A CD2 1 
ATOM   671 C  CD2 B LEU A 1 97  ? 2.038   -7.922  0.203   0.50 15.57 ? 97  LEU A CD2 1 
ATOM   672 N  N   . GLY A 1 98  ? 3.840   -4.700  -3.326  1.00 8.64  ? 98  GLY A N   1 
ATOM   673 C  CA  . GLY A 1 98  ? 4.402   -5.035  -4.655  1.00 9.45  ? 98  GLY A CA  1 
ATOM   674 C  C   . GLY A 1 98  ? 5.887   -5.282  -4.472  1.00 10.06 ? 98  GLY A C   1 
ATOM   675 O  O   . GLY A 1 98  ? 6.530   -4.721  -3.569  1.00 10.31 ? 98  GLY A O   1 
ATOM   676 N  N   . SER A 1 99  ? 6.452   -6.082  -5.348  1.00 10.39 ? 99  SER A N   1 
ATOM   677 C  CA  . SER A 1 99  ? 7.887   -6.377  -5.352  1.00 10.23 ? 99  SER A CA  1 
ATOM   678 C  C   . SER A 1 99  ? 8.588   -5.397  -6.302  1.00 10.90 ? 99  SER A C   1 
ATOM   679 O  O   . SER A 1 99  ? 7.985   -4.553  -6.918  1.00 12.14 ? 99  SER A O   1 
ATOM   680 C  CB  . SER A 1 99  ? 8.115   -7.826  -5.757  1.00 11.32 ? 99  SER A CB  1 
ATOM   681 O  OG  . SER A 1 99  ? 7.878   -7.874  -7.220  1.00 11.73 ? 99  SER A OG  1 
ATOM   682 N  N   . ASP A 1 100 ? 9.926   -5.557  -6.387  1.00 12.29 ? 100 ASP A N   1 
ATOM   683 C  CA  . ASP A 1 100 ? 10.711  -4.675  -7.275  1.00 16.41 ? 100 ASP A CA  1 
ATOM   684 C  C   . ASP A 1 100 ? 10.356  -4.916  -8.755  1.00 16.37 ? 100 ASP A C   1 
ATOM   685 O  O   . ASP A 1 100 ? 10.692  -4.027  -9.550  1.00 19.60 ? 100 ASP A O   1 
ATOM   686 C  CB  . ASP A 1 100 ? 12.196  -4.830  -7.003  1.00 20.22 ? 100 ASP A CB  1 
ATOM   687 C  CG  . ASP A 1 100 ? 12.536  -4.221  -5.620  1.00 24.12 ? 100 ASP A CG  1 
ATOM   688 O  OD1 . ASP A 1 100 ? 11.948  -3.201  -5.253  1.00 23.85 ? 100 ASP A OD1 1 
ATOM   689 O  OD2 . ASP A 1 100 ? 13.425  -4.748  -4.923  1.00 27.95 ? 100 ASP A OD2 1 
ATOM   690 N  N   . SER A 1 101 ? 9.686   -5.999  -9.046  1.00 15.63 ? 101 SER A N   1 
ATOM   691 C  CA  . SER A 1 101 ? 9.293   -6.248  -10.466 1.00 15.21 ? 101 SER A CA  1 
ATOM   692 C  C   . SER A 1 101 ? 7.885   -5.861  -10.709 1.00 16.44 ? 101 SER A C   1 
ATOM   693 O  O   . SER A 1 101 ? 7.316   -6.083  -11.821 1.00 15.11 ? 101 SER A O   1 
ATOM   694 C  CB  . SER A 1 101 ? 9.507   -7.720  -10.773 1.00 16.48 ? 101 SER A CB  1 
ATOM   695 O  OG  A SER A 1 101 ? 8.425   -8.445  -10.172 0.70 16.11 ? 101 SER A OG  1 
ATOM   696 O  OG  B SER A 1 101 ? 10.835  -8.085  -10.348 0.30 16.87 ? 101 SER A OG  1 
ATOM   697 N  N   . GLY A 1 102 ? 7.172   -5.304  -9.729  1.00 13.25 ? 102 GLY A N   1 
ATOM   698 C  CA  . GLY A 1 102 ? 5.797   -4.888  -9.956  1.00 14.70 ? 102 GLY A CA  1 
ATOM   699 C  C   . GLY A 1 102 ? 4.828   -6.017  -9.744  1.00 13.77 ? 102 GLY A C   1 
ATOM   700 O  O   . GLY A 1 102 ? 3.588   -5.790  -9.904  1.00 18.36 ? 102 GLY A O   1 
ATOM   701 N  N   . GLU A 1 103 ? 5.228   -7.153  -9.286  1.00 12.47 ? 103 GLU A N   1 
ATOM   702 C  CA  . GLU A 1 103 ? 4.324   -8.254  -8.956  1.00 13.31 ? 103 GLU A CA  1 
ATOM   703 C  C   . GLU A 1 103 ? 3.611   -7.908  -7.627  1.00 15.19 ? 103 GLU A C   1 
ATOM   704 O  O   . GLU A 1 103 ? 4.295   -7.586  -6.605  1.00 12.71 ? 103 GLU A O   1 
ATOM   705 C  CB  . GLU A 1 103 ? 5.160   -9.515  -8.695  1.00 14.83 ? 103 GLU A CB  1 
ATOM   706 C  CG  . GLU A 1 103 ? 4.291   -10.719 -8.478  1.00 19.17 ? 103 GLU A CG  1 
ATOM   707 C  CD  . GLU A 1 103 ? 4.687   -11.929 -7.759  1.00 23.53 ? 103 GLU A CD  1 
ATOM   708 O  OE1 . GLU A 1 103 ? 5.604   -12.081 -7.009  1.00 23.59 ? 103 GLU A OE1 1 
ATOM   709 O  OE2 . GLU A 1 103 ? 3.918   -12.879 -8.127  1.00 27.40 ? 103 GLU A OE2 1 
ATOM   710 N  N   . GLY A 1 104 ? 2.310   -7.985  -7.512  1.00 13.50 ? 104 GLY A N   1 
ATOM   711 C  CA  . GLY A 1 104 ? 1.615   -7.654  -6.240  1.00 12.34 ? 104 GLY A CA  1 
ATOM   712 C  C   . GLY A 1 104 ? 0.154   -7.377  -6.507  1.00 14.04 ? 104 GLY A C   1 
ATOM   713 O  O   . GLY A 1 104 ? -0.414  -7.794  -7.534  1.00 12.74 ? 104 GLY A O   1 
ATOM   714 N  N   . ALA A 1 105 ? -0.472  -6.687  -5.548  1.00 10.89 ? 105 ALA A N   1 
ATOM   715 C  CA  . ALA A 1 105 ? -1.910  -6.381  -5.713  1.00 11.26 ? 105 ALA A CA  1 
ATOM   716 C  C   . ALA A 1 105 ? -2.256  -5.235  -4.766  1.00 11.44 ? 105 ALA A C   1 
ATOM   717 O  O   . ALA A 1 105 ? -1.439  -4.970  -3.820  1.00 10.67 ? 105 ALA A O   1 
ATOM   718 C  CB  . ALA A 1 105 ? -2.664  -7.634  -5.272  1.00 12.23 ? 105 ALA A CB  1 
ATOM   719 N  N   . ALA A 1 106 ? -3.364  -4.600  -4.937  1.00 9.23  ? 106 ALA A N   1 
ATOM   720 C  CA  . ALA A 1 106 ? -3.778  -3.489  -4.101  1.00 10.21 ? 106 ALA A CA  1 
ATOM   721 C  C   . ALA A 1 106 ? -5.297  -3.475  -4.022  1.00 10.42 ? 106 ALA A C   1 
ATOM   722 O  O   . ALA A 1 106 ? -6.038  -4.036  -4.856  1.00 11.70 ? 106 ALA A O   1 
ATOM   723 C  CB  . ALA A 1 106 ? -3.248  -2.134  -4.584  1.00 11.95 ? 106 ALA A CB  1 
ATOM   724 N  N   . GLN A 1 107 ? -5.821  -2.862  -2.955  1.00 9.38  ? 107 GLN A N   1 
ATOM   725 C  CA  . GLN A 1 107 ? -7.256  -2.719  -2.761  1.00 8.06  ? 107 GLN A CA  1 
ATOM   726 C  C   . GLN A 1 107 ? -7.629  -1.282  -2.505  1.00 8.61  ? 107 GLN A C   1 
ATOM   727 O  O   . GLN A 1 107 ? -6.951  -0.639  -1.590  1.00 7.31  ? 107 GLN A O   1 
ATOM   728 C  CB  . GLN A 1 107 ? -7.758  -3.622  -1.652  1.00 9.33  ? 107 GLN A CB  1 
ATOM   729 C  CG  . GLN A 1 107 ? -9.241  -3.419  -1.334  1.00 12.73 ? 107 GLN A CG  1 
ATOM   730 C  CD  . GLN A 1 107 ? -9.737  -4.449  -0.362  1.00 16.22 ? 107 GLN A CD  1 
ATOM   731 O  OE1 . GLN A 1 107 ? -9.177  -5.467  0.008   1.00 17.32 ? 107 GLN A OE1 1 
ATOM   732 N  NE2 . GLN A 1 107 ? -10.982 -4.264  0.076   1.00 19.15 ? 107 GLN A NE2 1 
ATOM   733 N  N   . ALA A 1 108 ? -8.530  -0.622  -3.155  1.00 7.64  ? 108 ALA A N   1 
ATOM   734 C  CA  . ALA A 1 108 ? -8.937  0.777   -2.933  1.00 9.25  ? 108 ALA A CA  1 
ATOM   735 C  C   . ALA A 1 108 ? -9.589  0.828   -1.498  1.00 8.38  ? 108 ALA A C   1 
ATOM   736 O  O   . ALA A 1 108 ? -10.231 -0.122  -1.075  1.00 9.99  ? 108 ALA A O   1 
ATOM   737 C  CB  . ALA A 1 108 ? -10.002 1.062   -4.018  1.00 9.93  ? 108 ALA A CB  1 
ATOM   738 N  N   . ILE A 1 109 ? -9.237  1.959   -0.840  1.00 9.88  ? 109 ILE A N   1 
ATOM   739 C  CA  . ILE A 1 109 ? -9.813  2.077   0.552   1.00 9.00  ? 109 ILE A CA  1 
ATOM   740 C  C   . ILE A 1 109 ? -10.516 3.426   0.565   1.00 9.97  ? 109 ILE A C   1 
ATOM   741 O  O   . ILE A 1 109 ? -10.268 4.337   -0.241  1.00 10.93 ? 109 ILE A O   1 
ATOM   742 C  CB  . ILE A 1 109 ? -8.639  1.997   1.590   1.00 9.62  ? 109 ILE A CB  1 
ATOM   743 C  CG1 . ILE A 1 109 ? -7.672  3.145   1.258   1.00 9.64  ? 109 ILE A CG1 1 
ATOM   744 C  CG2 . ILE A 1 109 ? -8.041  0.595   1.658   1.00 11.48 ? 109 ILE A CG2 1 
ATOM   745 C  CD1 . ILE A 1 109 ? -6.530  3.245   2.381   1.00 11.07 ? 109 ILE A CD1 1 
ATOM   746 N  N   . THR A 1 110 ? -11.416 3.587   1.570   1.00 9.76  ? 110 THR A N   1 
ATOM   747 C  CA  . THR A 1 110 ? -12.109 4.856   1.687   1.00 11.53 ? 110 THR A CA  1 
ATOM   748 C  C   . THR A 1 110 ? -12.122 5.276   3.185   1.00 11.13 ? 110 THR A C   1 
ATOM   749 O  O   . THR A 1 110 ? -12.141 4.409   4.035   1.00 11.60 ? 110 THR A O   1 
ATOM   750 C  CB  . THR A 1 110 ? -13.593 4.809   1.203   1.00 14.49 ? 110 THR A CB  1 
ATOM   751 O  OG1 . THR A 1 110 ? -14.338 3.980   2.105   1.00 17.54 ? 110 THR A OG1 1 
ATOM   752 C  CG2 . THR A 1 110 ? -13.731 4.220   -0.239  1.00 15.35 ? 110 THR A CG2 1 
ATOM   753 N  N   . PHE A 1 111 ? -12.157 6.567   3.345   1.00 11.75 ? 111 PHE A N   1 
ATOM   754 C  CA  . PHE A 1 111 ? -12.167 7.153   4.714   1.00 11.59 ? 111 PHE A CA  1 
ATOM   755 C  C   . PHE A 1 111 ? -13.523 7.796   4.979   1.00 14.78 ? 111 PHE A C   1 
ATOM   756 O  O   . PHE A 1 111 ? -14.146 8.415   4.111   1.00 16.17 ? 111 PHE A O   1 
ATOM   757 C  CB  . PHE A 1 111 ? -11.098 8.264   4.759   1.00 11.93 ? 111 PHE A CB  1 
ATOM   758 C  CG  . PHE A 1 111 ? -9.705  7.663   4.702   1.00 12.28 ? 111 PHE A CG  1 
ATOM   759 C  CD1 . PHE A 1 111 ? -9.109  7.407   3.484   1.00 10.54 ? 111 PHE A CD1 1 
ATOM   760 C  CD2 . PHE A 1 111 ? -9.042  7.307   5.850   1.00 12.06 ? 111 PHE A CD2 1 
ATOM   761 C  CE1 . PHE A 1 111 ? -7.833  6.805   3.445   1.00 12.82 ? 111 PHE A CE1 1 
ATOM   762 C  CE2 . PHE A 1 111 ? -7.756  6.732   5.853   1.00 12.52 ? 111 PHE A CE2 1 
ATOM   763 C  CZ  . PHE A 1 111 ? -7.144  6.508   4.628   1.00 12.23 ? 111 PHE A CZ  1 
ATOM   764 N  N   . ALA A 1 112 ? -13.831 7.689   6.255   1.00 16.43 ? 112 ALA A N   1 
ATOM   765 C  CA  . ALA A 1 112 ? -15.110 8.297   6.756   1.00 19.22 ? 112 ALA A CA  1 
ATOM   766 C  C   . ALA A 1 112 ? -15.051 9.800   6.692   1.00 20.66 ? 112 ALA A C   1 
ATOM   767 O  O   . ALA A 1 112 ? -16.202 10.303  6.433   1.00 24.04 ? 112 ALA A O   1 
ATOM   768 C  CB  . ALA A 1 112 ? -15.298 7.748   8.166   1.00 18.77 ? 112 ALA A CB  1 
ATOM   769 O  OXT . ALA A 1 112 ? -14.006 10.449  6.863   1.00 21.83 ? 112 ALA A OXT 1 
HETATM 770 CA CA  . CA  B 2 .   ? 2.723   17.669  -12.374 0.60 25.73 ? 163 CA  A CA  1 
HETATM 771 C  C1  . MRD C 3 .   ? 1.075   -1.908  -5.065  1.00 38.17 ? 113 MRD A C1  1 
HETATM 772 C  C2  . MRD C 3 .   ? 1.083   -0.531  -4.655  1.00 37.93 ? 113 MRD A C2  1 
HETATM 773 O  O2  . MRD C 3 .   ? 0.514   -0.876  -3.412  1.00 36.87 ? 113 MRD A O2  1 
HETATM 774 C  CM  . MRD C 3 .   ? 0.258   0.433   -5.516  1.00 37.44 ? 113 MRD A CM  1 
HETATM 775 C  C3  . MRD C 3 .   ? 2.466   -0.004  -4.563  1.00 38.27 ? 113 MRD A C3  1 
HETATM 776 C  C4  . MRD C 3 .   ? 3.472   -0.871  -3.842  1.00 38.80 ? 113 MRD A C4  1 
HETATM 777 O  O4  . MRD C 3 .   ? 3.492   -0.654  -2.410  1.00 37.99 ? 113 MRD A O4  1 
HETATM 778 C  C5  . MRD C 3 .   ? 4.865   -0.578  -4.415  1.00 38.51 ? 113 MRD A C5  1 
HETATM 779 C  C1  . MRD D 3 .   ? 2.546   0.157   10.850  1.00 22.77 ? 115 MRD A C1  1 
HETATM 780 C  C2  . MRD D 3 .   ? 3.466   0.574   9.816   1.00 23.49 ? 115 MRD A C2  1 
HETATM 781 O  O2  . MRD D 3 .   ? 2.541   1.366   9.106   1.00 17.09 ? 115 MRD A O2  1 
HETATM 782 C  CM  . MRD D 3 .   ? 4.086   -0.636  9.077   1.00 21.92 ? 115 MRD A CM  1 
HETATM 783 C  C3  . MRD D 3 .   ? 4.624   1.360   10.297  1.00 25.41 ? 115 MRD A C3  1 
HETATM 784 C  C4  . MRD D 3 .   ? 4.358   2.485   11.272  1.00 27.64 ? 115 MRD A C4  1 
HETATM 785 O  O4  . MRD D 3 .   ? 3.620   3.555   10.616  1.00 29.68 ? 115 MRD A O4  1 
HETATM 786 C  C5  . MRD D 3 .   ? 5.730   3.077   11.635  1.00 28.61 ? 115 MRD A C5  1 
HETATM 787 C  C1  . MPD E 4 .   ? -2.208  3.122   -6.597  1.00 29.32 ? 114 MPD A C1  1 
HETATM 788 C  C2  . MPD E 4 .   ? -3.453  2.596   -7.134  1.00 30.24 ? 114 MPD A C2  1 
HETATM 789 O  O2  . MPD E 4 .   ? -3.319  1.366   -6.438  1.00 29.03 ? 114 MPD A O2  1 
HETATM 790 C  CM  . MPD E 4 .   ? -3.455  2.363   -8.653  1.00 29.62 ? 114 MPD A CM  1 
HETATM 791 C  C3  . MPD E 4 .   ? -4.574  3.480   -6.734  1.00 29.95 ? 114 MPD A C3  1 
HETATM 792 C  C4  . MPD E 4 .   ? -5.956  2.957   -7.110  1.00 31.73 ? 114 MPD A C4  1 
HETATM 793 O  O4  . MPD E 4 .   ? -5.977  1.513   -6.838  1.00 33.08 ? 114 MPD A O4  1 
HETATM 794 C  C5  . MPD E 4 .   ? -7.001  3.504   -6.137  1.00 31.53 ? 114 MPD A C5  1 
HETATM 795 O  O   . HOH F 5 .   ? -1.156  0.773   -2.377  1.00 18.80 ? 116 HOH A O   1 
HETATM 796 O  O   . HOH F 5 .   ? -13.351 4.479   11.300  1.00 16.84 ? 117 HOH A O   1 
HETATM 797 O  O   . HOH F 5 .   ? -10.287 10.219  11.514  1.00 28.09 ? 118 HOH A O   1 
HETATM 798 O  O   . HOH F 5 .   ? -3.192  3.028   14.784  1.00 14.65 ? 119 HOH A O   1 
HETATM 799 O  O   . HOH F 5 .   ? 2.581   3.669   3.156   1.00 10.28 ? 120 HOH A O   1 
HETATM 800 O  O   . HOH F 5 .   ? 6.065   10.033  2.645   1.00 22.14 ? 121 HOH A O   1 
HETATM 801 O  O   . HOH F 5 .   ? -13.398 1.570   11.360  1.00 23.85 ? 122 HOH A O   1 
HETATM 802 O  O   . HOH F 5 .   ? -9.248  6.832   -0.775  1.00 15.89 ? 123 HOH A O   1 
HETATM 803 O  O   . HOH F 5 .   ? -0.500  -18.555 -1.005  1.00 23.39 ? 124 HOH A O   1 
HETATM 804 O  O   . HOH F 5 .   ? -7.433  -5.171  11.087  1.00 27.75 ? 125 HOH A O   1 
HETATM 805 O  O   . HOH F 5 .   ? -0.826  8.621   13.000  1.00 31.90 ? 126 HOH A O   1 
HETATM 806 O  O   . HOH F 5 .   ? 11.228  -7.036  -4.345  1.00 20.30 ? 127 HOH A O   1 
HETATM 807 O  O   . HOH F 5 .   ? -12.231 -5.658  2.769   1.00 35.09 ? 128 HOH A O   1 
HETATM 808 O  O   . HOH F 5 .   ? -12.609 -1.765  -1.229  1.00 33.46 ? 129 HOH A O   1 
HETATM 809 O  O   . HOH F 5 .   ? -9.554  9.877   14.257  1.00 20.49 ? 130 HOH A O   1 
HETATM 810 O  O   . HOH F 5 .   ? -6.947  9.871   14.866  1.00 21.86 ? 131 HOH A O   1 
HETATM 811 O  O   . HOH F 5 .   ? -6.572  -8.853  -5.210  1.00 37.17 ? 132 HOH A O   1 
HETATM 812 O  O   . HOH F 5 .   ? -7.016  -8.521  5.619   1.00 22.82 ? 133 HOH A O   1 
HETATM 813 O  O   . HOH F 5 .   ? 3.785   -16.957 -8.980  1.00 22.09 ? 134 HOH A O   1 
HETATM 814 O  O   . HOH F 5 .   ? -0.068  6.553   5.677   1.00 15.55 ? 135 HOH A O   1 
HETATM 815 O  O   . HOH F 5 .   ? -2.276  -13.875 4.368   1.00 29.99 ? 136 HOH A O   1 
HETATM 816 O  O   . HOH F 5 .   ? 8.454   -10.425 -7.718  1.00 27.22 ? 137 HOH A O   1 
HETATM 817 O  O   . HOH F 5 .   ? -4.734  -5.300  -7.568  1.00 29.25 ? 138 HOH A O   1 
HETATM 818 O  O   . HOH F 5 .   ? 7.980   -16.318 -10.542 1.00 17.78 ? 139 HOH A O   1 
HETATM 819 O  O   . HOH F 5 .   ? -12.029 8.290   0.859   1.00 15.02 ? 140 HOH A O   1 
HETATM 820 O  O   . HOH F 5 .   ? -11.828 9.671   8.210   1.00 25.49 ? 141 HOH A O   1 
HETATM 821 O  O   . HOH F 5 .   ? 3.942   -18.554 -6.020  1.00 22.37 ? 142 HOH A O   1 
HETATM 822 O  O   . HOH F 5 .   ? 6.494   -18.844 -6.954  1.00 30.39 ? 143 HOH A O   1 
HETATM 823 O  O   . HOH F 5 .   ? 13.247  -9.840  -3.124  1.00 25.69 ? 144 HOH A O   1 
HETATM 824 O  O   . HOH F 5 .   ? 9.502   -12.555 -7.307  1.00 41.77 ? 145 HOH A O   1 
HETATM 825 O  O   . HOH F 5 .   ? 7.958   -14.297 -8.801  1.00 34.68 ? 146 HOH A O   1 
HETATM 826 O  O   . HOH F 5 .   ? -14.553 0.766   9.155   1.00 25.87 ? 147 HOH A O   1 
HETATM 827 O  O   . HOH F 5 .   ? 3.218   -14.990 -7.473  1.00 36.26 ? 148 HOH A O   1 
HETATM 828 O  O   . HOH F 5 .   ? 1.116   -9.077  -10.373 1.00 35.93 ? 149 HOH A O   1 
HETATM 829 O  O   . HOH F 5 .   ? 1.266   -18.733 -8.557  1.00 29.57 ? 150 HOH A O   1 
HETATM 830 O  O   . HOH F 5 .   ? 3.362   -11.874 -13.536 1.00 27.20 ? 151 HOH A O   1 
HETATM 831 O  O   . HOH F 5 .   ? -6.971  -2.489  13.188  1.00 35.53 ? 152 HOH A O   1 
HETATM 832 O  O   . HOH F 5 .   ? -7.080  12.311  13.288  1.00 31.48 ? 153 HOH A O   1 
HETATM 833 O  O   . HOH F 5 .   ? -2.788  9.909   13.718  1.00 34.01 ? 154 HOH A O   1 
HETATM 834 O  O   . HOH F 5 .   ? -2.130  -1.269  15.752  1.00 24.40 ? 155 HOH A O   1 
HETATM 835 O  O   . HOH F 5 .   ? 6.318   -17.218 -8.406  1.00 40.37 ? 156 HOH A O   1 
HETATM 836 O  O   . HOH F 5 .   ? 0.219   14.437  -14.441 1.00 35.10 ? 157 HOH A O   1 
HETATM 837 O  O   . HOH F 5 .   ? 6.715   5.715   -7.736  1.00 36.55 ? 158 HOH A O   1 
HETATM 838 O  O   . HOH F 5 .   ? 1.696   10.130  7.171   1.00 40.31 ? 159 HOH A O   1 
HETATM 839 O  O   . HOH F 5 .   ? 8.814   -0.032  1.825   1.00 36.38 ? 160 HOH A O   1 
HETATM 840 O  O   . HOH F 5 .   ? 3.022   11.556  5.039   1.00 28.04 ? 161 HOH A O   1 
HETATM 841 O  O   A HOH F 5 .   ? -4.325  -15.668 -4.154  1.00 32.75 ? 162 HOH A O   1 
HETATM 842 O  O   B HOH F 5 .   ? -6.094  -16.492 -4.105  1.00 47.55 ? 162 HOH A O   1 
HETATM 843 O  O   . HOH F 5 .   ? 4.993   4.642   -11.337 0.59 38.83 ? 164 HOH A O   1 
HETATM 844 O  O   A HOH F 5 .   ? -4.803  15.637  -3.503  0.97 39.26 ? 165 HOH A O   1 
HETATM 845 O  O   B HOH F 5 .   ? -4.601  15.907  -5.485  0.78 41.33 ? 165 HOH A O   1 
HETATM 846 O  O   C HOH F 5 .   ? -6.118  17.071  -4.288  0.85 41.71 ? 165 HOH A O   1 
HETATM 847 O  O   . HOH F 5 .   ? 1.900   -3.928  -7.819  0.36 24.16 ? 166 HOH A O   1 
HETATM 848 O  O   . HOH F 5 .   ? 1.729   -11.577 -11.259 0.50 24.86 ? 167 HOH A O   1 
HETATM 849 O  O   . HOH F 5 .   ? 3.228   12.444  -16.631 1.00 45.52 ? 168 HOH A O   1 
HETATM 850 O  O   . HOH F 5 .   ? 1.213   -14.952 7.316   0.86 41.76 ? 169 HOH A O   1 
HETATM 851 O  O   . HOH F 5 .   ? -9.896  12.035  8.060   0.91 37.17 ? 170 HOH A O   1 
HETATM 852 O  O   . HOH F 5 .   ? -6.067  -4.561  15.064  1.00 44.54 ? 171 HOH A O   1 
HETATM 853 O  O   . HOH F 5 .   ? 12.101  -8.831  -7.488  0.85 47.15 ? 172 HOH A O   1 
HETATM 854 O  O   A HOH F 5 .   ? 14.496  -15.792 -4.652  1.00 42.99 ? 173 HOH A O   1 
HETATM 855 O  O   B HOH F 5 .   ? 14.202  -14.072 -5.448  0.94 55.69 ? 173 HOH A O   1 
HETATM 856 O  O   C HOH F 5 .   ? 12.630  -16.515 -4.294  0.90 43.80 ? 173 HOH A O   1 
HETATM 857 O  O   . HOH F 5 .   ? -3.131  -10.285 12.362  0.98 48.51 ? 174 HOH A O   1 
HETATM 858 O  O   . HOH F 5 .   ? -2.654  15.212  13.699  0.58 26.17 ? 175 HOH A O   1 
HETATM 859 O  O   . HOH F 5 .   ? -8.707  -6.434  -5.077  0.97 51.72 ? 176 HOH A O   1 
HETATM 860 O  O   . HOH F 5 .   ? 5.756   -2.409  -7.239  0.72 36.48 ? 177 HOH A O   1 
HETATM 861 O  O   . HOH F 5 .   ? -15.501 -1.302  7.827   1.00 48.26 ? 178 HOH A O   1 
HETATM 862 O  O   A HOH F 5 .   ? -13.820 -4.575  5.097   0.82 42.94 ? 179 HOH A O   1 
HETATM 863 O  O   B HOH F 5 .   ? -14.398 -2.582  5.200   0.46 17.94 ? 179 HOH A O   1 
HETATM 864 O  O   . HOH F 5 .   ? -14.765 -3.154  0.151   0.59 35.08 ? 180 HOH A O   1 
HETATM 865 O  O   . HOH F 5 .   ? 3.875   -24.009 0.068   0.68 37.22 ? 181 HOH A O   1 
HETATM 866 O  O   . HOH F 5 .   ? -0.891  -21.304 -1.441  0.64 30.42 ? 182 HOH A O   1 
HETATM 867 O  O   . HOH F 5 .   ? -0.006  12.106  7.131   0.62 26.42 ? 183 HOH A O   1 
HETATM 868 O  O   . HOH F 5 .   ? 7.115   -19.043 -9.432  0.70 34.46 ? 184 HOH A O   1 
HETATM 869 O  O   . HOH F 5 .   ? 6.770   5.077   -5.097  0.86 39.36 ? 185 HOH A O   1 
HETATM 870 O  O   . HOH F 5 .   ? 7.315   -1.105  -6.223  0.91 35.20 ? 186 HOH A O   1 
HETATM 871 O  O   . HOH F 5 .   ? -8.218  14.207  4.565   0.29 13.66 ? 187 HOH A O   1 
HETATM 872 O  O   . HOH F 5 .   ? -6.048  18.687  0.435   0.67 38.70 ? 188 HOH A O   1 
HETATM 873 O  O   . HOH F 5 .   ? -6.737  -13.477 2.764   0.63 50.18 ? 189 HOH A O   1 
HETATM 874 O  O   . HOH F 5 .   ? -6.973  -14.519 -0.682  0.83 46.47 ? 190 HOH A O   1 
HETATM 875 O  O   . HOH F 5 .   ? 7.203   -23.089 -0.647  0.38 26.94 ? 191 HOH A O   1 
HETATM 876 O  O   . HOH F 5 .   ? 8.192   11.362  3.284   0.53 26.30 ? 192 HOH A O   1 
HETATM 877 O  O   . HOH F 5 .   ? -1.267  -21.722 4.887   0.63 48.55 ? 193 HOH A O   1 
HETATM 878 O  O   . HOH F 5 .   ? -4.896  -13.076 7.393   0.58 44.06 ? 194 HOH A O   1 
HETATM 879 O  O   . HOH F 5 .   ? 1.548   1.351   15.893  0.90 44.53 ? 195 HOH A O   1 
HETATM 880 O  O   . HOH F 5 .   ? -11.799 9.534   -2.621  1.00 36.12 ? 196 HOH A O   1 
HETATM 881 O  O   A HOH F 5 .   ? -13.174 7.934   -1.924  0.87 46.46 ? 197 HOH A O   1 
HETATM 882 O  O   B HOH F 5 .   ? 2.618   19.933  -12.569 0.80 47.65 ? 197 HOH A O   1 
HETATM 883 O  O   . HOH F 5 .   ? 1.203   17.716  -14.372 0.81 48.30 ? 198 HOH A O   1 
HETATM 884 O  O   . HOH F 5 .   ? 9.884   -0.013  -6.002  0.65 47.85 ? 199 HOH A O   1 
HETATM 885 O  O   . HOH F 5 .   ? 6.470   -1.381  -9.607  0.55 43.70 ? 200 HOH A O   1 
HETATM 886 O  O   . HOH F 5 .   ? 4.199   -26.114 4.061   0.86 50.57 ? 201 HOH A O   1 
HETATM 887 O  O   . HOH F 5 .   ? -17.188 0.789   8.993   0.81 40.89 ? 202 HOH A O   1 
HETATM 888 O  O   A HOH F 5 .   ? 7.885   -20.597 -7.692  0.94 41.16 ? 203 HOH A O   1 
HETATM 889 O  O   B HOH F 5 .   ? 8.192   -20.576 -5.527  0.41 24.62 ? 203 HOH A O   1 
HETATM 890 O  O   . HOH F 5 .   ? 1.525   7.340   13.603  0.72 45.71 ? 204 HOH A O   1 
HETATM 891 O  O   . HOH F 5 .   ? -2.054  13.231  10.930  0.58 37.32 ? 205 HOH A O   1 
HETATM 892 O  O   . HOH F 5 .   ? -3.618  -7.816  -8.977  0.87 52.64 ? 206 HOH A O   1 
HETATM 893 O  O   A HOH F 5 .   ? 6.852   2.275   -1.016  0.93 48.64 ? 207 HOH A O   1 
HETATM 894 O  O   B HOH F 5 .   ? 7.733   3.823   -0.250  0.66 38.60 ? 207 HOH A O   1 
HETATM 895 O  O   C HOH F 5 .   ? 8.649   3.230   -2.291  0.56 53.13 ? 207 HOH A O   1 
HETATM 896 O  O   . HOH F 5 .   ? -0.333  -14.330 11.460  0.80 52.28 ? 208 HOH A O   1 
HETATM 897 O  O   . HOH F 5 .   ? 4.668   17.691  -9.681  0.64 34.22 ? 209 HOH A O   1 
HETATM 898 O  O   . HOH F 5 .   ? -10.283 -7.458  12.099  0.80 50.72 ? 210 HOH A O   1 
HETATM 899 O  O   . HOH F 5 .   ? -5.849  -12.548 0.489   0.96 43.51 ? 211 HOH A O   1 
HETATM 900 O  O   . HOH F 5 .   ? 1.493   11.351  -18.971 0.55 36.60 ? 212 HOH A O   1 
HETATM 901 O  O   . HOH F 5 .   ? 13.529  7.727   -9.446  0.82 42.35 ? 213 HOH A O   1 
HETATM 902 O  O   . HOH F 5 .   ? 12.653  4.646   -9.942  0.54 39.41 ? 214 HOH A O   1 
HETATM 903 O  O   A HOH F 5 .   ? 17.044  -3.224  -4.538  0.50 35.94 ? 215 HOH A O   1 
HETATM 904 O  O   B HOH F 5 .   ? 17.274  -2.531  -2.774  0.53 43.08 ? 215 HOH A O   1 
HETATM 905 O  O   . HOH F 5 .   ? -14.929 6.944   11.475  0.64 40.73 ? 216 HOH A O   1 
HETATM 906 O  O   . HOH F 5 .   ? -13.379 9.812   10.659  0.50 27.33 ? 217 HOH A O   1 
HETATM 907 O  O   . HOH F 5 .   ? -10.538 -7.013  14.321  0.40 25.98 ? 218 HOH A O   1 
HETATM 908 O  O   . HOH F 5 .   ? -9.642  -4.947  12.550  0.60 43.00 ? 219 HOH A O   1 
HETATM 909 O  O   . HOH F 5 .   ? -0.349  16.694  13.116  0.58 49.17 ? 220 HOH A O   1 
HETATM 910 O  O   . HOH F 5 .   ? -8.527  -12.952 -2.210  0.53 40.66 ? 221 HOH A O   1 
HETATM 911 O  O   . HOH F 5 .   ? -0.035  11.517  14.433  0.63 52.93 ? 222 HOH A O   1 
HETATM 912 O  O   . HOH F 5 .   ? 13.465  -5.039  -2.225  0.69 42.89 ? 223 HOH A O   1 
HETATM 913 O  O   . HOH F 5 .   ? 8.721   -22.772 -5.588  0.80 44.76 ? 224 HOH A O   1 
HETATM 914 O  O   . HOH F 5 .   ? -4.701  -6.545  15.178  0.47 32.58 ? 225 HOH A O   1 
# 
